data_3CD5
#
_entry.id   3CD5
#
_cell.length_a   73.041
_cell.length_b   173.178
_cell.length_c   75.962
_cell.angle_alpha   90.000
_cell.angle_beta   118.760
_cell.angle_gamma   90.000
#
_symmetry.space_group_name_H-M   'P 1 21 1'
#
loop_
_entity.id
_entity.type
_entity.pdbx_description
1 polymer '3-hydroxy-3-methylglutaryl-coenzyme A reductase'
2 non-polymer 'SULFATE ION'
3 non-polymer '(3R,5R)-7-[3-(biphenyl-4-ylcarbamoyl)-2-ethyl-5,6,7,8-tetrahydrocyclohepta[b]pyrrol-1(4H)-yl]-3,5-dihydroxyheptanoic acid'
4 water water
#
_entity_poly.entity_id   1
_entity_poly.type   'polypeptide(L)'
_entity_poly.pdbx_seq_one_letter_code
;HHHHHHEPRPNEECLQILGNAEKGAKFLSDAEIIQLVNAKHIPAYKLETLIETHERGVSIRRQLLSKKLSEPSSLQYLPY
RDYNYSLVMGACCENVIGYMPIPVGVAGPLCLDEKEFQVPMATTEGCLVASTNRGCRAIGLGGGASSRVLADGMTRGPVV
RLPRACDSAEVKAWLETSEGFAVIKEAFDSTSRFARLQKLHTSIAGRNLYIRFQSRSGDAMGMNMISKGTEKALSKLHEY
FPEMQILAVSGNYCTDKKPAAINWIEGRGKSVVCEAVIPAKVVREVLKTTTEAMIEVNINKNLVGSAMAGSIGGYNAHAA
NIVTAIYIACGQDAAQNVGSSNCITLMEASGPTNEDLYISCTMPSIEIGTVGGGTNLLPQQACLQMLGVQGACKDNPGEN
ARQLARIVCGTVMAGELSLMAALAAGHLVKSHMIHNRSKIN
;
_entity_poly.pdbx_strand_id   A,B,C,D
#
loop_
_chem_comp.id
_chem_comp.type
_chem_comp.name
_chem_comp.formula
7HI non-polymer '(3R,5R)-7-[3-(biphenyl-4-ylcarbamoyl)-2-ethyl-5,6,7,8-tetrahydrocyclohepta[b]pyrrol-1(4H)-yl]-3,5-dihydroxyheptanoic acid' 'C31 H38 N2 O5'
SO4 non-polymer 'SULFATE ION' 'O4 S -2'
#
# COMPACT_ATOMS: atom_id res chain seq x y z
N GLU A 7 57.66 20.62 -22.34
CA GLU A 7 56.75 21.69 -22.86
C GLU A 7 55.73 22.23 -21.83
N PRO A 8 55.45 21.52 -20.74
CA PRO A 8 54.52 22.02 -19.70
C PRO A 8 55.06 23.20 -18.89
N ARG A 9 54.64 24.42 -19.25
CA ARG A 9 55.21 25.64 -18.66
C ARG A 9 54.96 25.76 -17.15
N PRO A 10 55.72 26.60 -16.46
CA PRO A 10 55.54 26.83 -15.02
C PRO A 10 54.15 27.36 -14.68
N ASN A 11 53.71 27.12 -13.45
CA ASN A 11 52.32 27.40 -13.04
C ASN A 11 51.93 28.87 -13.08
N GLU A 12 52.82 29.74 -12.59
CA GLU A 12 52.55 31.17 -12.57
C GLU A 12 52.41 31.75 -13.99
N GLU A 13 53.16 31.20 -14.94
CA GLU A 13 53.16 31.65 -16.33
C GLU A 13 51.92 31.18 -17.12
N CYS A 14 51.57 29.90 -16.95
CA CYS A 14 50.38 29.30 -17.57
C CYS A 14 49.10 30.02 -17.15
N LEU A 15 49.08 30.49 -15.90
CA LEU A 15 47.93 31.20 -15.35
C LEU A 15 47.74 32.56 -16.04
N GLN A 16 48.84 33.16 -16.49
CA GLN A 16 48.80 34.42 -17.24
C GLN A 16 48.14 34.25 -18.62
N ILE A 17 48.51 33.19 -19.34
CA ILE A 17 47.97 32.91 -20.68
C ILE A 17 46.48 32.54 -20.62
N LEU A 18 46.07 31.96 -19.49
CA LEU A 18 44.68 31.58 -19.25
C LEU A 18 43.81 32.83 -19.16
N GLY A 19 44.19 33.75 -18.28
CA GLY A 19 43.51 35.02 -18.14
C GLY A 19 43.72 36.00 -19.29
N ASN A 20 44.47 35.59 -20.30
CA ASN A 20 44.57 36.32 -21.56
C ASN A 20 43.27 36.16 -22.36
N ALA A 21 42.63 37.27 -22.68
CA ALA A 21 41.34 37.26 -23.37
C ALA A 21 41.44 36.90 -24.86
N GLU A 22 42.62 37.07 -25.45
CA GLU A 22 42.83 36.77 -26.87
C GLU A 22 43.77 35.58 -27.08
N LYS A 23 43.78 34.68 -26.09
CA LYS A 23 44.49 33.41 -26.21
C LYS A 23 43.69 32.27 -25.57
N GLY A 24 43.68 32.21 -24.25
CA GLY A 24 42.93 31.19 -23.52
C GLY A 24 43.57 29.81 -23.54
N ALA A 25 42.84 28.83 -23.00
CA ALA A 25 43.32 27.45 -22.90
C ALA A 25 43.56 26.79 -24.25
N LYS A 26 42.94 27.33 -25.30
CA LYS A 26 43.21 26.95 -26.69
C LYS A 26 44.70 26.76 -27.00
N PHE A 27 45.55 27.61 -26.42
CA PHE A 27 46.99 27.58 -26.63
C PHE A 27 47.70 26.65 -25.66
N LEU A 28 47.20 26.57 -24.42
CA LEU A 28 47.76 25.67 -23.41
C LEU A 28 47.59 24.21 -23.83
N SER A 29 48.49 23.36 -23.36
CA SER A 29 48.45 21.93 -23.67
C SER A 29 47.56 21.19 -22.67
N ASP A 30 47.40 19.88 -22.86
CA ASP A 30 46.59 19.06 -21.97
C ASP A 30 47.19 19.02 -20.57
N ALA A 31 48.49 18.74 -20.50
CA ALA A 31 49.19 18.60 -19.22
C ALA A 31 49.28 19.90 -18.41
N GLU A 32 49.13 21.05 -19.07
CA GLU A 32 49.19 22.36 -18.40
C GLU A 32 47.87 22.72 -17.74
N ILE A 33 46.76 22.38 -18.40
CA ILE A 33 45.44 22.57 -17.81
C ILE A 33 45.26 21.63 -16.62
N ILE A 34 45.84 20.43 -16.72
CA ILE A 34 45.83 19.46 -15.63
C ILE A 34 46.65 19.98 -14.44
N GLN A 35 47.79 20.60 -14.71
CA GLN A 35 48.70 21.02 -13.64
C GLN A 35 48.14 22.15 -12.80
N LEU A 36 47.22 22.91 -13.39
CA LEU A 36 46.58 24.05 -12.71
C LEU A 36 45.38 23.60 -11.85
N VAL A 37 44.69 22.55 -12.28
CA VAL A 37 43.62 21.94 -11.47
C VAL A 37 44.24 21.28 -10.24
N ASN A 38 45.17 20.36 -10.49
CA ASN A 38 46.06 19.84 -9.45
C ASN A 38 46.88 20.99 -8.86
N ALA A 39 47.18 20.92 -7.56
CA ALA A 39 47.77 22.06 -6.86
C ALA A 39 46.92 23.31 -7.09
N LYS A 40 45.61 23.15 -6.87
CA LYS A 40 44.57 24.18 -6.99
C LYS A 40 44.96 25.56 -7.54
N HIS A 41 44.28 25.97 -8.61
CA HIS A 41 44.40 27.32 -9.20
C HIS A 41 43.18 27.59 -10.08
N ILE A 42 42.94 26.67 -11.01
CA ILE A 42 41.62 26.41 -11.56
C ILE A 42 41.09 25.31 -10.66
N PRO A 43 39.89 25.47 -10.11
CA PRO A 43 39.42 24.55 -9.06
C PRO A 43 39.31 23.08 -9.50
N ALA A 44 38.37 22.78 -10.39
CA ALA A 44 38.12 21.42 -10.89
C ALA A 44 36.84 21.45 -11.71
N TYR A 45 35.75 21.88 -11.06
CA TYR A 45 34.45 22.04 -11.71
C TYR A 45 34.45 23.14 -12.77
N LYS A 46 35.36 24.11 -12.66
CA LYS A 46 35.42 25.24 -13.59
C LYS A 46 36.05 24.89 -14.96
N LEU A 47 36.42 23.62 -15.16
CA LEU A 47 36.89 23.15 -16.46
C LEU A 47 35.83 23.28 -17.56
N GLU A 48 34.56 23.37 -17.16
CA GLU A 48 33.45 23.48 -18.10
C GLU A 48 33.52 24.71 -18.99
N THR A 49 33.66 25.88 -18.38
CA THR A 49 33.42 27.14 -19.07
C THR A 49 34.66 27.76 -19.74
N LEU A 50 35.85 27.25 -19.41
CA LEU A 50 37.11 27.89 -19.83
C LEU A 50 37.66 27.36 -21.16
N ILE A 51 37.66 26.04 -21.32
CA ILE A 51 38.35 25.41 -22.44
C ILE A 51 37.61 25.56 -23.78
N GLU A 52 38.40 25.77 -24.83
CA GLU A 52 37.95 25.88 -26.22
C GLU A 52 36.72 25.03 -26.57
N THR A 53 36.90 23.73 -26.76
CA THR A 53 35.81 22.86 -27.24
C THR A 53 35.23 22.00 -26.12
N HIS A 54 34.03 21.50 -26.35
CA HIS A 54 33.34 20.65 -25.39
C HIS A 54 34.01 19.29 -25.25
N GLU A 55 34.40 18.69 -26.37
CA GLU A 55 35.06 17.40 -26.36
C GLU A 55 36.39 17.42 -25.60
N ARG A 56 37.14 18.51 -25.74
CA ARG A 56 38.42 18.62 -25.05
C ARG A 56 38.26 18.79 -23.54
N GLY A 57 37.12 19.33 -23.11
CA GLY A 57 36.78 19.37 -21.70
C GLY A 57 36.46 17.98 -21.17
N VAL A 58 35.75 17.18 -21.97
CA VAL A 58 35.44 15.80 -21.63
C VAL A 58 36.71 14.98 -21.50
N SER A 59 37.65 15.19 -22.43
CA SER A 59 38.91 14.45 -22.46
C SER A 59 39.77 14.77 -21.26
N ILE A 60 39.85 16.07 -20.92
CA ILE A 60 40.64 16.52 -19.79
C ILE A 60 40.08 15.94 -18.50
N ARG A 61 38.77 16.08 -18.33
CA ARG A 61 38.06 15.54 -17.16
C ARG A 61 38.23 14.03 -17.03
N ARG A 62 38.37 13.34 -18.16
CA ARG A 62 38.62 11.90 -18.16
C ARG A 62 40.04 11.56 -17.70
N GLN A 63 41.00 12.42 -18.03
CA GLN A 63 42.40 12.22 -17.66
C GLN A 63 42.61 12.45 -16.17
N LEU A 64 42.03 13.54 -15.67
CA LEU A 64 41.96 13.82 -14.24
C LEU A 64 41.39 12.61 -13.49
N LEU A 65 40.26 12.12 -13.99
CA LEU A 65 39.53 11.02 -13.36
C LEU A 65 40.33 9.72 -13.36
N SER A 66 41.07 9.49 -14.43
CA SER A 66 41.82 8.24 -14.61
C SER A 66 42.87 8.01 -13.52
N LYS A 67 43.55 9.07 -13.10
CA LYS A 67 44.62 8.97 -12.11
C LYS A 67 44.10 8.78 -10.68
N LYS A 68 42.84 9.13 -10.46
CA LYS A 68 42.21 8.90 -9.16
C LYS A 68 41.70 7.45 -9.02
N LEU A 69 41.53 6.76 -10.15
CA LEU A 69 41.00 5.40 -10.19
C LEU A 69 42.06 4.34 -9.88
N SER A 70 41.62 3.22 -9.31
CA SER A 70 42.51 2.11 -8.97
C SER A 70 43.01 1.34 -10.19
N GLU A 71 42.33 1.49 -11.32
CA GLU A 71 42.82 1.00 -12.62
C GLU A 71 42.83 2.17 -13.62
N PRO A 72 44.01 2.70 -13.95
CA PRO A 72 44.14 3.90 -14.80
C PRO A 72 43.36 3.84 -16.13
N SER A 73 43.28 2.65 -16.71
CA SER A 73 42.64 2.47 -18.02
C SER A 73 41.21 1.92 -17.93
N SER A 74 40.48 2.33 -16.89
CA SER A 74 39.08 1.93 -16.72
C SER A 74 38.20 2.51 -17.82
N LEU A 75 38.53 3.74 -18.26
CA LEU A 75 37.70 4.49 -19.20
C LEU A 75 37.95 4.14 -20.68
N GLN A 76 38.78 3.13 -20.93
CA GLN A 76 39.22 2.83 -22.29
C GLN A 76 38.08 2.52 -23.26
N TYR A 77 37.03 1.83 -22.79
CA TYR A 77 35.93 1.43 -23.66
C TYR A 77 34.66 2.24 -23.40
N LEU A 78 34.76 3.24 -22.51
CA LEU A 78 33.72 4.24 -22.34
C LEU A 78 33.95 5.29 -23.43
N PRO A 79 33.09 5.34 -24.45
CA PRO A 79 33.31 6.24 -25.59
C PRO A 79 32.93 7.69 -25.30
N TYR A 80 33.66 8.64 -25.89
CA TYR A 80 33.33 10.06 -25.76
C TYR A 80 33.56 10.91 -27.01
N ARG A 81 34.28 10.39 -28.01
CA ARG A 81 34.61 11.15 -29.21
C ARG A 81 33.43 11.30 -30.16
N ASP A 82 33.36 12.46 -30.80
CA ASP A 82 32.43 12.74 -31.91
C ASP A 82 30.97 12.87 -31.52
N TYR A 83 30.70 12.87 -30.22
CA TYR A 83 29.33 13.01 -29.73
C TYR A 83 29.04 14.50 -29.51
N ASN A 84 27.82 14.91 -29.88
CA ASN A 84 27.41 16.31 -29.80
C ASN A 84 27.12 16.77 -28.37
N TYR A 85 28.14 17.31 -27.71
CA TYR A 85 28.03 17.76 -26.32
C TYR A 85 27.42 19.16 -26.14
N SER A 86 27.26 19.91 -27.23
CA SER A 86 26.70 21.26 -27.18
C SER A 86 25.29 21.30 -26.55
N LEU A 87 24.45 20.34 -26.92
CA LEU A 87 23.08 20.27 -26.42
C LEU A 87 22.97 19.66 -25.00
N VAL A 88 24.07 19.06 -24.52
CA VAL A 88 24.12 18.40 -23.21
C VAL A 88 24.64 19.31 -22.09
N MET A 89 25.69 20.09 -22.35
CA MET A 89 26.33 20.90 -21.29
C MET A 89 25.41 22.05 -20.92
N GLY A 90 25.16 22.21 -19.63
CA GLY A 90 24.28 23.25 -19.14
C GLY A 90 22.80 22.89 -19.18
N ALA A 91 22.47 21.67 -19.61
CA ALA A 91 21.09 21.28 -19.87
C ALA A 91 20.74 19.92 -19.26
N CYS A 92 21.43 18.87 -19.69
CA CYS A 92 21.08 17.48 -19.34
C CYS A 92 22.03 16.76 -18.38
N CYS A 93 23.30 17.16 -18.34
CA CYS A 93 24.30 16.43 -17.56
C CYS A 93 25.51 17.30 -17.16
N GLU A 94 26.14 16.96 -16.04
CA GLU A 94 27.35 17.67 -15.59
C GLU A 94 28.50 16.70 -15.29
N ASN A 95 29.71 17.25 -15.15
CA ASN A 95 30.94 16.47 -14.98
C ASN A 95 31.05 15.37 -16.00
N VAL A 96 30.79 15.71 -17.27
CA VAL A 96 30.62 14.72 -18.32
C VAL A 96 31.96 14.12 -18.74
N ILE A 97 32.00 12.79 -18.76
CA ILE A 97 33.20 12.03 -19.05
C ILE A 97 32.99 11.09 -20.23
N GLY A 98 31.89 11.24 -20.95
CA GLY A 98 31.55 10.33 -22.03
C GLY A 98 30.06 10.10 -22.14
N TYR A 99 29.71 8.98 -22.77
CA TYR A 99 28.33 8.54 -22.93
C TYR A 99 28.21 7.02 -22.86
N MET A 100 27.01 6.54 -22.57
CA MET A 100 26.73 5.11 -22.45
C MET A 100 25.81 4.68 -23.58
N PRO A 101 26.31 3.92 -24.54
CA PRO A 101 25.47 3.42 -25.62
C PRO A 101 24.55 2.32 -25.10
N ILE A 102 23.24 2.48 -25.31
CA ILE A 102 22.25 1.49 -24.89
C ILE A 102 21.62 0.94 -26.16
N PRO A 103 21.76 -0.35 -26.42
CA PRO A 103 21.19 -0.93 -27.64
C PRO A 103 19.73 -0.54 -27.86
N VAL A 104 19.36 -0.25 -29.10
CA VAL A 104 18.00 0.12 -29.46
C VAL A 104 17.46 -0.86 -30.49
N GLY A 105 16.37 -1.53 -30.14
CA GLY A 105 15.64 -2.41 -31.05
C GLY A 105 14.30 -1.84 -31.44
N VAL A 106 13.64 -2.48 -32.39
CA VAL A 106 12.32 -2.03 -32.84
C VAL A 106 11.26 -3.13 -32.65
N ALA A 107 10.11 -2.72 -32.15
CA ALA A 107 8.99 -3.61 -31.92
C ALA A 107 7.79 -3.04 -32.66
N GLY A 108 7.38 -3.73 -33.71
CA GLY A 108 6.24 -3.30 -34.51
C GLY A 108 6.07 -4.11 -35.79
N PRO A 109 5.16 -3.70 -36.67
CA PRO A 109 4.29 -2.54 -36.44
C PRO A 109 3.29 -2.72 -35.29
N LEU A 110 3.08 -1.63 -34.55
CA LEU A 110 2.05 -1.56 -33.50
C LEU A 110 0.81 -0.90 -34.08
N CYS A 111 -0.22 -1.70 -34.30
CA CYS A 111 -1.51 -1.22 -34.78
C CYS A 111 -2.26 -0.59 -33.61
N LEU A 112 -2.50 0.72 -33.70
CA LEU A 112 -3.15 1.48 -32.62
C LEU A 112 -3.94 2.65 -33.19
N ASP A 113 -5.24 2.68 -32.89
CA ASP A 113 -6.15 3.72 -33.36
C ASP A 113 -6.12 3.87 -34.88
N GLU A 114 -6.16 2.72 -35.57
CA GLU A 114 -6.15 2.64 -37.03
C GLU A 114 -4.91 3.26 -37.66
N LYS A 115 -3.78 3.12 -36.98
CA LYS A 115 -2.48 3.59 -37.46
C LYS A 115 -1.42 2.53 -37.21
N GLU A 116 -0.24 2.71 -37.78
CA GLU A 116 0.89 1.81 -37.53
C GLU A 116 2.03 2.60 -36.89
N PHE A 117 2.76 1.97 -35.97
CA PHE A 117 3.87 2.59 -35.26
C PHE A 117 5.05 1.63 -35.11
N GLN A 118 6.23 2.04 -35.56
CA GLN A 118 7.45 1.30 -35.28
C GLN A 118 8.04 1.84 -33.98
N VAL A 119 7.97 1.06 -32.92
CA VAL A 119 8.28 1.52 -31.57
C VAL A 119 9.72 1.23 -31.19
N PRO A 120 10.52 2.27 -30.96
CA PRO A 120 11.92 2.08 -30.53
C PRO A 120 12.00 1.73 -29.04
N MET A 121 12.96 0.89 -28.68
CA MET A 121 13.09 0.36 -27.33
C MET A 121 14.56 0.12 -27.01
N ALA A 122 15.11 0.90 -26.09
CA ALA A 122 16.51 0.80 -25.70
C ALA A 122 16.68 -0.08 -24.46
N THR A 123 17.24 -1.27 -24.65
CA THR A 123 17.38 -2.21 -23.55
C THR A 123 18.65 -3.06 -23.64
N THR A 124 19.01 -3.69 -22.52
CA THR A 124 20.08 -4.70 -22.50
C THR A 124 19.57 -6.08 -22.05
N GLU A 125 18.28 -6.18 -21.75
CA GLU A 125 17.66 -7.48 -21.46
C GLU A 125 17.32 -8.17 -22.76
N GLY A 126 17.98 -9.29 -23.03
CA GLY A 126 17.68 -10.09 -24.21
C GLY A 126 16.27 -10.64 -24.14
N CYS A 127 15.68 -10.87 -25.31
CA CYS A 127 14.31 -11.35 -25.47
C CYS A 127 13.20 -10.31 -25.27
N LEU A 128 13.54 -9.12 -24.78
CA LEU A 128 12.50 -8.12 -24.49
C LEU A 128 11.85 -7.59 -25.75
N VAL A 129 12.66 -7.23 -26.74
CA VAL A 129 12.15 -6.60 -27.96
C VAL A 129 11.45 -7.62 -28.86
N ALA A 130 12.02 -8.82 -28.93
CA ALA A 130 11.40 -9.92 -29.70
C ALA A 130 10.05 -10.31 -29.12
N SER A 131 9.96 -10.36 -27.79
CA SER A 131 8.71 -10.70 -27.11
C SER A 131 7.64 -9.63 -27.39
N THR A 132 8.02 -8.37 -27.24
CA THR A 132 7.10 -7.25 -27.50
C THR A 132 6.67 -7.22 -28.96
N ASN A 133 7.60 -7.57 -29.86
CA ASN A 133 7.35 -7.59 -31.29
C ASN A 133 6.35 -8.67 -31.67
N ARG A 134 6.36 -9.77 -30.92
CA ARG A 134 5.40 -10.86 -31.12
C ARG A 134 4.00 -10.44 -30.65
N GLY A 135 3.93 -9.80 -29.49
CA GLY A 135 2.67 -9.28 -28.99
C GLY A 135 2.05 -8.24 -29.89
N CYS A 136 2.89 -7.51 -30.62
CA CYS A 136 2.43 -6.54 -31.60
C CYS A 136 1.76 -7.25 -32.78
N ARG A 137 2.39 -8.32 -33.26
CA ARG A 137 1.86 -9.12 -34.37
C ARG A 137 0.51 -9.75 -34.02
N ALA A 138 0.35 -10.20 -32.78
CA ALA A 138 -0.91 -10.77 -32.33
C ALA A 138 -1.99 -9.70 -32.32
N ILE A 139 -1.65 -8.53 -31.76
CA ILE A 139 -2.53 -7.36 -31.78
C ILE A 139 -2.92 -7.00 -33.21
N GLY A 140 -1.97 -7.03 -34.13
CA GLY A 140 -2.20 -6.62 -35.51
C GLY A 140 -3.11 -7.58 -36.25
N LEU A 141 -2.94 -8.87 -36.00
CA LEU A 141 -3.72 -9.91 -36.66
C LEU A 141 -5.14 -10.03 -36.10
N GLY A 142 -5.42 -9.36 -34.98
CA GLY A 142 -6.76 -9.35 -34.39
C GLY A 142 -7.50 -8.05 -34.57
N GLY A 143 -7.25 -7.35 -35.67
CA GLY A 143 -7.95 -6.11 -35.97
C GLY A 143 -7.32 -4.87 -35.36
N GLY A 144 -6.34 -5.04 -34.49
CA GLY A 144 -5.60 -3.93 -33.92
C GLY A 144 -6.15 -3.41 -32.61
N ALA A 145 -5.40 -2.50 -32.00
CA ALA A 145 -5.70 -1.95 -30.68
C ALA A 145 -6.29 -0.54 -30.78
N SER A 146 -6.90 -0.09 -29.68
CA SER A 146 -7.49 1.25 -29.57
C SER A 146 -7.29 1.78 -28.15
N SER A 147 -6.85 3.02 -28.04
CA SER A 147 -6.57 3.64 -26.75
C SER A 147 -7.22 5.02 -26.59
N ARG A 148 -7.40 5.44 -25.34
CA ARG A 148 -7.97 6.74 -25.01
C ARG A 148 -7.19 7.39 -23.88
N VAL A 149 -6.90 8.68 -24.00
CA VAL A 149 -6.34 9.45 -22.91
C VAL A 149 -7.49 9.92 -22.03
N LEU A 150 -7.58 9.34 -20.84
CA LEU A 150 -8.69 9.58 -19.91
C LEU A 150 -8.52 10.87 -19.13
N ALA A 151 -7.27 11.24 -18.86
CA ALA A 151 -6.96 12.49 -18.17
C ALA A 151 -5.53 12.95 -18.51
N ASP A 152 -5.27 14.23 -18.30
CA ASP A 152 -3.96 14.80 -18.62
C ASP A 152 -3.66 15.98 -17.72
N GLY A 153 -2.53 15.93 -17.03
CA GLY A 153 -2.10 17.00 -16.15
C GLY A 153 -1.01 16.56 -15.21
N MET A 154 0.18 17.16 -15.34
CA MET A 154 1.29 16.92 -14.43
C MET A 154 0.97 17.61 -13.12
N THR A 155 1.47 17.07 -12.01
CA THR A 155 1.18 17.65 -10.70
C THR A 155 2.42 18.04 -9.90
N ARG A 156 2.24 18.91 -8.93
CA ARG A 156 3.26 19.21 -7.93
C ARG A 156 2.54 19.28 -6.60
N GLY A 157 3.16 18.74 -5.55
CA GLY A 157 2.47 18.50 -4.29
C GLY A 157 3.21 19.08 -3.11
N PRO A 158 3.33 20.41 -3.06
CA PRO A 158 4.04 21.10 -1.99
C PRO A 158 3.43 20.92 -0.61
N VAL A 159 4.25 21.03 0.42
CA VAL A 159 3.78 21.13 1.80
C VAL A 159 4.08 22.51 2.38
N VAL A 160 3.07 23.13 2.98
CA VAL A 160 3.21 24.38 3.71
C VAL A 160 2.79 24.15 5.16
N ARG A 161 3.17 25.06 6.06
CA ARG A 161 2.83 24.94 7.47
C ARG A 161 2.16 26.19 8.01
N LEU A 162 0.98 26.02 8.61
CA LEU A 162 0.37 27.08 9.39
C LEU A 162 0.75 26.85 10.84
N PRO A 163 0.58 27.85 11.71
CA PRO A 163 0.94 27.71 13.14
C PRO A 163 0.11 26.67 13.89
N ARG A 164 -1.10 26.41 13.41
CA ARG A 164 -1.97 25.38 13.98
C ARG A 164 -2.77 24.64 12.90
N ALA A 165 -3.24 23.43 13.22
CA ALA A 165 -4.12 22.66 12.33
C ALA A 165 -5.42 23.39 11.97
N CYS A 166 -5.93 24.20 12.90
CA CYS A 166 -7.15 24.96 12.66
C CYS A 166 -6.92 26.04 11.60
N ASP A 167 -5.73 26.65 11.62
CA ASP A 167 -5.36 27.66 10.63
C ASP A 167 -5.21 27.04 9.23
N SER A 168 -4.62 25.85 9.16
CA SER A 168 -4.48 25.14 7.89
C SER A 168 -5.82 24.53 7.44
N ALA A 169 -6.75 24.38 8.38
CA ALA A 169 -8.13 24.04 8.04
C ALA A 169 -8.82 25.22 7.36
N GLU A 170 -8.45 26.44 7.77
CA GLU A 170 -8.99 27.66 7.18
C GLU A 170 -8.47 27.88 5.77
N VAL A 171 -7.20 27.58 5.53
CA VAL A 171 -6.60 27.69 4.19
C VAL A 171 -7.20 26.63 3.26
N LYS A 172 -7.52 25.45 3.81
CA LYS A 172 -8.16 24.38 3.05
C LYS A 172 -9.57 24.79 2.61
N ALA A 173 -10.30 25.45 3.52
CA ALA A 173 -11.68 25.87 3.26
C ALA A 173 -11.72 26.99 2.23
N TRP A 174 -10.78 27.92 2.33
CA TRP A 174 -10.65 29.06 1.44
C TRP A 174 -10.29 28.62 0.02
N LEU A 175 -9.38 27.66 -0.08
CA LEU A 175 -8.97 27.10 -1.37
C LEU A 175 -10.12 26.34 -2.01
N GLU A 176 -11.01 25.81 -1.19
CA GLU A 176 -12.18 25.08 -1.67
C GLU A 176 -13.29 26.00 -2.19
N THR A 177 -13.34 27.25 -1.69
CA THR A 177 -14.31 28.22 -2.18
C THR A 177 -13.92 28.63 -3.59
N SER A 178 -14.92 28.87 -4.44
CA SER A 178 -14.69 29.17 -5.84
C SER A 178 -13.95 30.49 -6.07
N GLU A 179 -14.09 31.41 -5.11
CA GLU A 179 -13.43 32.71 -5.17
C GLU A 179 -11.95 32.56 -4.86
N GLY A 180 -11.62 31.76 -3.85
CA GLY A 180 -10.24 31.47 -3.52
C GLY A 180 -9.51 30.72 -4.63
N PHE A 181 -10.19 29.76 -5.26
CA PHE A 181 -9.61 29.00 -6.36
C PHE A 181 -9.39 29.86 -7.60
N ALA A 182 -10.28 30.82 -7.84
CA ALA A 182 -10.14 31.75 -8.98
C ALA A 182 -8.90 32.64 -8.87
N VAL A 183 -8.59 33.06 -7.65
CA VAL A 183 -7.42 33.88 -7.35
C VAL A 183 -6.11 33.09 -7.47
N ILE A 184 -6.13 31.85 -7.01
CA ILE A 184 -4.95 31.00 -7.06
C ILE A 184 -4.73 30.51 -8.49
N LYS A 185 -5.82 30.40 -9.25
CA LYS A 185 -5.76 30.00 -10.64
C LYS A 185 -5.30 31.14 -11.53
N GLU A 186 -5.59 32.38 -11.13
CA GLU A 186 -5.09 33.55 -11.87
C GLU A 186 -3.58 33.63 -11.71
N ALA A 187 -3.11 33.42 -10.48
CA ALA A 187 -1.69 33.51 -10.16
C ALA A 187 -0.89 32.42 -10.86
N PHE A 188 -1.45 31.21 -10.87
CA PHE A 188 -0.83 30.03 -11.46
C PHE A 188 -0.74 30.16 -12.98
N ASP A 189 -1.87 30.57 -13.57
CA ASP A 189 -2.03 30.60 -15.03
C ASP A 189 -1.20 31.70 -15.70
N SER A 190 -0.85 32.74 -14.95
CA SER A 190 -0.08 33.86 -15.50
C SER A 190 1.38 33.49 -15.83
N THR A 191 1.87 32.40 -15.23
CA THR A 191 3.29 32.03 -15.35
C THR A 191 3.69 31.45 -16.72
N SER A 192 2.71 31.00 -17.49
CA SER A 192 2.97 30.36 -18.79
C SER A 192 1.68 30.21 -19.61
N ARG A 193 1.82 30.11 -20.94
CA ARG A 193 0.64 30.03 -21.82
C ARG A 193 -0.07 28.67 -21.76
N PHE A 194 0.66 27.64 -21.33
CA PHE A 194 0.10 26.30 -21.14
C PHE A 194 -0.43 26.06 -19.73
N ALA A 195 -0.11 26.96 -18.81
CA ALA A 195 -0.52 26.82 -17.41
C ALA A 195 -2.03 27.02 -17.24
N ARG A 196 -2.75 25.93 -17.01
CA ARG A 196 -4.20 25.96 -16.77
C ARG A 196 -4.56 25.06 -15.59
N LEU A 197 -4.62 25.65 -14.39
CA LEU A 197 -4.80 24.92 -13.14
C LEU A 197 -6.18 24.28 -13.08
N GLN A 198 -6.20 22.96 -12.88
CA GLN A 198 -7.45 22.19 -12.75
C GLN A 198 -7.80 22.11 -11.26
N LYS A 199 -8.83 21.32 -10.94
CA LYS A 199 -9.28 21.13 -9.56
C LYS A 199 -8.12 20.84 -8.59
N LEU A 200 -8.07 21.62 -7.52
CA LEU A 200 -7.08 21.48 -6.46
C LEU A 200 -7.51 20.35 -5.53
N HIS A 201 -6.59 19.45 -5.22
CA HIS A 201 -6.82 18.46 -4.17
C HIS A 201 -5.90 18.73 -3.00
N THR A 202 -6.49 18.85 -1.81
CA THR A 202 -5.72 19.18 -0.61
C THR A 202 -5.87 18.11 0.45
N SER A 203 -4.94 18.10 1.40
CA SER A 203 -4.94 17.12 2.47
C SER A 203 -4.20 17.66 3.67
N ILE A 204 -4.78 17.48 4.85
CA ILE A 204 -4.21 18.03 6.08
C ILE A 204 -3.58 16.90 6.89
N ALA A 205 -2.46 17.22 7.51
CA ALA A 205 -1.86 16.41 8.56
C ALA A 205 -1.41 17.36 9.66
N GLY A 206 -2.34 17.70 10.56
CA GLY A 206 -2.07 18.64 11.63
C GLY A 206 -1.84 20.01 11.03
N ARG A 207 -0.80 20.70 11.49
CA ARG A 207 -0.48 22.01 10.94
C ARG A 207 0.35 21.96 9.65
N ASN A 208 0.33 20.81 8.98
CA ASN A 208 0.79 20.70 7.60
C ASN A 208 -0.38 20.68 6.64
N LEU A 209 -0.17 21.24 5.45
CA LEU A 209 -1.19 21.29 4.42
C LEU A 209 -0.54 20.98 3.08
N TYR A 210 -0.96 19.87 2.48
CA TYR A 210 -0.44 19.40 1.20
C TYR A 210 -1.43 19.78 0.12
N ILE A 211 -0.97 20.54 -0.86
CA ILE A 211 -1.79 21.09 -1.93
C ILE A 211 -1.31 20.53 -3.25
N ARG A 212 -2.19 19.84 -3.97
CA ARG A 212 -1.86 19.16 -5.21
C ARG A 212 -2.29 20.00 -6.43
N PHE A 213 -1.34 20.73 -6.98
CA PHE A 213 -1.59 21.54 -8.17
C PHE A 213 -1.45 20.67 -9.40
N GLN A 214 -2.49 20.63 -10.22
CA GLN A 214 -2.46 19.83 -11.44
C GLN A 214 -2.76 20.72 -12.65
N SER A 215 -2.00 20.55 -13.71
CA SER A 215 -2.26 21.26 -14.96
C SER A 215 -1.59 20.61 -16.15
N ARG A 216 -2.24 20.72 -17.30
CA ARG A 216 -1.64 20.30 -18.56
C ARG A 216 -0.43 21.18 -18.84
N SER A 217 0.50 20.66 -19.64
CA SER A 217 1.78 21.32 -19.89
C SER A 217 2.11 21.37 -21.39
N GLY A 218 1.07 21.35 -22.22
CA GLY A 218 1.27 21.20 -23.65
C GLY A 218 1.96 19.87 -23.95
N ASP A 219 3.07 19.93 -24.68
CA ASP A 219 3.77 18.72 -25.08
C ASP A 219 4.94 18.37 -24.15
N ALA A 220 5.30 19.27 -23.26
CA ALA A 220 6.31 18.98 -22.25
C ALA A 220 5.74 18.04 -21.17
N MET A 221 6.64 17.33 -20.49
CA MET A 221 6.26 16.50 -19.35
C MET A 221 5.72 17.41 -18.24
N GLY A 222 6.44 18.49 -17.96
CA GLY A 222 5.89 19.66 -17.28
C GLY A 222 6.32 19.93 -15.86
N MET A 223 7.38 19.31 -15.37
CA MET A 223 7.87 19.59 -14.02
C MET A 223 8.35 21.03 -13.83
N ASN A 224 9.07 21.56 -14.81
CA ASN A 224 9.57 22.93 -14.74
C ASN A 224 8.45 23.96 -14.87
N MET A 225 7.40 23.61 -15.62
CA MET A 225 6.26 24.51 -15.81
C MET A 225 5.31 24.52 -14.61
N ILE A 226 5.00 23.36 -14.04
CA ILE A 226 4.10 23.28 -12.88
C ILE A 226 4.77 23.85 -11.63
N SER A 227 6.09 23.68 -11.52
CA SER A 227 6.84 24.16 -10.36
C SER A 227 6.94 25.68 -10.36
N LYS A 228 7.02 26.28 -11.54
CA LYS A 228 7.04 27.74 -11.66
C LYS A 228 5.64 28.29 -11.36
N GLY A 229 4.63 27.63 -11.88
CA GLY A 229 3.24 27.97 -11.61
C GLY A 229 2.88 27.84 -10.14
N THR A 230 3.49 26.88 -9.45
CA THR A 230 3.22 26.59 -8.05
C THR A 230 3.84 27.66 -7.14
N GLU A 231 5.04 28.10 -7.49
CA GLU A 231 5.80 29.12 -6.77
C GLU A 231 5.01 30.42 -6.63
N LYS A 232 4.51 30.92 -7.76
CA LYS A 232 3.73 32.16 -7.78
C LYS A 232 2.34 31.98 -7.14
N ALA A 233 1.79 30.78 -7.24
CA ALA A 233 0.46 30.49 -6.68
C ALA A 233 0.50 30.51 -5.15
N LEU A 234 1.57 29.96 -4.58
CA LEU A 234 1.77 29.97 -3.13
C LEU A 234 2.16 31.36 -2.63
N SER A 235 2.71 32.18 -3.52
CA SER A 235 2.98 33.58 -3.21
C SER A 235 1.67 34.36 -3.06
N LYS A 236 0.70 34.07 -3.93
CA LYS A 236 -0.60 34.74 -3.87
C LYS A 236 -1.42 34.26 -2.67
N LEU A 237 -1.30 32.98 -2.33
CA LEU A 237 -1.95 32.40 -1.17
C LEU A 237 -1.37 32.97 0.13
N HIS A 238 -0.07 33.30 0.10
CA HIS A 238 0.61 33.90 1.23
C HIS A 238 0.14 35.34 1.51
N GLU A 239 -0.34 36.04 0.46
CA GLU A 239 -0.89 37.38 0.64
C GLU A 239 -2.16 37.35 1.48
N TYR A 240 -2.94 36.27 1.35
CA TYR A 240 -4.15 36.09 2.15
C TYR A 240 -3.88 35.44 3.50
N PHE A 241 -2.78 34.69 3.62
CA PHE A 241 -2.41 33.99 4.85
C PHE A 241 -0.91 34.17 5.14
N PRO A 242 -0.51 35.34 5.65
CA PRO A 242 0.91 35.65 5.88
C PRO A 242 1.64 34.74 6.89
N GLU A 243 0.91 34.06 7.76
CA GLU A 243 1.52 33.14 8.73
C GLU A 243 1.97 31.82 8.09
N MET A 244 1.47 31.53 6.90
CA MET A 244 1.91 30.37 6.12
C MET A 244 3.43 30.39 5.87
N GLN A 245 4.04 29.22 6.00
CA GLN A 245 5.46 29.00 5.80
C GLN A 245 5.58 27.92 4.73
N ILE A 246 6.17 28.24 3.58
CA ILE A 246 6.39 27.25 2.54
C ILE A 246 7.58 26.38 2.91
N LEU A 247 7.29 25.12 3.24
CA LEU A 247 8.32 24.19 3.67
C LEU A 247 9.09 23.57 2.50
N ALA A 248 8.38 23.22 1.43
CA ALA A 248 8.99 22.57 0.28
C ALA A 248 8.05 22.58 -0.92
N VAL A 249 8.61 22.85 -2.10
CA VAL A 249 7.82 22.80 -3.34
C VAL A 249 7.27 21.41 -3.57
N SER A 250 7.98 20.40 -3.04
CA SER A 250 7.53 19.02 -3.03
C SER A 250 7.51 18.48 -1.60
N GLY A 251 6.31 18.22 -1.11
CA GLY A 251 6.10 17.46 0.11
C GLY A 251 5.75 16.00 -0.19
N ASN A 252 6.29 15.46 -1.29
CA ASN A 252 6.04 14.09 -1.73
C ASN A 252 4.57 13.73 -1.97
N TYR A 253 3.75 14.76 -2.22
CA TYR A 253 2.32 14.58 -2.43
C TYR A 253 1.95 14.72 -3.92
N CYS A 254 2.95 14.81 -4.79
CA CYS A 254 2.71 14.96 -6.23
C CYS A 254 2.14 13.68 -6.88
N THR A 255 2.75 12.50 -6.73
CA THR A 255 4.08 12.29 -6.16
C THR A 255 5.07 11.97 -7.29
N ASP A 256 6.31 12.45 -7.16
CA ASP A 256 7.31 12.29 -8.21
C ASP A 256 8.35 11.23 -7.86
N LYS A 257 8.48 10.22 -8.72
CA LYS A 257 9.56 9.22 -8.65
C LYS A 257 9.60 8.38 -7.37
N LYS A 258 8.44 8.21 -6.74
CA LYS A 258 8.26 7.26 -5.66
C LYS A 258 6.93 6.54 -5.86
N PRO A 259 6.80 5.34 -5.32
CA PRO A 259 5.49 4.65 -5.31
C PRO A 259 4.51 5.37 -4.40
N ALA A 260 3.26 5.50 -4.85
CA ALA A 260 2.26 6.27 -4.12
C ALA A 260 0.86 6.02 -4.67
N ALA A 261 -0.06 5.65 -3.78
CA ALA A 261 -1.44 5.35 -4.15
C ALA A 261 -2.19 6.54 -4.74
N ILE A 262 -1.77 7.76 -4.40
CA ILE A 262 -2.45 8.96 -4.91
C ILE A 262 -2.28 9.10 -6.43
N ASN A 263 -1.12 8.68 -6.96
CA ASN A 263 -0.93 8.63 -8.40
C ASN A 263 -1.82 7.57 -9.03
N TRP A 264 -1.94 6.43 -8.37
CA TRP A 264 -2.80 5.35 -8.82
C TRP A 264 -4.28 5.77 -8.89
N ILE A 265 -4.73 6.57 -7.94
CA ILE A 265 -6.16 6.87 -7.77
C ILE A 265 -6.58 8.18 -8.46
N GLU A 266 -5.74 9.20 -8.40
CA GLU A 266 -6.04 10.50 -9.02
C GLU A 266 -5.44 10.64 -10.42
N GLY A 267 -4.43 9.85 -10.72
CA GLY A 267 -3.67 9.98 -11.96
C GLY A 267 -2.60 11.04 -11.84
N ARG A 268 -1.61 10.97 -12.72
CA ARG A 268 -0.56 11.98 -12.81
C ARG A 268 -0.02 11.96 -14.23
N GLY A 269 0.19 13.14 -14.80
CA GLY A 269 0.47 13.26 -16.22
C GLY A 269 -0.70 12.72 -17.02
N LYS A 270 -0.43 11.73 -17.86
CA LYS A 270 -1.45 11.12 -18.72
C LYS A 270 -1.97 9.79 -18.16
N SER A 271 -3.28 9.71 -17.98
CA SER A 271 -3.96 8.47 -17.63
C SER A 271 -4.46 7.89 -18.93
N VAL A 272 -4.15 6.62 -19.19
CA VAL A 272 -4.43 6.00 -20.48
C VAL A 272 -5.03 4.60 -20.29
N VAL A 273 -5.82 4.17 -21.27
CA VAL A 273 -6.36 2.81 -21.33
C VAL A 273 -6.25 2.29 -22.77
N CYS A 274 -5.64 1.12 -22.94
CA CYS A 274 -5.57 0.45 -24.24
C CYS A 274 -6.33 -0.86 -24.19
N GLU A 275 -6.74 -1.35 -25.35
CA GLU A 275 -7.43 -2.63 -25.44
C GLU A 275 -7.25 -3.34 -26.80
N ALA A 276 -7.60 -4.62 -26.84
CA ALA A 276 -7.59 -5.40 -28.07
C ALA A 276 -8.34 -6.71 -27.88
N VAL A 277 -8.88 -7.25 -28.96
CA VAL A 277 -9.48 -8.58 -28.95
C VAL A 277 -8.73 -9.46 -29.94
N ILE A 278 -8.00 -10.44 -29.39
CA ILE A 278 -7.22 -11.39 -30.16
C ILE A 278 -8.09 -12.60 -30.48
N PRO A 279 -8.29 -12.90 -31.76
CA PRO A 279 -8.96 -14.16 -32.17
C PRO A 279 -8.35 -15.40 -31.51
N ALA A 280 -9.16 -16.43 -31.30
CA ALA A 280 -8.72 -17.66 -30.63
C ALA A 280 -7.61 -18.34 -31.42
N LYS A 281 -7.66 -18.16 -32.74
CA LYS A 281 -6.67 -18.66 -33.68
C LYS A 281 -5.28 -18.05 -33.45
N VAL A 282 -5.23 -16.72 -33.33
CA VAL A 282 -3.98 -15.99 -33.15
C VAL A 282 -3.31 -16.32 -31.81
N VAL A 283 -4.11 -16.51 -30.77
CA VAL A 283 -3.57 -16.85 -29.46
C VAL A 283 -2.92 -18.22 -29.54
N ARG A 284 -3.57 -19.13 -30.26
CA ARG A 284 -3.04 -20.48 -30.48
C ARG A 284 -1.73 -20.46 -31.27
N GLU A 285 -1.69 -19.69 -32.34
CA GLU A 285 -0.62 -19.76 -33.34
C GLU A 285 0.57 -18.87 -33.00
N VAL A 286 0.28 -17.59 -32.83
CA VAL A 286 1.32 -16.61 -32.50
C VAL A 286 1.83 -16.77 -31.06
N LEU A 287 0.90 -16.94 -30.11
CA LEU A 287 1.24 -16.91 -28.69
C LEU A 287 1.44 -18.29 -28.06
N LYS A 288 1.09 -19.35 -28.81
CA LYS A 288 1.37 -20.73 -28.40
C LYS A 288 0.66 -21.13 -27.11
N THR A 289 -0.58 -20.66 -26.98
CA THR A 289 -1.40 -20.95 -25.79
C THR A 289 -2.89 -20.87 -26.14
N THR A 290 -3.75 -20.98 -25.13
CA THR A 290 -5.19 -20.76 -25.33
C THR A 290 -5.61 -19.51 -24.58
N THR A 291 -6.85 -19.09 -24.80
CA THR A 291 -7.42 -17.95 -24.11
C THR A 291 -7.74 -18.31 -22.67
N GLU A 292 -8.38 -19.46 -22.46
CA GLU A 292 -8.68 -19.97 -21.11
C GLU A 292 -7.43 -19.95 -20.20
N ALA A 293 -6.27 -20.26 -20.77
CA ALA A 293 -5.02 -20.32 -20.00
C ALA A 293 -4.48 -18.92 -19.68
N MET A 294 -4.61 -17.99 -20.63
CA MET A 294 -4.17 -16.60 -20.44
C MET A 294 -4.93 -15.92 -19.30
N ILE A 295 -6.25 -16.10 -19.28
CA ILE A 295 -7.12 -15.54 -18.24
C ILE A 295 -6.77 -16.13 -16.88
N GLU A 296 -6.51 -17.43 -16.84
CA GLU A 296 -6.18 -18.14 -15.59
C GLU A 296 -4.88 -17.63 -14.99
N VAL A 297 -3.90 -17.39 -15.85
CA VAL A 297 -2.60 -16.90 -15.42
C VAL A 297 -2.69 -15.43 -14.98
N ASN A 298 -3.57 -14.66 -15.63
CA ASN A 298 -3.67 -13.22 -15.38
C ASN A 298 -4.41 -12.92 -14.08
N ILE A 299 -5.42 -13.72 -13.79
CA ILE A 299 -6.19 -13.55 -12.58
C ILE A 299 -5.30 -13.92 -11.41
N ASN A 300 -4.64 -15.07 -11.50
CA ASN A 300 -3.94 -15.63 -10.36
C ASN A 300 -2.52 -15.10 -10.18
N LYS A 301 -1.96 -14.53 -11.26
CA LYS A 301 -0.69 -13.82 -11.20
C LYS A 301 -0.92 -12.33 -11.00
N ASN A 302 -1.48 -11.67 -12.01
CA ASN A 302 -1.59 -10.22 -12.03
C ASN A 302 -2.59 -9.59 -11.07
N LEU A 303 -3.62 -10.31 -10.66
CA LEU A 303 -4.57 -9.81 -9.66
C LEU A 303 -4.33 -10.44 -8.29
N VAL A 304 -4.46 -11.75 -8.18
CA VAL A 304 -4.37 -12.44 -6.90
C VAL A 304 -2.94 -12.42 -6.39
N GLY A 305 -1.99 -12.76 -7.26
CA GLY A 305 -0.58 -12.73 -6.91
C GLY A 305 -0.09 -11.36 -6.48
N SER A 306 -0.42 -10.34 -7.26
CA SER A 306 -0.05 -8.97 -6.91
C SER A 306 -0.67 -8.58 -5.58
N ALA A 307 -1.89 -9.06 -5.33
CA ALA A 307 -2.60 -8.76 -4.10
C ALA A 307 -1.93 -9.41 -2.90
N MET A 308 -1.42 -10.64 -3.06
CA MET A 308 -0.73 -11.34 -1.96
C MET A 308 0.62 -10.68 -1.67
N ALA A 309 1.21 -10.04 -2.69
CA ALA A 309 2.48 -9.33 -2.53
C ALA A 309 2.35 -7.96 -1.84
N GLY A 310 1.12 -7.47 -1.68
CA GLY A 310 0.89 -6.15 -1.12
C GLY A 310 1.21 -5.07 -2.14
N SER A 311 0.66 -5.22 -3.34
CA SER A 311 0.97 -4.33 -4.45
C SER A 311 -0.06 -3.23 -4.57
N ILE A 312 0.42 -1.99 -4.70
CA ILE A 312 -0.40 -0.84 -5.06
C ILE A 312 0.00 -0.46 -6.48
N GLY A 313 -0.91 -0.64 -7.43
CA GLY A 313 -0.68 -0.23 -8.81
C GLY A 313 0.25 -1.13 -9.62
N GLY A 314 0.57 -2.31 -9.09
CA GLY A 314 1.44 -3.26 -9.76
C GLY A 314 0.73 -4.53 -10.15
N TYR A 315 -0.50 -4.39 -10.65
CA TYR A 315 -1.31 -5.53 -11.08
C TYR A 315 -1.06 -5.83 -12.56
N ASN A 316 0.20 -6.13 -12.87
CA ASN A 316 0.65 -6.39 -14.24
C ASN A 316 1.89 -7.29 -14.26
N ALA A 317 2.30 -7.72 -15.45
CA ALA A 317 3.44 -8.63 -15.61
C ALA A 317 4.77 -7.89 -15.68
N HIS A 318 4.95 -7.04 -16.68
CA HIS A 318 6.22 -6.32 -16.87
C HIS A 318 6.08 -5.08 -17.73
N ALA A 319 5.13 -4.22 -17.37
CA ALA A 319 4.97 -2.92 -18.04
C ALA A 319 6.18 -2.02 -17.80
N ALA A 320 6.92 -2.28 -16.72
CA ALA A 320 8.12 -1.52 -16.41
C ALA A 320 9.26 -1.79 -17.40
N ASN A 321 9.29 -2.99 -17.97
CA ASN A 321 10.24 -3.30 -19.04
C ASN A 321 10.00 -2.41 -20.26
N ILE A 322 8.73 -2.27 -20.66
CA ILE A 322 8.38 -1.52 -21.87
C ILE A 322 8.41 -0.01 -21.65
N VAL A 323 7.94 0.44 -20.49
CA VAL A 323 8.01 1.86 -20.16
C VAL A 323 9.47 2.30 -20.15
N THR A 324 10.31 1.60 -19.41
CA THR A 324 11.73 1.92 -19.30
C THR A 324 12.47 1.92 -20.64
N ALA A 325 12.17 0.93 -21.47
CA ALA A 325 12.87 0.77 -22.75
C ALA A 325 12.54 1.90 -23.71
N ILE A 326 11.27 2.30 -23.78
CA ILE A 326 10.86 3.40 -24.64
C ILE A 326 11.41 4.71 -24.09
N TYR A 327 11.29 4.90 -22.77
CA TYR A 327 11.70 6.13 -22.10
C TYR A 327 13.16 6.46 -22.35
N ILE A 328 14.03 5.46 -22.26
CA ILE A 328 15.46 5.69 -22.51
C ILE A 328 15.69 6.02 -23.99
N ALA A 329 14.98 5.31 -24.87
CA ALA A 329 15.07 5.55 -26.31
C ALA A 329 14.60 6.95 -26.72
N CYS A 330 13.64 7.52 -26.00
CA CYS A 330 12.98 8.76 -26.41
C CYS A 330 13.26 9.96 -25.49
N GLY A 331 14.37 9.91 -24.77
CA GLY A 331 14.82 11.03 -23.97
C GLY A 331 13.89 11.43 -22.83
N GLN A 332 13.09 10.48 -22.37
CA GLN A 332 12.22 10.68 -21.20
C GLN A 332 13.05 10.54 -19.94
N ASP A 333 12.52 11.03 -18.83
CA ASP A 333 13.14 10.83 -17.53
C ASP A 333 12.90 9.37 -17.10
N ALA A 334 13.96 8.56 -17.15
CA ALA A 334 13.86 7.12 -16.90
C ALA A 334 13.53 6.77 -15.44
N ALA A 335 13.89 7.64 -14.51
CA ALA A 335 13.55 7.46 -13.08
C ALA A 335 12.05 7.57 -12.82
N GLN A 336 11.32 8.25 -13.71
CA GLN A 336 9.88 8.37 -13.61
C GLN A 336 9.13 7.08 -13.96
N ASN A 337 9.88 6.09 -14.45
CA ASN A 337 9.41 4.72 -14.53
C ASN A 337 8.73 4.18 -13.24
N VAL A 338 9.15 4.71 -12.09
CA VAL A 338 8.60 4.27 -10.80
C VAL A 338 7.07 4.41 -10.76
N GLY A 339 6.58 5.58 -11.13
CA GLY A 339 5.14 5.81 -11.22
C GLY A 339 4.54 5.54 -12.59
N SER A 340 5.34 5.65 -13.64
CA SER A 340 4.85 5.52 -15.01
C SER A 340 4.57 4.08 -15.41
N SER A 341 5.10 3.13 -14.64
CA SER A 341 4.89 1.71 -14.88
C SER A 341 3.54 1.22 -14.34
N ASN A 342 2.92 2.03 -13.50
CA ASN A 342 1.62 1.70 -12.92
C ASN A 342 0.72 1.14 -14.01
N CYS A 343 0.23 -0.08 -13.79
CA CYS A 343 -0.61 -0.73 -14.77
C CYS A 343 -1.43 -1.85 -14.16
N ILE A 344 -2.69 -1.92 -14.54
CA ILE A 344 -3.52 -3.09 -14.31
C ILE A 344 -3.85 -3.71 -15.67
N THR A 345 -3.39 -4.93 -15.86
CA THR A 345 -3.66 -5.72 -17.06
C THR A 345 -4.80 -6.68 -16.76
N LEU A 346 -5.85 -6.63 -17.59
CA LEU A 346 -7.04 -7.45 -17.39
C LEU A 346 -7.34 -8.30 -18.62
N MET A 347 -7.57 -9.59 -18.40
CA MET A 347 -7.90 -10.51 -19.49
C MET A 347 -9.20 -11.25 -19.18
N GLU A 348 -10.11 -11.23 -20.16
CA GLU A 348 -11.34 -12.01 -20.09
C GLU A 348 -11.74 -12.58 -21.45
N ALA A 349 -12.72 -13.49 -21.43
CA ALA A 349 -13.24 -14.09 -22.65
C ALA A 349 -14.05 -13.10 -23.51
N SER A 350 -14.14 -13.38 -24.80
CA SER A 350 -14.88 -12.52 -25.74
C SER A 350 -15.45 -13.29 -26.94
N GLY A 351 -16.56 -12.79 -27.49
CA GLY A 351 -17.21 -13.41 -28.63
C GLY A 351 -18.00 -14.66 -28.28
N PRO A 352 -18.35 -15.46 -29.29
CA PRO A 352 -19.28 -16.59 -29.12
C PRO A 352 -18.82 -17.69 -28.16
N THR A 353 -17.79 -18.46 -28.50
CA THR A 353 -17.34 -19.57 -27.64
C THR A 353 -16.76 -19.08 -26.31
N ASN A 354 -16.57 -17.76 -26.17
CA ASN A 354 -15.80 -17.20 -25.07
C ASN A 354 -14.37 -17.73 -25.20
N GLU A 355 -13.89 -17.74 -26.44
CA GLU A 355 -12.56 -18.26 -26.78
C GLU A 355 -11.62 -17.18 -27.28
N ASP A 356 -12.16 -15.99 -27.60
CA ASP A 356 -11.33 -14.85 -27.98
C ASP A 356 -10.85 -14.14 -26.72
N LEU A 357 -9.58 -13.72 -26.72
CA LEU A 357 -8.96 -13.08 -25.55
C LEU A 357 -9.17 -11.57 -25.58
N TYR A 358 -9.95 -11.05 -24.64
CA TYR A 358 -9.98 -9.62 -24.40
C TYR A 358 -8.81 -9.25 -23.51
N ILE A 359 -8.18 -8.11 -23.81
CA ILE A 359 -7.06 -7.61 -23.02
C ILE A 359 -7.07 -6.09 -22.99
N SER A 360 -6.95 -5.53 -21.79
CA SER A 360 -6.80 -4.10 -21.63
C SER A 360 -5.77 -3.79 -20.56
N CYS A 361 -4.90 -2.82 -20.83
CA CYS A 361 -3.99 -2.27 -19.84
C CYS A 361 -4.42 -0.84 -19.53
N THR A 362 -4.61 -0.54 -18.25
CA THR A 362 -4.92 0.82 -17.80
C THR A 362 -3.76 1.34 -16.95
N MET A 363 -3.23 2.50 -17.34
CA MET A 363 -2.02 3.06 -16.74
C MET A 363 -2.27 4.51 -16.32
N PRO A 364 -2.68 4.72 -15.07
CA PRO A 364 -3.10 6.04 -14.60
C PRO A 364 -2.05 7.15 -14.59
N SER A 365 -0.76 6.83 -14.63
CA SER A 365 0.27 7.81 -14.34
C SER A 365 1.51 7.76 -15.25
N ILE A 366 1.28 7.84 -16.55
CA ILE A 366 2.36 7.96 -17.53
C ILE A 366 2.87 9.41 -17.56
N GLU A 367 4.09 9.60 -17.07
CA GLU A 367 4.72 10.91 -17.00
C GLU A 367 5.64 11.04 -18.20
N ILE A 368 5.20 11.80 -19.19
CA ILE A 368 5.84 11.82 -20.51
C ILE A 368 5.72 13.18 -21.19
N GLY A 369 6.58 13.41 -22.16
CA GLY A 369 6.66 14.68 -22.87
C GLY A 369 7.62 14.61 -24.05
N THR A 370 7.25 15.29 -25.14
CA THR A 370 8.06 15.31 -26.35
C THR A 370 8.77 16.65 -26.57
N VAL A 371 8.81 17.47 -25.53
CA VAL A 371 9.62 18.70 -25.51
C VAL A 371 10.36 18.79 -24.16
N GLY A 372 11.62 19.18 -24.20
CA GLY A 372 12.41 19.39 -23.00
C GLY A 372 13.17 18.17 -22.55
N GLY A 373 14.01 18.34 -21.54
CA GLY A 373 14.81 17.25 -21.00
C GLY A 373 15.67 16.60 -22.06
N GLY A 374 15.62 15.28 -22.14
CA GLY A 374 16.41 14.52 -23.09
C GLY A 374 15.88 14.55 -24.51
N THR A 375 14.66 15.04 -24.69
CA THR A 375 14.07 15.15 -26.02
C THR A 375 14.66 16.29 -26.85
N ASN A 376 15.48 17.15 -26.23
CA ASN A 376 16.25 18.17 -26.96
C ASN A 376 17.48 17.58 -27.67
N LEU A 377 17.88 16.37 -27.27
CA LEU A 377 19.04 15.69 -27.84
C LEU A 377 18.66 14.98 -29.15
N LEU A 378 19.59 14.91 -30.09
CA LEU A 378 19.29 14.50 -31.46
C LEU A 378 19.02 12.99 -31.65
N PRO A 379 19.82 12.13 -31.04
CA PRO A 379 19.54 10.68 -31.11
C PRO A 379 18.17 10.31 -30.54
N GLN A 380 17.80 10.82 -29.37
CA GLN A 380 16.48 10.51 -28.81
C GLN A 380 15.36 11.30 -29.50
N GLN A 381 15.71 12.35 -30.25
CA GLN A 381 14.76 13.00 -31.15
C GLN A 381 14.46 12.12 -32.36
N ALA A 382 15.42 11.31 -32.77
CA ALA A 382 15.25 10.41 -33.91
C ALA A 382 14.21 9.35 -33.63
N CYS A 383 14.25 8.79 -32.42
CA CYS A 383 13.28 7.79 -31.98
C CYS A 383 11.88 8.40 -31.82
N LEU A 384 11.82 9.61 -31.28
CA LEU A 384 10.57 10.35 -31.23
C LEU A 384 9.99 10.58 -32.63
N GLN A 385 10.88 10.80 -33.61
CA GLN A 385 10.46 11.06 -34.98
C GLN A 385 9.91 9.81 -35.66
N MET A 386 10.43 8.64 -35.30
CA MET A 386 9.86 7.37 -35.76
C MET A 386 8.34 7.36 -35.50
N LEU A 387 7.97 7.72 -34.28
CA LEU A 387 6.57 7.70 -33.85
C LEU A 387 5.78 8.90 -34.38
N GLY A 388 6.47 9.90 -34.92
CA GLY A 388 5.84 11.06 -35.50
C GLY A 388 5.42 12.08 -34.46
N VAL A 389 5.99 11.96 -33.26
CA VAL A 389 5.60 12.77 -32.09
C VAL A 389 6.69 13.72 -31.60
N GLN A 390 7.78 13.85 -32.35
CA GLN A 390 8.91 14.69 -31.93
C GLN A 390 8.52 16.16 -31.80
N GLY A 391 9.00 16.81 -30.75
CA GLY A 391 8.78 18.24 -30.54
C GLY A 391 7.33 18.61 -30.30
N ALA A 392 7.06 19.91 -30.36
CA ALA A 392 5.72 20.43 -30.09
C ALA A 392 4.81 20.34 -31.31
N CYS A 393 3.51 20.33 -31.05
CA CYS A 393 2.47 20.30 -32.06
C CYS A 393 1.75 21.65 -32.01
N LYS A 394 1.81 22.39 -33.11
CA LYS A 394 1.35 23.79 -33.13
C LYS A 394 -0.17 23.88 -33.16
N ASP A 395 -0.78 23.20 -34.12
CA ASP A 395 -2.24 23.22 -34.31
C ASP A 395 -3.01 22.71 -33.09
N ASN A 396 -2.42 21.72 -32.42
CA ASN A 396 -3.09 21.02 -31.33
C ASN A 396 -2.09 20.72 -30.22
N PRO A 397 -1.73 21.73 -29.42
CA PRO A 397 -0.75 21.54 -28.34
C PRO A 397 -1.15 20.46 -27.35
N GLY A 398 -0.24 19.52 -27.11
CA GLY A 398 -0.47 18.39 -26.21
C GLY A 398 -0.60 17.08 -26.96
N GLU A 399 -0.92 17.16 -28.25
CA GLU A 399 -1.23 16.00 -29.07
C GLU A 399 -0.06 15.02 -29.19
N ASN A 400 1.15 15.55 -29.29
CA ASN A 400 2.33 14.70 -29.45
C ASN A 400 2.66 13.88 -28.20
N ALA A 401 2.58 14.51 -27.03
CA ALA A 401 2.85 13.82 -25.77
C ALA A 401 1.75 12.84 -25.42
N ARG A 402 0.53 13.15 -25.86
CA ARG A 402 -0.61 12.28 -25.63
C ARG A 402 -0.52 11.07 -26.52
N GLN A 403 -0.06 11.27 -27.75
CA GLN A 403 0.13 10.19 -28.70
C GLN A 403 1.20 9.22 -28.21
N LEU A 404 2.30 9.77 -27.69
CA LEU A 404 3.40 8.96 -27.17
C LEU A 404 2.98 8.18 -25.94
N ALA A 405 2.09 8.75 -25.13
CA ALA A 405 1.54 8.09 -23.95
C ALA A 405 0.67 6.91 -24.38
N ARG A 406 -0.11 7.11 -25.45
CA ARG A 406 -0.93 6.06 -26.05
C ARG A 406 -0.08 4.92 -26.62
N ILE A 407 1.08 5.28 -27.17
CA ILE A 407 2.00 4.30 -27.76
C ILE A 407 2.66 3.47 -26.66
N VAL A 408 2.95 4.11 -25.53
CA VAL A 408 3.53 3.45 -24.38
C VAL A 408 2.56 2.44 -23.80
N CYS A 409 1.29 2.83 -23.70
CA CYS A 409 0.27 1.94 -23.14
C CYS A 409 -0.03 0.77 -24.08
N GLY A 410 0.00 1.04 -25.38
CA GLY A 410 -0.21 0.01 -26.39
C GLY A 410 0.94 -0.96 -26.47
N THR A 411 2.17 -0.47 -26.30
CA THR A 411 3.35 -1.30 -26.36
C THR A 411 3.48 -2.13 -25.08
N VAL A 412 2.97 -1.59 -23.98
CA VAL A 412 2.87 -2.33 -22.73
C VAL A 412 1.91 -3.50 -22.92
N MET A 413 0.78 -3.27 -23.58
CA MET A 413 -0.19 -4.32 -23.83
C MET A 413 0.36 -5.41 -24.75
N ALA A 414 1.18 -5.03 -25.73
CA ALA A 414 1.86 -5.98 -26.59
C ALA A 414 2.83 -6.82 -25.76
N GLY A 415 3.64 -6.15 -24.94
CA GLY A 415 4.58 -6.82 -24.06
C GLY A 415 3.90 -7.70 -23.03
N GLU A 416 2.67 -7.35 -22.66
CA GLU A 416 1.90 -8.12 -21.69
C GLU A 416 1.40 -9.41 -22.30
N LEU A 417 0.87 -9.33 -23.52
CA LEU A 417 0.40 -10.52 -24.23
C LEU A 417 1.46 -11.59 -24.37
N SER A 418 2.71 -11.17 -24.62
CA SER A 418 3.78 -12.11 -24.98
C SER A 418 4.47 -12.75 -23.78
N LEU A 419 4.71 -12.01 -22.71
CA LEU A 419 5.27 -12.61 -21.49
C LEU A 419 4.24 -13.51 -20.80
N MET A 420 2.98 -13.07 -20.78
CA MET A 420 1.92 -13.84 -20.16
C MET A 420 1.65 -15.13 -20.94
N ALA A 421 1.84 -15.07 -22.25
CA ALA A 421 1.68 -16.24 -23.12
C ALA A 421 2.80 -17.24 -22.88
N ALA A 422 4.03 -16.75 -22.75
CA ALA A 422 5.17 -17.58 -22.45
C ALA A 422 5.06 -18.24 -21.08
N LEU A 423 4.53 -17.53 -20.10
CA LEU A 423 4.37 -18.08 -18.75
C LEU A 423 3.27 -19.14 -18.74
N ALA A 424 2.27 -18.96 -19.60
CA ALA A 424 1.13 -19.88 -19.68
C ALA A 424 1.50 -21.20 -20.36
N ALA A 425 2.35 -21.13 -21.39
CA ALA A 425 2.82 -22.33 -22.08
C ALA A 425 4.04 -22.97 -21.38
N GLY A 426 4.21 -22.68 -20.08
CA GLY A 426 5.14 -23.42 -19.23
C GLY A 426 6.60 -23.00 -19.25
N HIS A 427 6.93 -21.91 -19.93
CA HIS A 427 8.32 -21.43 -20.00
C HIS A 427 8.75 -20.88 -18.63
N LEU A 428 9.76 -21.50 -18.04
CA LEU A 428 10.29 -21.09 -16.75
C LEU A 428 11.60 -20.30 -16.87
N VAL A 429 12.24 -20.38 -18.05
CA VAL A 429 13.57 -19.78 -18.27
C VAL A 429 13.67 -19.07 -19.63
N LYS A 430 14.53 -18.06 -19.70
CA LYS A 430 14.74 -17.30 -20.94
C LYS A 430 15.42 -18.18 -22.01
N SER A 431 14.67 -18.55 -23.03
CA SER A 431 15.13 -19.55 -24.02
C SER A 431 16.01 -18.92 -25.11
N GLU B 7 22.63 -3.98 -63.18
CA GLU B 7 23.50 -4.53 -62.10
C GLU B 7 22.69 -5.24 -61.00
N PRO B 8 21.69 -4.57 -60.39
CA PRO B 8 20.71 -5.28 -59.56
C PRO B 8 20.03 -6.41 -60.33
N ARG B 9 20.34 -7.65 -59.95
CA ARG B 9 19.91 -8.82 -60.70
C ARG B 9 18.46 -9.17 -60.35
N PRO B 10 17.81 -10.00 -61.17
CA PRO B 10 16.45 -10.48 -60.87
C PRO B 10 16.35 -11.22 -59.53
N ASN B 11 15.12 -11.44 -59.06
CA ASN B 11 14.91 -12.04 -57.74
C ASN B 11 15.41 -13.48 -57.61
N GLU B 12 15.28 -14.26 -58.68
CA GLU B 12 15.67 -15.68 -58.63
C GLU B 12 17.18 -15.88 -58.69
N GLU B 13 17.88 -15.01 -59.42
CA GLU B 13 19.34 -15.02 -59.45
C GLU B 13 19.95 -14.72 -58.08
N CYS B 14 19.41 -13.72 -57.38
CA CYS B 14 19.88 -13.34 -56.06
C CYS B 14 19.63 -14.44 -55.02
N LEU B 15 18.59 -15.23 -55.24
CA LEU B 15 18.20 -16.30 -54.30
C LEU B 15 19.20 -17.45 -54.26
N GLN B 16 19.65 -17.88 -55.43
CA GLN B 16 20.58 -19.01 -55.52
C GLN B 16 22.01 -18.61 -55.14
N ILE B 17 22.33 -17.32 -55.20
CA ILE B 17 23.58 -16.80 -54.66
C ILE B 17 23.52 -16.80 -53.14
N LEU B 18 22.32 -16.60 -52.59
CA LEU B 18 22.06 -16.58 -51.15
C LEU B 18 22.03 -18.00 -50.56
N GLY B 19 21.72 -19.00 -51.40
CA GLY B 19 21.74 -20.39 -51.00
C GLY B 19 23.08 -21.07 -51.24
N ASN B 20 24.05 -20.30 -51.73
CA ASN B 20 25.42 -20.75 -52.00
C ASN B 20 26.29 -20.56 -50.76
N ALA B 21 27.08 -21.57 -50.44
CA ALA B 21 27.88 -21.58 -49.23
C ALA B 21 29.09 -20.65 -49.28
N GLU B 22 29.95 -20.82 -50.29
CA GLU B 22 31.14 -19.97 -50.43
C GLU B 22 30.82 -18.63 -51.12
N LYS B 23 29.53 -18.32 -51.26
CA LYS B 23 29.06 -16.97 -51.56
C LYS B 23 28.24 -16.46 -50.37
N GLY B 24 26.92 -16.62 -50.41
CA GLY B 24 26.03 -16.15 -49.37
C GLY B 24 25.64 -14.69 -49.51
N ALA B 25 25.37 -14.05 -48.38
CA ALA B 25 24.89 -12.66 -48.36
C ALA B 25 25.98 -11.65 -48.71
N LYS B 26 27.25 -12.03 -48.52
CA LYS B 26 28.38 -11.16 -48.83
C LYS B 26 28.39 -10.69 -50.28
N PHE B 27 27.88 -11.51 -51.19
CA PHE B 27 27.97 -11.26 -52.63
C PHE B 27 26.77 -10.51 -53.21
N LEU B 28 25.78 -10.21 -52.36
CA LEU B 28 24.65 -9.37 -52.78
C LEU B 28 24.85 -7.94 -52.28
N SER B 29 24.32 -6.97 -53.03
CA SER B 29 24.27 -5.58 -52.62
C SER B 29 23.06 -5.35 -51.71
N ASP B 30 23.05 -4.22 -51.00
CA ASP B 30 21.98 -3.87 -50.08
C ASP B 30 20.63 -3.82 -50.79
N ALA B 31 20.58 -3.16 -51.95
CA ALA B 31 19.34 -3.02 -52.71
C ALA B 31 18.77 -4.37 -53.15
N GLU B 32 19.64 -5.33 -53.43
CA GLU B 32 19.22 -6.67 -53.82
C GLU B 32 18.61 -7.45 -52.66
N ILE B 33 19.23 -7.36 -51.48
CA ILE B 33 18.71 -7.98 -50.27
C ILE B 33 17.36 -7.35 -49.91
N ILE B 34 17.22 -6.05 -50.16
CA ILE B 34 16.01 -5.29 -49.86
C ILE B 34 14.90 -5.58 -50.89
N GLN B 35 15.28 -5.94 -52.12
CA GLN B 35 14.32 -6.33 -53.14
C GLN B 35 13.81 -7.75 -52.87
N LEU B 36 14.62 -8.52 -52.14
CA LEU B 36 14.24 -9.87 -51.75
C LEU B 36 13.27 -9.84 -50.58
N VAL B 37 13.47 -8.91 -49.66
CA VAL B 37 12.58 -8.75 -48.50
C VAL B 37 11.24 -8.16 -48.93
N ASN B 38 11.26 -7.30 -49.95
CA ASN B 38 10.04 -6.64 -50.44
C ASN B 38 9.12 -7.61 -51.19
N ALA B 39 9.72 -8.52 -51.94
CA ALA B 39 8.99 -9.56 -52.67
C ALA B 39 8.82 -10.84 -51.84
N LYS B 40 9.09 -10.75 -50.53
CA LYS B 40 8.81 -11.81 -49.55
C LYS B 40 9.52 -13.16 -49.80
N HIS B 41 10.84 -13.09 -49.84
CA HIS B 41 11.70 -14.27 -49.95
C HIS B 41 12.52 -14.47 -48.67
N ILE B 42 12.78 -13.37 -47.96
CA ILE B 42 13.49 -13.38 -46.68
C ILE B 42 12.69 -12.53 -45.67
N PRO B 43 12.28 -13.11 -44.54
CA PRO B 43 11.63 -12.32 -43.48
C PRO B 43 12.57 -11.30 -42.81
N ALA B 44 12.00 -10.48 -41.92
CA ALA B 44 12.79 -9.48 -41.20
C ALA B 44 13.74 -10.11 -40.17
N TYR B 45 13.26 -11.15 -39.48
CA TYR B 45 14.06 -11.79 -38.44
C TYR B 45 15.20 -12.66 -38.99
N LYS B 46 15.13 -13.03 -40.27
CA LYS B 46 16.19 -13.82 -40.90
C LYS B 46 17.43 -12.98 -41.28
N LEU B 47 17.32 -11.65 -41.18
CA LEU B 47 18.45 -10.75 -41.47
C LEU B 47 19.65 -10.97 -40.54
N GLU B 48 19.41 -11.47 -39.33
CA GLU B 48 20.48 -11.69 -38.37
C GLU B 48 21.44 -12.82 -38.81
N THR B 49 20.87 -13.96 -39.19
CA THR B 49 21.69 -15.17 -39.46
C THR B 49 22.15 -15.32 -40.92
N LEU B 50 21.67 -14.47 -41.81
CA LEU B 50 22.05 -14.51 -43.22
C LEU B 50 23.27 -13.61 -43.49
N ILE B 51 23.29 -12.45 -42.86
CA ILE B 51 24.29 -11.42 -43.12
C ILE B 51 25.60 -11.75 -42.39
N GLU B 52 26.71 -11.33 -43.00
CA GLU B 52 28.05 -11.72 -42.54
C GLU B 52 28.42 -10.98 -41.27
N THR B 53 28.34 -9.65 -41.34
CA THR B 53 28.65 -8.77 -40.23
C THR B 53 27.37 -8.33 -39.53
N HIS B 54 27.48 -8.01 -38.23
CA HIS B 54 26.32 -7.52 -37.48
C HIS B 54 25.98 -6.09 -37.90
N GLU B 55 26.99 -5.26 -38.15
CA GLU B 55 26.77 -3.87 -38.54
C GLU B 55 26.03 -3.73 -39.86
N ARG B 56 26.28 -4.66 -40.78
CA ARG B 56 25.57 -4.66 -42.07
C ARG B 56 24.11 -5.12 -41.89
N GLY B 57 23.87 -5.97 -40.89
CA GLY B 57 22.52 -6.38 -40.55
C GLY B 57 21.71 -5.24 -39.92
N VAL B 58 22.37 -4.40 -39.15
CA VAL B 58 21.75 -3.23 -38.54
C VAL B 58 21.47 -2.19 -39.62
N SER B 59 22.37 -2.09 -40.59
CA SER B 59 22.28 -1.11 -41.68
C SER B 59 21.09 -1.38 -42.58
N ILE B 60 20.90 -2.65 -42.93
CA ILE B 60 19.82 -3.06 -43.83
C ILE B 60 18.45 -3.02 -43.14
N ARG B 61 18.43 -3.32 -41.84
CA ARG B 61 17.19 -3.22 -41.06
C ARG B 61 16.74 -1.77 -40.93
N ARG B 62 17.72 -0.86 -40.85
CA ARG B 62 17.44 0.58 -40.80
C ARG B 62 16.83 1.07 -42.10
N GLN B 63 17.34 0.54 -43.22
CA GLN B 63 16.93 1.01 -44.54
C GLN B 63 15.49 0.65 -44.86
N LEU B 64 15.10 -0.59 -44.53
CA LEU B 64 13.71 -1.05 -44.65
C LEU B 64 12.81 -0.23 -43.72
N LEU B 65 13.25 -0.06 -42.48
CA LEU B 65 12.50 0.68 -41.46
C LEU B 65 12.20 2.11 -41.87
N SER B 66 13.16 2.76 -42.52
CA SER B 66 13.04 4.17 -42.89
C SER B 66 11.91 4.41 -43.89
N LYS B 67 11.79 3.54 -44.89
CA LYS B 67 10.77 3.73 -45.93
C LYS B 67 9.37 3.24 -45.54
N LYS B 68 9.20 2.76 -44.30
CA LYS B 68 7.88 2.52 -43.71
C LYS B 68 7.38 3.71 -42.90
N LEU B 69 8.25 4.68 -42.62
CA LEU B 69 7.92 5.82 -41.76
C LEU B 69 7.34 6.99 -42.53
N SER B 70 6.65 7.88 -41.81
CA SER B 70 6.10 9.10 -42.39
C SER B 70 7.20 10.11 -42.69
N GLU B 71 8.30 10.02 -41.95
CA GLU B 71 9.53 10.78 -42.24
C GLU B 71 10.67 9.79 -42.53
N PRO B 72 11.15 9.74 -43.78
CA PRO B 72 12.18 8.75 -44.14
C PRO B 72 13.59 9.06 -43.62
N SER B 73 13.85 10.29 -43.19
CA SER B 73 15.17 10.68 -42.66
C SER B 73 15.21 10.74 -41.12
N SER B 74 14.19 10.21 -40.44
CA SER B 74 14.12 10.28 -38.98
C SER B 74 15.30 9.60 -38.27
N LEU B 75 15.85 8.54 -38.85
CA LEU B 75 16.98 7.81 -38.27
C LEU B 75 18.36 8.45 -38.48
N GLN B 76 18.45 9.48 -39.30
CA GLN B 76 19.72 10.13 -39.62
C GLN B 76 20.64 10.31 -38.41
N TYR B 77 20.06 10.74 -37.29
CA TYR B 77 20.83 11.12 -36.10
C TYR B 77 20.83 10.06 -34.97
N LEU B 78 20.12 8.96 -35.18
CA LEU B 78 20.33 7.76 -34.37
C LEU B 78 21.60 7.05 -34.86
N PRO B 79 22.67 7.06 -34.07
CA PRO B 79 23.92 6.41 -34.51
C PRO B 79 23.83 4.89 -34.49
N TYR B 80 24.69 4.23 -35.26
CA TYR B 80 24.78 2.76 -35.26
C TYR B 80 26.17 2.18 -35.53
N ARG B 81 27.06 2.97 -36.15
CA ARG B 81 28.32 2.44 -36.66
C ARG B 81 29.38 2.32 -35.57
N ASP B 82 30.37 1.46 -35.84
CA ASP B 82 31.54 1.28 -34.97
C ASP B 82 31.16 0.89 -33.54
N TYR B 83 30.08 0.14 -33.38
CA TYR B 83 29.66 -0.33 -32.06
C TYR B 83 29.70 -1.86 -32.05
N ASN B 84 30.07 -2.42 -30.90
CA ASN B 84 30.36 -3.85 -30.78
C ASN B 84 29.09 -4.67 -30.58
N TYR B 85 28.42 -4.97 -31.69
CA TYR B 85 27.18 -5.74 -31.67
C TYR B 85 27.42 -7.23 -31.45
N SER B 86 28.69 -7.66 -31.35
CA SER B 86 29.00 -9.06 -31.09
C SER B 86 28.49 -9.52 -29.73
N LEU B 87 28.47 -8.61 -28.76
CA LEU B 87 27.98 -8.91 -27.41
C LEU B 87 26.49 -8.60 -27.20
N VAL B 88 25.85 -8.00 -28.21
CA VAL B 88 24.43 -7.62 -28.13
C VAL B 88 23.51 -8.60 -28.87
N MET B 89 23.80 -8.88 -30.13
CA MET B 89 22.95 -9.76 -30.92
C MET B 89 22.81 -11.09 -30.21
N GLY B 90 21.58 -11.47 -29.88
CA GLY B 90 21.31 -12.75 -29.23
C GLY B 90 21.84 -12.84 -27.82
N ALA B 91 21.61 -11.80 -27.02
CA ALA B 91 22.12 -11.73 -25.65
C ALA B 91 21.52 -10.55 -24.86
N CYS B 92 21.51 -9.37 -25.48
CA CYS B 92 21.01 -8.14 -24.86
C CYS B 92 19.84 -7.47 -25.60
N CYS B 93 19.75 -7.63 -26.92
CA CYS B 93 18.72 -6.94 -27.73
C CYS B 93 18.46 -7.59 -29.09
N GLU B 94 17.23 -7.42 -29.59
CA GLU B 94 16.82 -7.92 -30.92
C GLU B 94 16.32 -6.79 -31.82
N ASN B 95 16.25 -7.08 -33.11
CA ASN B 95 15.83 -6.11 -34.14
C ASN B 95 16.58 -4.79 -34.01
N VAL B 96 17.90 -4.87 -33.86
CA VAL B 96 18.70 -3.69 -33.51
C VAL B 96 18.90 -2.74 -34.69
N ILE B 97 18.65 -1.46 -34.43
CA ILE B 97 18.75 -0.41 -35.43
C ILE B 97 19.73 0.69 -35.03
N GLY B 98 20.51 0.46 -33.98
CA GLY B 98 21.46 1.44 -33.48
C GLY B 98 21.66 1.40 -31.97
N TYR B 99 22.01 2.54 -31.40
CA TYR B 99 22.20 2.67 -29.96
C TYR B 99 21.89 4.11 -29.52
N MET B 100 21.31 4.23 -28.33
CA MET B 100 21.00 5.52 -27.75
C MET B 100 22.10 5.90 -26.75
N PRO B 101 22.86 6.96 -27.04
CA PRO B 101 23.89 7.41 -26.11
C PRO B 101 23.27 8.25 -24.99
N ILE B 102 23.52 7.84 -23.75
CA ILE B 102 23.11 8.60 -22.58
C ILE B 102 24.34 9.30 -22.05
N PRO B 103 24.28 10.62 -21.89
CA PRO B 103 25.40 11.34 -21.26
C PRO B 103 25.77 10.70 -19.92
N VAL B 104 27.06 10.60 -19.64
CA VAL B 104 27.54 10.03 -18.38
C VAL B 104 28.35 11.08 -17.64
N GLY B 105 28.11 11.18 -16.34
CA GLY B 105 28.79 12.14 -15.50
C GLY B 105 29.32 11.45 -14.25
N VAL B 106 30.18 12.16 -13.52
CA VAL B 106 30.80 11.61 -12.33
C VAL B 106 30.55 12.51 -11.13
N ALA B 107 30.11 11.89 -10.03
CA ALA B 107 30.00 12.56 -8.75
C ALA B 107 30.92 11.83 -7.78
N GLY B 108 31.84 12.57 -7.19
CA GLY B 108 32.80 11.99 -6.26
C GLY B 108 33.92 12.95 -5.87
N PRO B 109 34.79 12.52 -4.96
CA PRO B 109 34.74 11.19 -4.34
C PRO B 109 33.54 10.95 -3.42
N LEU B 110 33.02 9.72 -3.44
CA LEU B 110 32.02 9.26 -2.49
C LEU B 110 32.76 8.47 -1.43
N CYS B 111 32.84 9.03 -0.23
CA CYS B 111 33.63 8.44 0.85
C CYS B 111 32.78 7.42 1.58
N LEU B 112 33.02 6.16 1.29
CA LEU B 112 32.19 5.06 1.77
C LEU B 112 33.04 3.94 2.33
N ASP B 113 32.89 3.68 3.62
CA ASP B 113 33.60 2.61 4.33
C ASP B 113 35.13 2.77 4.26
N GLU B 114 35.58 4.00 4.52
CA GLU B 114 37.00 4.39 4.45
C GLU B 114 37.63 4.24 3.04
N LYS B 115 36.79 4.11 2.01
CA LYS B 115 37.24 4.07 0.62
C LYS B 115 36.67 5.27 -0.14
N GLU B 116 37.07 5.44 -1.40
CA GLU B 116 36.61 6.56 -2.22
C GLU B 116 36.11 6.06 -3.58
N PHE B 117 34.95 6.53 -4.01
CA PHE B 117 34.32 6.00 -5.21
C PHE B 117 33.94 7.11 -6.19
N GLN B 118 34.51 7.06 -7.39
CA GLN B 118 34.09 7.92 -8.48
C GLN B 118 32.90 7.25 -9.16
N VAL B 119 31.73 7.85 -9.00
CA VAL B 119 30.46 7.17 -9.30
C VAL B 119 29.88 7.62 -10.64
N PRO B 120 29.75 6.68 -11.59
CA PRO B 120 29.23 7.02 -12.92
C PRO B 120 27.71 7.13 -12.88
N MET B 121 27.17 8.06 -13.67
CA MET B 121 25.76 8.43 -13.59
C MET B 121 25.29 8.84 -14.97
N ALA B 122 24.58 7.95 -15.64
CA ALA B 122 24.07 8.22 -16.98
C ALA B 122 22.69 8.82 -16.86
N THR B 123 22.59 10.11 -17.13
CA THR B 123 21.32 10.81 -17.01
C THR B 123 21.16 11.90 -18.08
N THR B 124 19.91 12.30 -18.31
CA THR B 124 19.58 13.43 -19.18
C THR B 124 18.81 14.52 -18.44
N GLU B 125 18.82 14.45 -17.11
CA GLU B 125 18.16 15.45 -16.26
C GLU B 125 19.21 16.43 -15.73
N GLY B 126 19.07 17.70 -16.12
CA GLY B 126 19.96 18.75 -15.67
C GLY B 126 19.98 18.94 -14.16
N CYS B 127 21.20 19.12 -13.64
CA CYS B 127 21.48 19.35 -12.21
C CYS B 127 21.66 18.09 -11.38
N LEU B 128 21.24 16.93 -11.89
CA LEU B 128 21.25 15.71 -11.07
C LEU B 128 22.66 15.26 -10.68
N VAL B 129 23.60 15.36 -11.62
CA VAL B 129 24.97 14.94 -11.36
C VAL B 129 25.71 15.95 -10.49
N ALA B 130 25.41 17.23 -10.66
CA ALA B 130 26.03 18.29 -9.86
C ALA B 130 25.48 18.33 -8.44
N SER B 131 24.18 18.11 -8.31
CA SER B 131 23.55 18.06 -6.99
C SER B 131 24.09 16.87 -6.21
N THR B 132 24.11 15.71 -6.83
CA THR B 132 24.63 14.47 -6.23
C THR B 132 26.09 14.63 -5.79
N ASN B 133 26.87 15.35 -6.60
CA ASN B 133 28.28 15.58 -6.33
C ASN B 133 28.49 16.49 -5.14
N ARG B 134 27.58 17.46 -4.96
CA ARG B 134 27.62 18.32 -3.79
C ARG B 134 27.29 17.55 -2.53
N GLY B 135 26.31 16.66 -2.62
CA GLY B 135 25.96 15.79 -1.51
C GLY B 135 27.12 14.89 -1.13
N CYS B 136 27.93 14.52 -2.12
CA CYS B 136 29.14 13.75 -1.88
C CYS B 136 30.17 14.58 -1.12
N ARG B 137 30.30 15.86 -1.48
CA ARG B 137 31.24 16.77 -0.83
C ARG B 137 30.87 16.95 0.64
N ALA B 138 29.57 17.06 0.92
CA ALA B 138 29.09 17.19 2.29
C ALA B 138 29.43 15.95 3.11
N ILE B 139 29.34 14.78 2.50
CA ILE B 139 29.67 13.53 3.17
C ILE B 139 31.18 13.40 3.41
N GLY B 140 31.98 13.92 2.49
CA GLY B 140 33.42 13.79 2.57
C GLY B 140 34.02 14.67 3.66
N LEU B 141 33.60 15.93 3.71
CA LEU B 141 34.03 16.86 4.75
C LEU B 141 33.38 16.56 6.10
N GLY B 142 32.37 15.68 6.10
CA GLY B 142 31.72 15.25 7.33
C GLY B 142 32.34 14.00 7.95
N GLY B 143 33.50 13.56 7.44
CA GLY B 143 34.18 12.40 7.97
C GLY B 143 33.90 11.10 7.23
N GLY B 144 32.82 11.08 6.45
CA GLY B 144 32.51 9.96 5.57
C GLY B 144 31.26 9.19 5.98
N ALA B 145 30.90 8.22 5.15
CA ALA B 145 29.71 7.40 5.34
C ALA B 145 30.10 5.96 5.61
N SER B 146 29.19 5.21 6.24
CA SER B 146 29.38 3.80 6.50
C SER B 146 28.12 3.01 6.12
N SER B 147 28.30 1.91 5.42
CA SER B 147 27.18 1.04 5.01
C SER B 147 27.38 -0.40 5.45
N ARG B 148 26.26 -1.11 5.58
CA ARG B 148 26.25 -2.55 5.81
C ARG B 148 25.23 -3.21 4.90
N VAL B 149 25.57 -4.36 4.33
CA VAL B 149 24.59 -5.18 3.63
C VAL B 149 23.91 -6.06 4.68
N LEU B 150 22.61 -5.82 4.88
CA LEU B 150 21.81 -6.50 5.90
C LEU B 150 21.29 -7.88 5.45
N ALA B 151 21.07 -8.05 4.15
CA ALA B 151 20.62 -9.33 3.61
C ALA B 151 20.98 -9.46 2.13
N ASP B 152 20.84 -10.66 1.60
CA ASP B 152 21.28 -10.96 0.23
C ASP B 152 20.59 -12.22 -0.30
N GLY B 153 19.89 -12.08 -1.42
CA GLY B 153 19.14 -13.17 -2.02
C GLY B 153 18.09 -12.69 -3.02
N MET B 154 18.33 -12.93 -4.31
CA MET B 154 17.33 -12.67 -5.34
C MET B 154 16.19 -13.66 -5.14
N THR B 155 14.98 -13.28 -5.53
CA THR B 155 13.84 -14.18 -5.36
C THR B 155 13.11 -14.46 -6.66
N ARG B 156 12.36 -15.55 -6.64
CA ARG B 156 11.35 -15.86 -7.63
C ARG B 156 10.14 -16.39 -6.89
N GLY B 157 8.95 -15.96 -7.31
CA GLY B 157 7.73 -16.24 -6.59
C GLY B 157 6.67 -16.91 -7.44
N PRO B 158 6.93 -18.15 -7.87
CA PRO B 158 5.99 -18.90 -8.72
C PRO B 158 4.66 -19.18 -8.04
N VAL B 159 3.62 -19.27 -8.86
CA VAL B 159 2.30 -19.65 -8.40
C VAL B 159 1.99 -21.05 -8.94
N VAL B 160 1.70 -21.97 -8.04
CA VAL B 160 1.22 -23.31 -8.41
C VAL B 160 -0.22 -23.46 -7.95
N ARG B 161 -0.87 -24.53 -8.39
CA ARG B 161 -2.28 -24.76 -8.10
C ARG B 161 -2.48 -26.20 -7.66
N LEU B 162 -3.15 -26.37 -6.52
CA LEU B 162 -3.55 -27.69 -6.07
C LEU B 162 -5.03 -27.85 -6.39
N PRO B 163 -5.53 -29.08 -6.46
CA PRO B 163 -6.94 -29.33 -6.78
C PRO B 163 -7.90 -28.63 -5.81
N ARG B 164 -7.50 -28.57 -4.54
CA ARG B 164 -8.28 -27.95 -3.48
C ARG B 164 -7.38 -27.15 -2.53
N ALA B 165 -8.01 -26.30 -1.72
CA ALA B 165 -7.29 -25.51 -0.73
C ALA B 165 -6.71 -26.39 0.39
N CYS B 166 -7.36 -27.51 0.68
CA CYS B 166 -6.89 -28.45 1.69
C CYS B 166 -5.59 -29.12 1.23
N ASP B 167 -5.41 -29.24 -0.07
CA ASP B 167 -4.19 -29.80 -0.64
C ASP B 167 -3.06 -28.78 -0.67
N SER B 168 -3.38 -27.52 -0.93
CA SER B 168 -2.37 -26.46 -0.94
C SER B 168 -1.82 -26.25 0.47
N ALA B 169 -2.71 -26.37 1.45
CA ALA B 169 -2.31 -26.33 2.86
C ALA B 169 -1.41 -27.50 3.22
N GLU B 170 -1.67 -28.68 2.65
CA GLU B 170 -0.84 -29.85 2.88
C GLU B 170 0.56 -29.64 2.33
N VAL B 171 0.66 -28.99 1.18
CA VAL B 171 1.96 -28.75 0.54
C VAL B 171 2.76 -27.70 1.32
N LYS B 172 2.06 -26.68 1.82
CA LYS B 172 2.68 -25.62 2.62
C LYS B 172 3.31 -26.19 3.89
N ALA B 173 2.56 -27.07 4.57
CA ALA B 173 3.03 -27.71 5.79
C ALA B 173 4.20 -28.66 5.53
N TRP B 174 4.18 -29.30 4.35
CA TRP B 174 5.24 -30.20 3.89
C TRP B 174 6.53 -29.44 3.65
N LEU B 175 6.43 -28.27 3.02
CA LEU B 175 7.57 -27.43 2.70
C LEU B 175 8.19 -26.83 3.96
N GLU B 176 7.38 -26.71 5.02
CA GLU B 176 7.83 -26.15 6.30
C GLU B 176 8.46 -27.20 7.21
N THR B 177 8.24 -28.49 6.92
CA THR B 177 8.99 -29.56 7.59
C THR B 177 10.43 -29.51 7.10
N SER B 178 11.37 -29.85 7.98
CA SER B 178 12.79 -29.78 7.66
C SER B 178 13.25 -30.81 6.64
N GLU B 179 12.50 -31.90 6.50
CA GLU B 179 12.85 -32.98 5.56
C GLU B 179 12.29 -32.69 4.17
N GLY B 180 11.07 -32.18 4.12
CA GLY B 180 10.49 -31.72 2.87
C GLY B 180 11.25 -30.54 2.29
N PHE B 181 11.69 -29.65 3.16
CA PHE B 181 12.50 -28.50 2.75
C PHE B 181 13.89 -28.94 2.30
N ALA B 182 14.42 -29.99 2.91
CA ALA B 182 15.74 -30.53 2.54
C ALA B 182 15.72 -31.11 1.14
N VAL B 183 14.63 -31.81 0.82
CA VAL B 183 14.41 -32.39 -0.51
C VAL B 183 14.42 -31.31 -1.60
N ILE B 184 13.72 -30.21 -1.35
CA ILE B 184 13.58 -29.12 -2.31
C ILE B 184 14.86 -28.28 -2.39
N LYS B 185 15.58 -28.18 -1.27
CA LYS B 185 16.85 -27.45 -1.23
C LYS B 185 17.95 -28.21 -1.97
N GLU B 186 17.82 -29.54 -2.05
CA GLU B 186 18.79 -30.37 -2.76
C GLU B 186 18.62 -30.22 -4.26
N ALA B 187 17.36 -30.28 -4.72
CA ALA B 187 17.04 -30.08 -6.13
C ALA B 187 17.47 -28.70 -6.62
N PHE B 188 17.20 -27.67 -5.81
CA PHE B 188 17.49 -26.28 -6.14
C PHE B 188 18.98 -26.01 -6.23
N ASP B 189 19.71 -26.46 -5.22
CA ASP B 189 21.15 -26.23 -5.12
C ASP B 189 21.93 -26.95 -6.20
N SER B 190 21.36 -28.02 -6.76
CA SER B 190 22.04 -28.83 -7.76
C SER B 190 22.18 -28.18 -9.15
N THR B 191 21.44 -27.09 -9.38
CA THR B 191 21.42 -26.42 -10.69
C THR B 191 22.51 -25.36 -10.89
N SER B 192 23.14 -24.91 -9.81
CA SER B 192 24.23 -23.93 -9.90
C SER B 192 25.09 -23.89 -8.63
N ARG B 193 26.36 -23.53 -8.80
CA ARG B 193 27.34 -23.53 -7.70
C ARG B 193 27.12 -22.42 -6.68
N PHE B 194 26.28 -21.44 -7.02
CA PHE B 194 25.96 -20.34 -6.12
C PHE B 194 24.63 -20.55 -5.42
N ALA B 195 23.84 -21.49 -5.93
CA ALA B 195 22.49 -21.74 -5.46
C ALA B 195 22.49 -22.30 -4.03
N ARG B 196 22.12 -21.46 -3.07
CA ARG B 196 21.89 -21.88 -1.70
C ARG B 196 20.53 -21.41 -1.18
N LEU B 197 19.54 -22.31 -1.23
CA LEU B 197 18.16 -21.96 -0.92
C LEU B 197 17.98 -21.65 0.56
N GLN B 198 17.32 -20.51 0.83
CA GLN B 198 17.06 -20.03 2.18
C GLN B 198 15.64 -20.43 2.59
N LYS B 199 15.27 -20.14 3.84
CA LYS B 199 13.93 -20.43 4.34
C LYS B 199 12.84 -20.02 3.34
N LEU B 200 11.95 -20.95 3.04
CA LEU B 200 10.88 -20.75 2.05
C LEU B 200 9.72 -19.95 2.66
N HIS B 201 9.43 -18.81 2.07
CA HIS B 201 8.28 -18.02 2.45
C HIS B 201 7.11 -18.37 1.53
N THR B 202 5.97 -18.78 2.10
CA THR B 202 4.82 -19.21 1.32
C THR B 202 3.52 -18.54 1.75
N SER B 203 2.59 -18.44 0.80
CA SER B 203 1.30 -17.78 1.02
C SER B 203 0.22 -18.46 0.19
N ILE B 204 -0.90 -18.80 0.82
CA ILE B 204 -2.00 -19.47 0.14
C ILE B 204 -3.09 -18.45 -0.18
N ALA B 205 -3.70 -18.60 -1.36
CA ALA B 205 -4.94 -17.91 -1.69
C ALA B 205 -5.88 -18.93 -2.33
N GLY B 206 -6.69 -19.59 -1.52
CA GLY B 206 -7.56 -20.65 -2.00
C GLY B 206 -6.70 -21.82 -2.41
N ARG B 207 -6.92 -22.33 -3.61
CA ARG B 207 -6.10 -23.44 -4.10
C ARG B 207 -4.79 -23.00 -4.76
N ASN B 208 -4.57 -21.69 -4.85
CA ASN B 208 -3.26 -21.15 -5.19
C ASN B 208 -2.28 -21.29 -4.03
N LEU B 209 -1.02 -21.56 -4.35
CA LEU B 209 0.06 -21.47 -3.39
C LEU B 209 1.21 -20.71 -4.03
N TYR B 210 1.59 -19.60 -3.41
CA TYR B 210 2.69 -18.80 -3.90
C TYR B 210 3.92 -19.19 -3.08
N ILE B 211 5.01 -19.48 -3.77
CA ILE B 211 6.22 -20.04 -3.18
C ILE B 211 7.39 -19.12 -3.52
N ARG B 212 7.93 -18.46 -2.51
CA ARG B 212 8.98 -17.48 -2.68
C ARG B 212 10.33 -18.12 -2.41
N PHE B 213 10.95 -18.62 -3.48
CA PHE B 213 12.33 -19.13 -3.45
C PHE B 213 13.30 -17.97 -3.36
N GLN B 214 14.24 -18.05 -2.42
CA GLN B 214 15.24 -17.01 -2.25
C GLN B 214 16.63 -17.63 -2.12
N SER B 215 17.57 -17.08 -2.88
CA SER B 215 18.94 -17.57 -2.80
C SER B 215 19.94 -16.53 -3.29
N ARG B 216 21.16 -16.62 -2.77
CA ARG B 216 22.29 -15.86 -3.29
C ARG B 216 22.57 -16.33 -4.71
N SER B 217 23.31 -15.54 -5.47
CA SER B 217 23.60 -15.85 -6.86
C SER B 217 24.97 -15.33 -7.30
N GLY B 218 25.93 -15.40 -6.39
CA GLY B 218 27.25 -14.85 -6.65
C GLY B 218 27.18 -13.36 -6.90
N ASP B 219 27.87 -12.91 -7.94
CA ASP B 219 27.86 -11.51 -8.34
C ASP B 219 26.84 -11.24 -9.44
N ALA B 220 26.17 -12.30 -9.92
CA ALA B 220 25.03 -12.14 -10.81
C ALA B 220 23.85 -11.55 -10.04
N MET B 221 23.01 -10.81 -10.76
CA MET B 221 21.79 -10.27 -10.17
C MET B 221 20.90 -11.41 -9.71
N GLY B 222 20.90 -12.52 -10.47
CA GLY B 222 20.36 -13.78 -10.00
C GLY B 222 19.14 -14.34 -10.73
N MET B 223 18.49 -13.55 -11.57
CA MET B 223 17.21 -13.97 -12.16
C MET B 223 17.26 -15.28 -12.95
N ASN B 224 18.27 -15.44 -13.80
CA ASN B 224 18.46 -16.69 -14.56
C ASN B 224 18.74 -17.87 -13.62
N MET B 225 19.60 -17.64 -12.64
CA MET B 225 20.04 -18.68 -11.70
C MET B 225 18.93 -19.14 -10.76
N ILE B 226 18.13 -18.20 -10.29
CA ILE B 226 17.01 -18.49 -9.38
C ILE B 226 15.90 -19.22 -10.14
N SER B 227 15.67 -18.81 -11.38
CA SER B 227 14.63 -19.39 -12.22
C SER B 227 14.95 -20.83 -12.56
N LYS B 228 16.24 -21.12 -12.76
CA LYS B 228 16.73 -22.46 -13.05
C LYS B 228 16.60 -23.36 -11.82
N GLY B 229 16.99 -22.82 -10.67
CA GLY B 229 16.82 -23.50 -9.40
C GLY B 229 15.37 -23.71 -9.05
N THR B 230 14.50 -22.82 -9.50
CA THR B 230 13.06 -22.90 -9.24
C THR B 230 12.41 -23.96 -10.14
N GLU B 231 12.95 -24.12 -11.35
CA GLU B 231 12.44 -25.09 -12.32
C GLU B 231 12.58 -26.51 -11.79
N LYS B 232 13.79 -26.84 -11.34
CA LYS B 232 14.12 -28.17 -10.84
C LYS B 232 13.46 -28.44 -9.50
N ALA B 233 13.32 -27.40 -8.69
CA ALA B 233 12.73 -27.50 -7.36
C ALA B 233 11.24 -27.84 -7.40
N LEU B 234 10.52 -27.25 -8.34
CA LEU B 234 9.09 -27.52 -8.53
C LEU B 234 8.86 -28.88 -9.17
N SER B 235 9.85 -29.33 -9.95
CA SER B 235 9.80 -30.64 -10.61
C SER B 235 9.97 -31.76 -9.59
N LYS B 236 10.65 -31.45 -8.48
CA LYS B 236 10.81 -32.38 -7.38
C LYS B 236 9.56 -32.38 -6.50
N LEU B 237 9.01 -31.20 -6.25
CA LEU B 237 7.76 -31.08 -5.49
C LEU B 237 6.60 -31.83 -6.15
N HIS B 238 6.63 -31.92 -7.49
CA HIS B 238 5.61 -32.60 -8.27
C HIS B 238 5.68 -34.13 -8.14
N GLU B 239 6.87 -34.67 -7.88
CA GLU B 239 7.02 -36.09 -7.55
C GLU B 239 6.29 -36.45 -6.25
N TYR B 240 6.26 -35.50 -5.30
CA TYR B 240 5.54 -35.68 -4.04
C TYR B 240 4.05 -35.28 -4.12
N PHE B 241 3.70 -34.44 -5.09
CA PHE B 241 2.33 -33.94 -5.25
C PHE B 241 2.02 -33.80 -6.74
N PRO B 242 1.76 -34.92 -7.41
CA PRO B 242 1.62 -34.93 -8.88
C PRO B 242 0.37 -34.22 -9.40
N GLU B 243 -0.66 -34.06 -8.57
CA GLU B 243 -1.84 -33.28 -8.95
C GLU B 243 -1.58 -31.77 -9.03
N MET B 244 -0.47 -31.32 -8.44
CA MET B 244 -0.04 -29.92 -8.55
C MET B 244 0.11 -29.48 -10.01
N GLN B 245 -0.31 -28.25 -10.29
CA GLN B 245 -0.23 -27.65 -11.61
C GLN B 245 0.68 -26.44 -11.49
N ILE B 246 1.78 -26.43 -12.25
CA ILE B 246 2.65 -25.26 -12.29
C ILE B 246 2.07 -24.23 -13.27
N LEU B 247 1.38 -23.24 -12.72
CA LEU B 247 0.64 -22.25 -13.52
C LEU B 247 1.56 -21.20 -14.16
N ALA B 248 2.50 -20.66 -13.39
CA ALA B 248 3.43 -19.65 -13.89
C ALA B 248 4.69 -19.59 -13.04
N VAL B 249 5.84 -19.39 -13.68
CA VAL B 249 7.11 -19.34 -12.96
C VAL B 249 7.16 -18.08 -12.10
N SER B 250 6.44 -17.04 -12.53
CA SER B 250 6.18 -15.88 -11.70
C SER B 250 4.68 -15.63 -11.56
N GLY B 251 4.18 -15.80 -10.33
CA GLY B 251 2.85 -15.35 -9.96
C GLY B 251 2.88 -14.00 -9.25
N ASN B 252 3.78 -13.12 -9.69
CA ASN B 252 3.94 -11.77 -9.14
C ASN B 252 4.23 -11.72 -7.63
N TYR B 253 4.74 -12.82 -7.08
CA TYR B 253 5.04 -12.90 -5.65
C TYR B 253 6.52 -12.60 -5.37
N CYS B 254 7.32 -12.52 -6.42
CA CYS B 254 8.77 -12.40 -6.28
C CYS B 254 9.20 -11.23 -5.38
N THR B 255 8.82 -9.98 -5.64
CA THR B 255 8.09 -9.53 -6.83
C THR B 255 9.07 -8.77 -7.72
N ASP B 256 8.96 -8.96 -9.03
CA ASP B 256 9.91 -8.39 -9.98
C ASP B 256 9.30 -7.29 -10.85
N LYS B 257 9.89 -6.09 -10.76
CA LYS B 257 9.53 -4.92 -11.58
C LYS B 257 8.08 -4.41 -11.45
N LYS B 258 7.48 -4.63 -10.27
CA LYS B 258 6.23 -3.97 -9.89
C LYS B 258 6.34 -3.54 -8.41
N PRO B 259 5.63 -2.48 -8.03
CA PRO B 259 5.60 -2.06 -6.62
C PRO B 259 4.94 -3.12 -5.76
N ALA B 260 5.61 -3.56 -4.70
CA ALA B 260 5.10 -4.62 -3.85
C ALA B 260 5.67 -4.52 -2.43
N ALA B 261 4.78 -4.63 -1.44
CA ALA B 261 5.14 -4.51 -0.04
C ALA B 261 6.08 -5.60 0.44
N ILE B 262 6.01 -6.77 -0.21
CA ILE B 262 6.79 -7.94 0.19
C ILE B 262 8.30 -7.70 0.01
N ASN B 263 8.67 -6.99 -1.04
CA ASN B 263 10.05 -6.60 -1.23
C ASN B 263 10.50 -5.63 -0.14
N TRP B 264 9.60 -4.75 0.29
CA TRP B 264 9.88 -3.78 1.35
C TRP B 264 10.09 -4.43 2.74
N ILE B 265 9.40 -5.52 3.01
CA ILE B 265 9.37 -6.15 4.33
C ILE B 265 10.33 -7.34 4.47
N GLU B 266 10.43 -8.14 3.40
CA GLU B 266 11.29 -9.32 3.36
C GLU B 266 12.66 -9.01 2.73
N GLY B 267 12.63 -8.19 1.69
CA GLY B 267 13.83 -7.84 0.94
C GLY B 267 13.88 -8.56 -0.40
N ARG B 268 14.74 -8.09 -1.27
CA ARG B 268 14.99 -8.75 -2.56
C ARG B 268 16.31 -8.22 -3.10
N GLY B 269 17.19 -9.11 -3.52
CA GLY B 269 18.55 -8.73 -3.84
C GLY B 269 19.27 -8.36 -2.55
N LYS B 270 19.84 -7.17 -2.52
CA LYS B 270 20.61 -6.68 -1.37
C LYS B 270 19.82 -5.70 -0.52
N SER B 271 19.63 -6.03 0.76
CA SER B 271 19.16 -5.07 1.74
C SER B 271 20.38 -4.32 2.29
N VAL B 272 20.34 -2.99 2.24
CA VAL B 272 21.50 -2.17 2.58
C VAL B 272 21.07 -0.97 3.39
N VAL B 273 21.93 -0.53 4.30
CA VAL B 273 21.72 0.68 5.06
C VAL B 273 22.99 1.52 5.03
N CYS B 274 22.84 2.82 4.85
CA CYS B 274 23.97 3.74 4.79
C CYS B 274 23.75 4.87 5.78
N GLU B 275 24.83 5.43 6.32
CA GLU B 275 24.69 6.49 7.30
C GLU B 275 25.86 7.46 7.29
N ALA B 276 25.71 8.53 8.04
CA ALA B 276 26.70 9.61 8.09
C ALA B 276 26.26 10.68 9.10
N VAL B 277 27.24 11.33 9.69
CA VAL B 277 26.98 12.52 10.50
C VAL B 277 27.65 13.71 9.80
N ILE B 278 26.86 14.73 9.52
CA ILE B 278 27.31 15.93 8.84
C ILE B 278 27.39 17.05 9.88
N PRO B 279 28.60 17.46 10.26
CA PRO B 279 28.75 18.56 11.22
C PRO B 279 28.00 19.81 10.80
N ALA B 280 27.63 20.65 11.77
CA ALA B 280 26.84 21.85 11.48
C ALA B 280 27.57 22.79 10.53
N LYS B 281 28.90 22.77 10.58
CA LYS B 281 29.75 23.62 9.75
C LYS B 281 29.63 23.22 8.30
N VAL B 282 29.64 21.92 8.04
CA VAL B 282 29.54 21.38 6.69
C VAL B 282 28.14 21.57 6.12
N VAL B 283 27.13 21.43 6.97
CA VAL B 283 25.74 21.67 6.59
C VAL B 283 25.53 23.14 6.22
N ARG B 284 26.32 24.02 6.84
CA ARG B 284 26.22 25.45 6.58
C ARG B 284 26.90 25.87 5.27
N GLU B 285 28.12 25.38 5.06
CA GLU B 285 28.96 25.84 3.95
C GLU B 285 28.72 25.11 2.63
N VAL B 286 28.35 23.82 2.71
CA VAL B 286 28.07 23.00 1.54
C VAL B 286 26.58 22.99 1.20
N LEU B 287 25.74 22.78 2.21
CA LEU B 287 24.30 22.59 2.00
C LEU B 287 23.48 23.89 2.14
N LYS B 288 24.11 24.95 2.65
CA LYS B 288 23.54 26.30 2.66
C LYS B 288 22.26 26.42 3.50
N THR B 289 22.15 25.57 4.51
CA THR B 289 20.97 25.50 5.37
C THR B 289 21.35 24.95 6.76
N THR B 290 20.36 24.78 7.63
CA THR B 290 20.59 24.23 8.97
C THR B 290 20.06 22.81 9.08
N THR B 291 20.55 22.09 10.08
CA THR B 291 20.07 20.76 10.42
C THR B 291 18.59 20.79 10.81
N GLU B 292 18.21 21.81 11.57
CA GLU B 292 16.85 21.99 12.05
C GLU B 292 15.86 22.12 10.89
N ALA B 293 16.19 22.94 9.90
CA ALA B 293 15.34 23.12 8.72
C ALA B 293 15.30 21.83 7.89
N MET B 294 16.41 21.10 7.89
CA MET B 294 16.55 19.91 7.09
C MET B 294 15.70 18.75 7.64
N ILE B 295 15.68 18.61 8.97
CA ILE B 295 14.88 17.58 9.63
C ILE B 295 13.39 17.90 9.52
N GLU B 296 13.06 19.19 9.55
CA GLU B 296 11.66 19.61 9.43
C GLU B 296 11.10 19.24 8.05
N VAL B 297 11.90 19.45 7.00
CA VAL B 297 11.49 19.07 5.65
C VAL B 297 11.37 17.54 5.55
N ASN B 298 12.35 16.81 6.11
CA ASN B 298 12.39 15.35 5.99
C ASN B 298 11.25 14.64 6.70
N ILE B 299 10.96 15.07 7.92
CA ILE B 299 9.85 14.51 8.68
C ILE B 299 8.57 14.75 7.88
N ASN B 300 8.36 15.98 7.44
CA ASN B 300 7.07 16.36 6.87
C ASN B 300 6.92 16.09 5.37
N LYS B 301 8.00 15.72 4.70
CA LYS B 301 7.97 15.36 3.29
C LYS B 301 8.20 13.86 3.12
N ASN B 302 9.38 13.40 3.53
CA ASN B 302 9.78 12.02 3.33
C ASN B 302 9.08 10.98 4.21
N LEU B 303 8.44 11.39 5.31
CA LEU B 303 7.64 10.47 6.12
C LEU B 303 6.17 10.82 6.05
N VAL B 304 5.81 11.99 6.55
CA VAL B 304 4.41 12.41 6.67
C VAL B 304 3.81 12.60 5.30
N GLY B 305 4.47 13.37 4.46
CA GLY B 305 4.04 13.57 3.08
C GLY B 305 3.84 12.26 2.34
N SER B 306 4.81 11.37 2.46
CA SER B 306 4.72 10.05 1.83
C SER B 306 3.53 9.25 2.38
N ALA B 307 3.26 9.40 3.68
CA ALA B 307 2.12 8.75 4.32
C ALA B 307 0.80 9.22 3.73
N MET B 308 0.63 10.53 3.59
CA MET B 308 -0.61 11.10 3.05
C MET B 308 -0.82 10.63 1.60
N ALA B 309 0.30 10.46 0.89
CA ALA B 309 0.28 9.99 -0.48
C ALA B 309 -0.07 8.51 -0.62
N GLY B 310 0.00 7.74 0.45
CA GLY B 310 -0.31 6.33 0.40
C GLY B 310 0.85 5.51 -0.15
N SER B 311 2.06 5.88 0.24
CA SER B 311 3.27 5.28 -0.26
C SER B 311 3.65 4.03 0.52
N ILE B 312 4.07 3.00 -0.21
CA ILE B 312 4.71 1.83 0.36
C ILE B 312 6.14 1.86 -0.13
N GLY B 313 7.07 2.18 0.77
CA GLY B 313 8.50 2.13 0.45
C GLY B 313 9.08 3.35 -0.26
N GLY B 314 8.26 4.36 -0.48
CA GLY B 314 8.69 5.58 -1.15
C GLY B 314 8.86 6.74 -0.18
N TYR B 315 9.52 6.46 0.94
CA TYR B 315 9.73 7.43 2.01
C TYR B 315 11.07 8.16 1.83
N ASN B 316 11.27 8.73 0.64
CA ASN B 316 12.51 9.40 0.25
C ASN B 316 12.26 10.54 -0.73
N ALA B 317 13.33 11.28 -1.08
CA ALA B 317 13.21 12.42 -1.99
C ALA B 317 13.27 11.99 -3.44
N HIS B 318 14.44 11.52 -3.89
CA HIS B 318 14.62 11.07 -5.28
C HIS B 318 15.62 9.91 -5.43
N ALA B 319 15.50 8.90 -4.56
CA ALA B 319 16.30 7.69 -4.68
C ALA B 319 16.30 7.15 -6.11
N ALA B 320 15.16 7.27 -6.78
CA ALA B 320 14.99 6.76 -8.13
C ALA B 320 15.86 7.49 -9.15
N ASN B 321 16.11 8.77 -8.96
CA ASN B 321 17.05 9.50 -9.80
C ASN B 321 18.43 8.87 -9.79
N ILE B 322 18.98 8.68 -8.58
CA ILE B 322 20.35 8.18 -8.43
C ILE B 322 20.44 6.72 -8.86
N VAL B 323 19.52 5.90 -8.34
CA VAL B 323 19.46 4.47 -8.69
C VAL B 323 19.40 4.27 -10.20
N THR B 324 18.53 5.02 -10.86
CA THR B 324 18.36 4.88 -12.31
C THR B 324 19.62 5.26 -13.06
N ALA B 325 20.28 6.34 -12.64
CA ALA B 325 21.45 6.86 -13.34
C ALA B 325 22.62 5.88 -13.25
N ILE B 326 22.87 5.36 -12.05
CA ILE B 326 23.93 4.38 -11.85
C ILE B 326 23.63 3.10 -12.61
N TYR B 327 22.35 2.76 -12.74
CA TYR B 327 21.95 1.50 -13.34
C TYR B 327 22.23 1.48 -14.83
N ILE B 328 21.83 2.54 -15.52
CA ILE B 328 22.05 2.65 -16.96
C ILE B 328 23.56 2.63 -17.25
N ALA B 329 24.31 3.44 -16.53
CA ALA B 329 25.77 3.51 -16.65
C ALA B 329 26.45 2.17 -16.47
N CYS B 330 25.97 1.36 -15.52
CA CYS B 330 26.68 0.15 -15.07
C CYS B 330 26.09 -1.17 -15.57
N GLY B 331 25.25 -1.13 -16.61
CA GLY B 331 24.74 -2.33 -17.23
C GLY B 331 23.70 -3.10 -16.44
N GLN B 332 23.00 -2.40 -15.54
CA GLN B 332 21.90 -3.00 -14.79
C GLN B 332 20.61 -2.94 -15.58
N ASP B 333 19.60 -3.65 -15.10
CA ASP B 333 18.27 -3.60 -15.67
C ASP B 333 17.57 -2.37 -15.10
N ALA B 334 17.37 -1.36 -15.94
CA ALA B 334 16.79 -0.09 -15.51
C ALA B 334 15.35 -0.24 -15.03
N ALA B 335 14.61 -1.20 -15.59
CA ALA B 335 13.23 -1.45 -15.19
C ALA B 335 13.10 -1.91 -13.74
N GLN B 336 14.17 -2.47 -13.19
CA GLN B 336 14.23 -2.88 -11.79
C GLN B 336 14.47 -1.73 -10.83
N ASN B 337 14.44 -0.50 -11.33
CA ASN B 337 14.49 0.68 -10.47
C ASN B 337 13.15 0.86 -9.74
N VAL B 338 12.10 0.21 -10.25
CA VAL B 338 10.80 0.23 -9.61
C VAL B 338 10.93 -0.28 -8.17
N GLY B 339 11.51 -1.47 -8.01
CA GLY B 339 11.73 -2.04 -6.70
C GLY B 339 12.99 -1.56 -6.00
N SER B 340 14.08 -1.42 -6.77
CA SER B 340 15.39 -1.06 -6.22
C SER B 340 15.45 0.34 -5.61
N SER B 341 14.55 1.22 -6.05
CA SER B 341 14.45 2.59 -5.53
C SER B 341 13.84 2.68 -4.15
N ASN B 342 13.21 1.59 -3.69
CA ASN B 342 12.66 1.54 -2.35
C ASN B 342 13.67 2.11 -1.38
N CYS B 343 13.24 3.08 -0.57
CA CYS B 343 14.13 3.78 0.33
C CYS B 343 13.40 4.63 1.36
N ILE B 344 13.82 4.52 2.62
CA ILE B 344 13.34 5.41 3.67
C ILE B 344 14.51 6.26 4.16
N THR B 345 14.38 7.58 4.04
CA THR B 345 15.43 8.51 4.40
C THR B 345 15.10 9.12 5.77
N LEU B 346 16.04 8.96 6.70
CA LEU B 346 15.86 9.44 8.06
C LEU B 346 16.90 10.50 8.39
N MET B 347 16.45 11.56 9.06
CA MET B 347 17.30 12.67 9.48
C MET B 347 16.97 13.07 10.92
N GLU B 348 17.97 12.97 11.80
CA GLU B 348 17.84 13.38 13.19
C GLU B 348 18.93 14.38 13.59
N ALA B 349 18.74 14.99 14.76
CA ALA B 349 19.74 15.88 15.33
C ALA B 349 20.74 15.07 16.15
N SER B 350 22.02 15.29 15.90
CA SER B 350 23.10 14.71 16.70
C SER B 350 24.02 15.83 17.19
N GLY B 351 25.06 15.45 17.92
CA GLY B 351 26.07 16.40 18.34
C GLY B 351 25.65 17.24 19.53
N PRO B 352 26.54 18.13 19.96
CA PRO B 352 26.38 18.84 21.22
C PRO B 352 25.01 19.49 21.41
N THR B 353 24.73 20.57 20.69
CA THR B 353 23.49 21.32 20.84
C THR B 353 22.51 21.00 19.72
N ASN B 354 22.47 19.72 19.34
CA ASN B 354 21.58 19.23 18.28
C ASN B 354 21.64 20.05 16.99
N GLU B 355 22.86 20.32 16.52
CA GLU B 355 23.09 21.06 15.28
C GLU B 355 23.76 20.24 14.17
N ASP B 356 24.36 19.10 14.53
CA ASP B 356 24.82 18.11 13.54
C ASP B 356 23.63 17.37 12.94
N LEU B 357 23.87 16.70 11.83
CA LEU B 357 22.82 16.03 11.08
C LEU B 357 23.16 14.56 10.87
N TYR B 358 22.59 13.69 11.70
CA TYR B 358 22.64 12.26 11.44
C TYR B 358 21.68 11.95 10.29
N ILE B 359 22.20 11.36 9.22
CA ILE B 359 21.37 10.93 8.10
C ILE B 359 21.62 9.45 7.81
N SER B 360 20.56 8.75 7.42
CA SER B 360 20.69 7.38 6.95
C SER B 360 19.66 7.08 5.87
N CYS B 361 20.04 6.29 4.87
CA CYS B 361 19.11 5.75 3.91
C CYS B 361 19.09 4.23 4.03
N THR B 362 17.90 3.66 4.23
CA THR B 362 17.71 2.23 4.27
C THR B 362 17.02 1.76 2.99
N MET B 363 17.68 0.88 2.25
CA MET B 363 17.20 0.39 0.96
C MET B 363 17.15 -1.13 0.99
N PRO B 364 15.99 -1.70 1.28
CA PRO B 364 15.87 -3.15 1.48
C PRO B 364 15.79 -4.03 0.23
N SER B 365 15.73 -3.47 -0.98
CA SER B 365 15.50 -4.30 -2.16
C SER B 365 16.25 -3.87 -3.43
N ILE B 366 17.56 -3.70 -3.29
CA ILE B 366 18.43 -3.33 -4.42
C ILE B 366 18.73 -4.55 -5.27
N GLU B 367 18.25 -4.54 -6.51
CA GLU B 367 18.42 -5.66 -7.44
C GLU B 367 19.55 -5.34 -8.41
N ILE B 368 20.73 -5.91 -8.12
CA ILE B 368 21.97 -5.49 -8.79
C ILE B 368 22.96 -6.63 -9.01
N GLY B 369 23.90 -6.40 -9.92
CA GLY B 369 24.92 -7.38 -10.26
C GLY B 369 26.03 -6.84 -11.14
N THR B 370 27.15 -7.55 -11.19
CA THR B 370 28.33 -7.15 -11.96
C THR B 370 28.71 -8.15 -13.06
N VAL B 371 27.95 -9.23 -13.17
CA VAL B 371 28.07 -10.18 -14.28
C VAL B 371 26.69 -10.47 -14.88
N GLY B 372 26.64 -10.64 -16.21
CA GLY B 372 25.41 -10.92 -16.91
C GLY B 372 24.68 -9.66 -17.34
N GLY B 373 23.77 -9.80 -18.30
CA GLY B 373 22.99 -8.68 -18.80
C GLY B 373 23.85 -7.67 -19.53
N GLY B 374 23.56 -6.39 -19.34
CA GLY B 374 24.33 -5.31 -19.94
C GLY B 374 25.73 -5.14 -19.39
N THR B 375 26.05 -5.80 -18.27
CA THR B 375 27.41 -5.74 -17.71
C THR B 375 28.42 -6.61 -18.48
N ASN B 376 27.97 -7.32 -19.51
CA ASN B 376 28.87 -8.03 -20.42
C ASN B 376 29.35 -7.11 -21.53
N LEU B 377 28.74 -5.93 -21.65
CA LEU B 377 29.09 -4.96 -22.68
C LEU B 377 30.23 -4.08 -22.18
N LEU B 378 31.23 -3.85 -23.02
CA LEU B 378 32.48 -3.21 -22.63
C LEU B 378 32.35 -1.79 -22.08
N PRO B 379 31.48 -0.96 -22.67
CA PRO B 379 31.26 0.40 -22.13
C PRO B 379 30.63 0.40 -20.73
N GLN B 380 29.68 -0.51 -20.51
CA GLN B 380 29.04 -0.65 -19.20
C GLN B 380 30.06 -1.22 -18.21
N GLN B 381 31.01 -2.01 -18.72
CA GLN B 381 32.09 -2.58 -17.91
C GLN B 381 33.09 -1.49 -17.49
N ALA B 382 33.26 -0.49 -18.34
CA ALA B 382 34.16 0.62 -18.05
C ALA B 382 33.69 1.36 -16.79
N CYS B 383 32.39 1.56 -16.69
CA CYS B 383 31.81 2.21 -15.51
C CYS B 383 31.93 1.34 -14.26
N LEU B 384 31.82 0.03 -14.43
CA LEU B 384 31.97 -0.89 -13.30
C LEU B 384 33.42 -0.93 -12.82
N GLN B 385 34.36 -0.69 -13.74
CA GLN B 385 35.78 -0.67 -13.39
C GLN B 385 36.15 0.61 -12.62
N MET B 386 35.42 1.71 -12.84
CA MET B 386 35.59 2.93 -12.06
C MET B 386 35.51 2.63 -10.56
N LEU B 387 34.56 1.77 -10.19
CA LEU B 387 34.28 1.47 -8.80
C LEU B 387 35.01 0.22 -8.29
N GLY B 388 35.75 -0.44 -9.17
CA GLY B 388 36.51 -1.62 -8.80
C GLY B 388 35.63 -2.82 -8.50
N VAL B 389 34.49 -2.92 -9.20
CA VAL B 389 33.51 -3.97 -8.95
C VAL B 389 33.07 -4.71 -10.20
N GLN B 390 33.82 -4.58 -11.29
CA GLN B 390 33.46 -5.24 -12.54
C GLN B 390 33.72 -6.73 -12.42
N GLY B 391 32.89 -7.52 -13.10
CA GLY B 391 33.10 -8.96 -13.19
C GLY B 391 32.85 -9.68 -11.88
N ALA B 392 33.32 -10.92 -11.81
CA ALA B 392 33.12 -11.76 -10.66
C ALA B 392 34.32 -11.69 -9.72
N CYS B 393 34.09 -12.02 -8.46
CA CYS B 393 35.13 -12.14 -7.47
C CYS B 393 35.41 -13.61 -7.23
N LYS B 394 36.62 -14.07 -7.54
CA LYS B 394 36.99 -15.48 -7.34
C LYS B 394 37.23 -15.76 -5.85
N ASP B 395 37.90 -14.81 -5.18
CA ASP B 395 38.32 -14.97 -3.79
C ASP B 395 37.11 -15.01 -2.86
N ASN B 396 36.28 -13.98 -2.97
CA ASN B 396 35.16 -13.76 -2.07
C ASN B 396 33.89 -13.52 -2.90
N PRO B 397 33.18 -14.59 -3.28
CA PRO B 397 32.03 -14.47 -4.17
C PRO B 397 30.91 -13.58 -3.62
N GLY B 398 30.48 -12.62 -4.44
CA GLY B 398 29.41 -11.69 -4.07
C GLY B 398 29.93 -10.31 -3.67
N GLU B 399 31.22 -10.21 -3.38
CA GLU B 399 31.82 -8.96 -2.91
C GLU B 399 31.61 -7.77 -3.86
N ASN B 400 31.72 -7.99 -5.17
CA ASN B 400 31.56 -6.90 -6.15
C ASN B 400 30.14 -6.36 -6.21
N ALA B 401 29.16 -7.26 -6.34
CA ALA B 401 27.74 -6.89 -6.39
C ALA B 401 27.26 -6.29 -5.06
N ARG B 402 27.79 -6.79 -3.95
CA ARG B 402 27.52 -6.22 -2.62
C ARG B 402 28.12 -4.81 -2.52
N GLN B 403 29.30 -4.62 -3.10
CA GLN B 403 29.99 -3.34 -3.10
C GLN B 403 29.24 -2.30 -3.94
N LEU B 404 28.65 -2.74 -5.05
CA LEU B 404 27.91 -1.84 -5.93
C LEU B 404 26.58 -1.45 -5.29
N ALA B 405 26.00 -2.37 -4.52
CA ALA B 405 24.76 -2.11 -3.79
C ALA B 405 25.00 -1.13 -2.63
N ARG B 406 26.14 -1.26 -1.97
CA ARG B 406 26.53 -0.31 -0.93
C ARG B 406 26.78 1.06 -1.55
N ILE B 407 27.33 1.09 -2.76
CA ILE B 407 27.63 2.35 -3.47
C ILE B 407 26.33 3.01 -3.96
N VAL B 408 25.36 2.21 -4.39
CA VAL B 408 24.08 2.75 -4.83
C VAL B 408 23.34 3.41 -3.66
N CYS B 409 23.49 2.84 -2.46
CA CYS B 409 22.83 3.36 -1.25
C CYS B 409 23.51 4.64 -0.77
N GLY B 410 24.83 4.65 -0.74
CA GLY B 410 25.59 5.80 -0.30
C GLY B 410 25.46 6.98 -1.23
N THR B 411 25.25 6.71 -2.52
CA THR B 411 25.09 7.74 -3.51
C THR B 411 23.65 8.25 -3.51
N VAL B 412 22.70 7.39 -3.17
CA VAL B 412 21.33 7.84 -2.97
C VAL B 412 21.33 8.85 -1.82
N MET B 413 22.04 8.52 -0.75
CA MET B 413 22.11 9.39 0.43
C MET B 413 22.81 10.71 0.12
N ALA B 414 23.72 10.70 -0.84
CA ALA B 414 24.37 11.93 -1.31
C ALA B 414 23.34 12.82 -2.00
N GLY B 415 22.53 12.22 -2.86
CA GLY B 415 21.46 12.92 -3.56
C GLY B 415 20.33 13.35 -2.64
N GLU B 416 20.13 12.62 -1.54
CA GLU B 416 19.11 13.00 -0.57
C GLU B 416 19.54 14.26 0.17
N LEU B 417 20.78 14.26 0.65
CA LEU B 417 21.33 15.42 1.34
C LEU B 417 21.18 16.69 0.53
N SER B 418 21.54 16.59 -0.75
CA SER B 418 21.63 17.76 -1.63
C SER B 418 20.26 18.27 -2.01
N LEU B 419 19.41 17.37 -2.51
CA LEU B 419 18.04 17.78 -2.88
C LEU B 419 17.29 18.35 -1.68
N MET B 420 17.37 17.69 -0.54
CA MET B 420 16.67 18.13 0.66
C MET B 420 17.19 19.48 1.19
N ALA B 421 18.47 19.74 0.98
CA ALA B 421 19.07 21.01 1.36
C ALA B 421 18.51 22.13 0.50
N ALA B 422 18.36 21.87 -0.80
CA ALA B 422 17.84 22.84 -1.77
C ALA B 422 16.38 23.17 -1.53
N LEU B 423 15.60 22.19 -1.08
CA LEU B 423 14.20 22.42 -0.77
C LEU B 423 14.08 23.20 0.54
N ALA B 424 15.00 22.94 1.46
CA ALA B 424 15.00 23.56 2.77
C ALA B 424 15.38 25.04 2.67
N ALA B 425 16.23 25.36 1.70
CA ALA B 425 16.78 26.71 1.56
C ALA B 425 15.86 27.65 0.77
N GLY B 426 14.72 27.13 0.31
CA GLY B 426 13.69 27.93 -0.33
C GLY B 426 13.68 27.88 -1.85
N HIS B 427 14.51 27.01 -2.46
CA HIS B 427 14.46 26.81 -3.90
C HIS B 427 13.21 26.01 -4.23
N LEU B 428 12.38 26.53 -5.12
CA LEU B 428 11.19 25.81 -5.62
C LEU B 428 11.32 25.47 -7.10
N VAL B 429 12.39 25.97 -7.72
CA VAL B 429 12.67 25.72 -9.13
C VAL B 429 14.14 25.35 -9.27
N LYS B 430 14.47 24.58 -10.31
CA LYS B 430 15.86 24.32 -10.68
C LYS B 430 16.52 25.63 -11.12
N SER B 431 17.71 25.89 -10.61
CA SER B 431 18.48 27.08 -11.00
C SER B 431 19.76 26.67 -11.76
N PRO C 10 -26.64 16.29 57.62
CA PRO C 10 -25.44 16.76 58.38
C PRO C 10 -24.13 16.28 57.74
N ASN C 11 -23.17 17.19 57.55
CA ASN C 11 -21.90 16.88 56.89
C ASN C 11 -20.92 16.12 57.81
N GLU C 12 -20.64 16.72 58.95
CA GLU C 12 -19.60 16.23 59.86
C GLU C 12 -19.97 14.91 60.55
N GLU C 13 -21.26 14.64 60.68
CA GLU C 13 -21.74 13.40 61.29
C GLU C 13 -21.40 12.19 60.41
N CYS C 14 -21.52 12.37 59.10
CA CYS C 14 -21.35 11.28 58.14
C CYS C 14 -19.90 10.78 57.96
N LEU C 15 -18.92 11.63 58.27
CA LEU C 15 -17.52 11.25 58.24
C LEU C 15 -17.16 10.27 59.37
N GLN C 16 -17.76 10.48 60.54
CA GLN C 16 -17.52 9.64 61.72
C GLN C 16 -17.94 8.18 61.48
N ILE C 17 -18.99 8.00 60.69
CA ILE C 17 -19.56 6.68 60.42
C ILE C 17 -18.76 5.91 59.36
N LEU C 18 -17.93 6.62 58.60
CA LEU C 18 -17.11 6.02 57.53
C LEU C 18 -16.05 5.03 58.02
N GLY C 19 -15.71 5.07 59.31
CA GLY C 19 -14.70 4.19 59.89
C GLY C 19 -15.22 2.88 60.49
N ASN C 20 -16.40 2.93 61.11
CA ASN C 20 -16.99 1.77 61.78
C ASN C 20 -17.14 0.57 60.85
N GLY C 24 -20.09 1.88 58.77
CA GLY C 24 -19.40 1.75 57.50
C GLY C 24 -19.98 2.67 56.42
N ALA C 25 -19.77 2.28 55.16
CA ALA C 25 -20.33 3.01 54.03
C ALA C 25 -21.81 2.69 53.82
N LYS C 26 -22.23 1.51 54.26
CA LYS C 26 -23.61 1.05 54.09
C LYS C 26 -24.58 1.69 55.10
N PHE C 27 -24.05 2.40 56.09
CA PHE C 27 -24.87 3.16 57.04
C PHE C 27 -24.96 4.64 56.66
N LEU C 28 -24.60 4.94 55.42
CA LEU C 28 -24.79 6.26 54.82
C LEU C 28 -25.59 6.09 53.53
N SER C 29 -26.63 6.90 53.35
CA SER C 29 -27.45 6.83 52.14
C SER C 29 -26.70 7.36 50.91
N ASP C 30 -27.31 7.19 49.74
CA ASP C 30 -26.73 7.67 48.49
C ASP C 30 -26.60 9.19 48.46
N ALA C 31 -27.59 9.89 49.05
CA ALA C 31 -27.59 11.34 49.09
C ALA C 31 -26.54 11.90 50.05
N GLU C 32 -26.23 11.13 51.09
CA GLU C 32 -25.29 11.56 52.14
C GLU C 32 -23.83 11.40 51.70
N ILE C 33 -23.54 10.37 50.92
CA ILE C 33 -22.20 10.16 50.37
C ILE C 33 -21.91 11.21 49.30
N ILE C 34 -22.91 11.49 48.46
CA ILE C 34 -22.77 12.46 47.36
C ILE C 34 -22.59 13.89 47.86
N GLN C 35 -23.18 14.23 49.01
CA GLN C 35 -22.98 15.54 49.60
C GLN C 35 -21.56 15.65 50.16
N LEU C 36 -21.04 14.53 50.65
CA LEU C 36 -19.67 14.47 51.15
C LEU C 36 -18.62 14.66 50.06
N VAL C 37 -18.97 14.35 48.82
CA VAL C 37 -18.06 14.54 47.68
C VAL C 37 -18.14 15.96 47.14
N ASN C 38 -19.34 16.52 47.08
CA ASN C 38 -19.58 17.82 46.45
C ASN C 38 -19.04 19.01 47.27
N ALA C 39 -19.05 18.87 48.59
CA ALA C 39 -18.22 19.67 49.48
C ALA C 39 -17.06 18.76 49.86
N LYS C 40 -15.87 19.06 49.31
CA LYS C 40 -14.78 18.08 49.28
C LYS C 40 -14.19 17.75 50.66
N HIS C 41 -14.82 16.77 51.32
CA HIS C 41 -14.26 16.12 52.50
C HIS C 41 -13.44 14.91 52.04
N ILE C 42 -13.91 14.29 50.97
CA ILE C 42 -13.25 13.13 50.37
C ILE C 42 -13.14 13.32 48.83
N PRO C 43 -11.99 12.97 48.24
CA PRO C 43 -11.85 13.03 46.78
C PRO C 43 -12.74 12.04 46.00
N ALA C 44 -12.67 12.11 44.67
CA ALA C 44 -13.55 11.34 43.78
C ALA C 44 -13.09 9.89 43.60
N TYR C 45 -11.78 9.67 43.63
CA TYR C 45 -11.21 8.35 43.34
C TYR C 45 -11.41 7.28 44.44
N LYS C 46 -11.96 7.67 45.59
CA LYS C 46 -12.14 6.75 46.72
C LYS C 46 -13.54 6.11 46.75
N LEU C 47 -14.00 5.63 45.60
CA LEU C 47 -15.27 4.90 45.48
C LEU C 47 -15.08 3.41 45.18
N GLU C 48 -13.95 3.06 44.56
CA GLU C 48 -13.64 1.67 44.22
C GLU C 48 -13.59 0.75 45.45
N THR C 49 -13.21 1.32 46.59
CA THR C 49 -13.02 0.56 47.82
C THR C 49 -14.12 0.82 48.84
N LEU C 50 -14.30 2.08 49.21
CA LEU C 50 -15.15 2.46 50.35
C LEU C 50 -16.58 1.94 50.23
N ILE C 51 -17.17 2.06 49.04
CA ILE C 51 -18.50 1.51 48.79
C ILE C 51 -18.38 -0.02 48.75
N GLU C 52 -19.18 -0.69 49.58
CA GLU C 52 -18.97 -2.11 49.90
C GLU C 52 -19.28 -3.07 48.74
N THR C 53 -20.16 -2.66 47.81
CA THR C 53 -20.58 -3.50 46.70
C THR C 53 -20.25 -2.85 45.35
N HIS C 54 -20.12 -3.67 44.31
CA HIS C 54 -19.77 -3.19 42.97
C HIS C 54 -20.93 -2.47 42.27
N GLU C 55 -22.14 -3.00 42.41
CA GLU C 55 -23.32 -2.45 41.74
C GLU C 55 -23.71 -1.05 42.25
N ARG C 56 -23.47 -0.80 43.53
CA ARG C 56 -23.82 0.47 44.16
C ARG C 56 -22.72 1.53 43.93
N GLY C 57 -21.49 1.09 43.70
CA GLY C 57 -20.41 1.98 43.34
C GLY C 57 -20.61 2.53 41.94
N VAL C 58 -21.16 1.69 41.06
CA VAL C 58 -21.54 2.10 39.71
C VAL C 58 -22.70 3.10 39.80
N SER C 59 -23.63 2.85 40.72
CA SER C 59 -24.82 3.67 40.89
C SER C 59 -24.50 5.11 41.33
N ILE C 60 -23.57 5.26 42.27
CA ILE C 60 -23.16 6.59 42.74
C ILE C 60 -22.37 7.33 41.66
N ARG C 61 -21.59 6.61 40.86
CA ARG C 61 -20.84 7.20 39.75
C ARG C 61 -21.80 7.80 38.70
N ARG C 62 -22.90 7.09 38.43
CA ARG C 62 -23.90 7.55 37.48
C ARG C 62 -24.67 8.76 37.99
N GLN C 63 -24.79 8.86 39.31
CA GLN C 63 -25.46 9.98 39.94
C GLN C 63 -24.55 11.20 39.94
N LEU C 64 -23.26 10.97 40.16
CA LEU C 64 -22.25 12.04 40.10
C LEU C 64 -22.12 12.57 38.69
N LEU C 65 -22.20 11.66 37.72
CA LEU C 65 -22.06 12.00 36.31
C LEU C 65 -23.30 12.73 35.79
N SER C 66 -24.45 12.32 36.28
CA SER C 66 -25.74 12.86 35.86
C SER C 66 -25.87 14.37 36.11
N LYS C 67 -25.25 14.86 37.17
CA LYS C 67 -25.28 16.30 37.50
C LYS C 67 -24.38 17.14 36.59
N LYS C 68 -23.35 16.53 36.02
CA LYS C 68 -22.42 17.23 35.12
C LYS C 68 -22.88 17.27 33.65
N LEU C 69 -24.01 16.64 33.34
CA LEU C 69 -24.50 16.59 31.96
C LEU C 69 -25.54 17.67 31.70
N SER C 70 -25.54 18.22 30.49
CA SER C 70 -26.52 19.24 30.11
C SER C 70 -27.96 18.68 30.11
N GLU C 71 -28.09 17.38 29.91
CA GLU C 71 -29.37 16.68 30.09
C GLU C 71 -29.19 15.65 31.22
N PRO C 72 -29.61 15.99 32.43
CA PRO C 72 -29.39 15.11 33.60
C PRO C 72 -30.23 13.82 33.62
N SER C 73 -31.12 13.63 32.65
CA SER C 73 -31.82 12.36 32.49
C SER C 73 -31.22 11.54 31.34
N SER C 74 -29.92 11.70 31.11
CA SER C 74 -29.27 11.07 29.95
C SER C 74 -29.18 9.56 30.11
N LEU C 75 -28.91 9.12 31.33
CA LEU C 75 -28.55 7.72 31.60
C LEU C 75 -29.72 6.84 32.05
N GLN C 76 -30.94 7.37 31.97
CA GLN C 76 -32.11 6.62 32.44
C GLN C 76 -32.28 5.27 31.74
N TYR C 77 -31.91 5.18 30.45
CA TYR C 77 -32.14 3.96 29.67
C TYR C 77 -30.85 3.18 29.38
N LEU C 78 -29.74 3.62 29.97
CA LEU C 78 -28.52 2.81 30.00
C LEU C 78 -28.62 1.83 31.18
N PRO C 79 -28.71 0.53 30.91
CA PRO C 79 -28.89 -0.45 31.98
C PRO C 79 -27.61 -0.61 32.80
N TYR C 80 -27.77 -1.05 34.04
CA TYR C 80 -26.64 -1.28 34.96
C TYR C 80 -26.92 -2.35 36.04
N ARG C 81 -28.18 -2.48 36.45
CA ARG C 81 -28.55 -3.42 37.52
C ARG C 81 -28.44 -4.87 37.07
N ASP C 82 -28.27 -5.76 38.06
CA ASP C 82 -28.31 -7.21 37.84
C ASP C 82 -27.32 -7.66 36.76
N TYR C 83 -26.06 -7.28 36.93
CA TYR C 83 -24.98 -7.73 36.05
C TYR C 83 -23.72 -8.01 36.88
N ASN C 84 -22.97 -9.02 36.45
CA ASN C 84 -21.76 -9.43 37.15
C ASN C 84 -20.60 -8.46 36.90
N TYR C 85 -20.44 -7.49 37.80
CA TYR C 85 -19.39 -6.49 37.68
C TYR C 85 -18.06 -6.95 38.27
N SER C 86 -18.05 -8.06 39.00
CA SER C 86 -16.86 -8.52 39.73
C SER C 86 -15.79 -9.06 38.78
N LEU C 87 -16.23 -9.65 37.66
CA LEU C 87 -15.31 -10.10 36.62
C LEU C 87 -14.91 -8.96 35.67
N VAL C 88 -15.56 -7.79 35.80
CA VAL C 88 -15.26 -6.61 34.98
C VAL C 88 -14.28 -5.64 35.64
N MET C 89 -14.36 -5.46 36.96
CA MET C 89 -13.56 -4.47 37.66
C MET C 89 -12.09 -4.90 37.78
N GLY C 90 -11.18 -4.03 37.36
CA GLY C 90 -9.76 -4.27 37.46
C GLY C 90 -9.23 -5.34 36.51
N ALA C 91 -9.90 -5.50 35.36
CA ALA C 91 -9.46 -6.46 34.33
C ALA C 91 -10.01 -6.15 32.93
N CYS C 92 -11.29 -5.79 32.85
CA CYS C 92 -11.96 -5.57 31.56
C CYS C 92 -12.39 -4.12 31.30
N CYS C 93 -12.60 -3.33 32.36
CA CYS C 93 -13.12 -1.97 32.22
C CYS C 93 -12.95 -1.13 33.50
N GLU C 94 -12.94 0.19 33.34
CA GLU C 94 -12.89 1.13 34.48
C GLU C 94 -13.88 2.30 34.31
N ASN C 95 -14.12 3.01 35.41
CA ASN C 95 -15.11 4.10 35.47
C ASN C 95 -16.46 3.64 34.93
N VAL C 96 -16.90 2.47 35.40
CA VAL C 96 -18.05 1.78 34.81
C VAL C 96 -19.37 2.45 35.21
N ILE C 97 -20.21 2.73 34.22
CA ILE C 97 -21.51 3.38 34.44
C ILE C 97 -22.69 2.52 33.96
N GLY C 98 -22.41 1.29 33.55
CA GLY C 98 -23.44 0.40 33.05
C GLY C 98 -22.90 -0.57 32.02
N TYR C 99 -23.82 -1.12 31.22
CA TYR C 99 -23.46 -1.98 30.10
C TYR C 99 -24.33 -1.65 28.88
N MET C 100 -23.88 -2.11 27.72
CA MET C 100 -24.52 -1.81 26.44
C MET C 100 -24.97 -3.10 25.76
N PRO C 101 -26.29 -3.36 25.77
CA PRO C 101 -26.83 -4.55 25.13
C PRO C 101 -26.71 -4.50 23.61
N ILE C 102 -25.99 -5.48 23.04
CA ILE C 102 -25.94 -5.64 21.59
C ILE C 102 -26.72 -6.90 21.25
N PRO C 103 -27.78 -6.78 20.45
CA PRO C 103 -28.58 -7.95 20.05
C PRO C 103 -27.71 -9.07 19.51
N VAL C 104 -27.91 -10.30 19.99
CA VAL C 104 -27.26 -11.48 19.43
C VAL C 104 -28.28 -12.25 18.59
N GLY C 105 -27.99 -12.42 17.31
CA GLY C 105 -28.74 -13.29 16.44
C GLY C 105 -27.93 -14.55 16.22
N VAL C 106 -28.47 -15.50 15.47
CA VAL C 106 -27.78 -16.77 15.24
C VAL C 106 -27.87 -17.24 13.79
N ALA C 107 -26.73 -17.59 13.22
CA ALA C 107 -26.63 -18.09 11.86
C ALA C 107 -26.10 -19.53 11.89
N GLY C 108 -26.94 -20.47 11.48
CA GLY C 108 -26.54 -21.85 11.35
C GLY C 108 -27.64 -22.75 10.79
N PRO C 109 -27.38 -24.05 10.65
CA PRO C 109 -26.09 -24.66 10.97
C PRO C 109 -25.00 -24.37 9.94
N LEU C 110 -23.77 -24.22 10.41
CA LEU C 110 -22.60 -24.04 9.54
C LEU C 110 -21.84 -25.35 9.50
N CYS C 111 -21.85 -25.98 8.34
CA CYS C 111 -21.24 -27.30 8.17
C CYS C 111 -19.77 -27.14 7.84
N LEU C 112 -18.94 -27.21 8.87
CA LEU C 112 -17.50 -26.99 8.75
C LEU C 112 -16.70 -28.17 9.30
N ASP C 113 -15.92 -28.82 8.43
CA ASP C 113 -15.08 -29.96 8.80
C ASP C 113 -15.87 -31.06 9.52
N GLU C 114 -16.78 -31.70 8.80
CA GLU C 114 -17.58 -32.81 9.32
C GLU C 114 -18.41 -32.49 10.58
N LYS C 115 -18.67 -31.21 10.82
CA LYS C 115 -19.39 -30.78 12.02
C LYS C 115 -20.47 -29.75 11.69
N GLU C 116 -21.29 -29.43 12.70
CA GLU C 116 -22.26 -28.34 12.59
C GLU C 116 -22.04 -27.32 13.70
N PHE C 117 -22.25 -26.05 13.36
CA PHE C 117 -22.04 -24.94 14.28
C PHE C 117 -23.19 -23.93 14.22
N GLN C 118 -23.60 -23.44 15.38
CA GLN C 118 -24.58 -22.38 15.50
C GLN C 118 -23.80 -21.17 15.94
N VAL C 119 -23.72 -20.17 15.08
CA VAL C 119 -22.74 -19.10 15.24
C VAL C 119 -23.38 -17.85 15.83
N PRO C 120 -22.93 -17.42 17.00
CA PRO C 120 -23.46 -16.19 17.61
C PRO C 120 -22.88 -14.95 16.93
N MET C 121 -23.72 -13.93 16.76
CA MET C 121 -23.32 -12.70 16.08
C MET C 121 -23.96 -11.47 16.73
N ALA C 122 -23.17 -10.72 17.48
CA ALA C 122 -23.64 -9.50 18.15
C ALA C 122 -23.57 -8.29 17.22
N THR C 123 -24.71 -7.89 16.67
CA THR C 123 -24.75 -6.79 15.71
C THR C 123 -26.03 -5.95 15.80
N THR C 124 -25.92 -4.67 15.43
CA THR C 124 -27.08 -3.80 15.27
C THR C 124 -27.34 -3.44 13.80
N GLU C 125 -26.82 -4.26 12.88
CA GLU C 125 -27.02 -4.05 11.44
C GLU C 125 -28.05 -5.03 10.88
N GLY C 126 -29.16 -4.47 10.38
CA GLY C 126 -30.23 -5.28 9.82
C GLY C 126 -29.77 -6.11 8.64
N CYS C 127 -30.33 -7.32 8.56
CA CYS C 127 -30.10 -8.27 7.45
C CYS C 127 -28.76 -8.99 7.45
N LEU C 128 -27.86 -8.67 8.37
CA LEU C 128 -26.53 -9.28 8.38
C LEU C 128 -26.57 -10.72 8.86
N VAL C 129 -27.32 -10.99 9.92
CA VAL C 129 -27.45 -12.35 10.44
C VAL C 129 -28.28 -13.18 9.49
N ALA C 130 -29.39 -12.62 9.02
CA ALA C 130 -30.27 -13.27 8.04
C ALA C 130 -29.53 -13.61 6.75
N SER C 131 -28.63 -12.73 6.33
CA SER C 131 -27.84 -12.96 5.12
C SER C 131 -26.71 -13.94 5.38
N THR C 132 -26.08 -13.85 6.54
CA THR C 132 -25.02 -14.79 6.93
C THR C 132 -25.59 -16.21 7.03
N ASN C 133 -26.85 -16.29 7.45
CA ASN C 133 -27.56 -17.54 7.61
C ASN C 133 -27.92 -18.18 6.27
N ARG C 134 -28.26 -17.35 5.27
CA ARG C 134 -28.55 -17.86 3.93
C ARG C 134 -27.31 -18.46 3.28
N GLY C 135 -26.16 -17.85 3.54
CA GLY C 135 -24.89 -18.36 3.07
C GLY C 135 -24.56 -19.72 3.66
N CYS C 136 -24.97 -19.94 4.91
CA CYS C 136 -24.80 -21.25 5.55
C CYS C 136 -25.66 -22.29 4.86
N ARG C 137 -26.88 -21.89 4.48
CA ARG C 137 -27.84 -22.78 3.85
C ARG C 137 -27.30 -23.28 2.52
N ALA C 138 -26.68 -22.39 1.75
CA ALA C 138 -26.06 -22.75 0.47
C ALA C 138 -24.86 -23.68 0.67
N ILE C 139 -24.06 -23.39 1.69
CA ILE C 139 -22.89 -24.21 2.03
C ILE C 139 -23.33 -25.60 2.51
N GLY C 140 -24.40 -25.67 3.29
CA GLY C 140 -24.91 -26.93 3.82
C GLY C 140 -25.40 -27.85 2.73
N LEU C 141 -26.10 -27.27 1.75
CA LEU C 141 -26.62 -28.01 0.59
C LEU C 141 -25.55 -28.26 -0.48
N GLY C 142 -24.35 -27.73 -0.28
CA GLY C 142 -23.23 -27.99 -1.17
C GLY C 142 -22.29 -29.07 -0.64
N GLY C 143 -22.59 -29.60 0.54
CA GLY C 143 -21.83 -30.67 1.15
C GLY C 143 -20.76 -30.20 2.14
N GLY C 144 -20.98 -29.04 2.74
CA GLY C 144 -20.09 -28.52 3.76
C GLY C 144 -18.82 -27.84 3.26
N ALA C 145 -18.26 -27.00 4.12
CA ALA C 145 -16.99 -26.33 3.89
C ALA C 145 -15.87 -27.09 4.57
N SER C 146 -14.64 -26.83 4.14
CA SER C 146 -13.44 -27.36 4.80
C SER C 146 -12.50 -26.20 5.14
N SER C 147 -11.59 -26.42 6.09
CA SER C 147 -10.65 -25.38 6.50
C SER C 147 -9.42 -25.94 7.18
N ARG C 148 -8.34 -25.16 7.15
CA ARG C 148 -7.06 -25.53 7.73
C ARG C 148 -6.39 -24.30 8.32
N VAL C 149 -5.88 -24.41 9.55
CA VAL C 149 -5.03 -23.39 10.13
C VAL C 149 -3.60 -23.59 9.60
N LEU C 150 -3.16 -22.64 8.80
CA LEU C 150 -1.88 -22.73 8.12
C LEU C 150 -0.75 -22.19 8.99
N ALA C 151 -1.10 -21.34 9.95
CA ALA C 151 -0.10 -20.75 10.86
C ALA C 151 -0.75 -20.27 12.14
N ASP C 152 0.05 -20.21 13.19
CA ASP C 152 -0.42 -19.72 14.49
C ASP C 152 0.75 -19.08 15.21
N GLY C 153 0.53 -17.86 15.69
CA GLY C 153 1.57 -17.11 16.37
C GLY C 153 1.26 -15.63 16.48
N MET C 154 0.85 -15.22 17.67
CA MET C 154 0.70 -13.81 17.99
C MET C 154 2.09 -13.14 17.94
N THR C 155 2.13 -11.89 17.46
CA THR C 155 3.40 -11.16 17.43
C THR C 155 3.40 -9.90 18.28
N ARG C 156 4.61 -9.48 18.67
CA ARG C 156 4.88 -8.14 19.17
C ARG C 156 6.08 -7.62 18.37
N GLY C 157 6.08 -6.34 18.03
CA GLY C 157 7.08 -5.77 17.14
C GLY C 157 7.70 -4.51 17.69
N PRO C 158 8.39 -4.61 18.84
CA PRO C 158 9.02 -3.45 19.47
C PRO C 158 10.05 -2.74 18.59
N VAL C 159 10.46 -1.55 19.03
CA VAL C 159 11.49 -0.78 18.36
C VAL C 159 12.62 -0.45 19.34
N VAL C 160 13.86 -0.62 18.89
CA VAL C 160 15.05 -0.32 19.68
C VAL C 160 16.03 0.50 18.85
N ARG C 161 16.76 1.41 19.50
CA ARG C 161 17.76 2.22 18.83
C ARG C 161 19.15 1.89 19.36
N LEU C 162 20.12 1.77 18.47
CA LEU C 162 21.52 1.73 18.84
C LEU C 162 22.12 3.06 18.39
N PRO C 163 23.37 3.35 18.77
CA PRO C 163 23.97 4.66 18.42
C PRO C 163 24.10 4.87 16.91
N ARG C 164 24.36 3.78 16.19
CA ARG C 164 24.57 3.80 14.73
C ARG C 164 23.71 2.74 14.06
N ALA C 165 23.42 2.97 12.77
CA ALA C 165 22.85 1.94 11.90
C ALA C 165 23.78 0.76 11.72
N CYS C 166 25.08 1.00 11.84
CA CYS C 166 26.09 -0.07 11.78
C CYS C 166 25.99 -0.98 13.00
N ASP C 167 25.70 -0.39 14.16
CA ASP C 167 25.52 -1.13 15.40
C ASP C 167 24.23 -1.96 15.37
N SER C 168 23.17 -1.40 14.79
CA SER C 168 21.90 -2.10 14.64
C SER C 168 22.01 -3.23 13.61
N ALA C 169 22.90 -3.08 12.64
CA ALA C 169 23.20 -4.14 11.68
C ALA C 169 23.92 -5.28 12.38
N GLU C 170 24.76 -4.93 13.34
CA GLU C 170 25.51 -5.90 14.14
C GLU C 170 24.58 -6.73 15.01
N VAL C 171 23.49 -6.11 15.48
CA VAL C 171 22.49 -6.81 16.28
C VAL C 171 21.59 -7.71 15.42
N LYS C 172 21.24 -7.25 14.22
CA LYS C 172 20.41 -8.03 13.31
C LYS C 172 21.11 -9.32 12.92
N ALA C 173 22.38 -9.22 12.59
CA ALA C 173 23.20 -10.38 12.21
C ALA C 173 23.39 -11.36 13.37
N TRP C 174 23.52 -10.82 14.58
CA TRP C 174 23.63 -11.63 15.80
C TRP C 174 22.33 -12.38 16.09
N LEU C 175 21.21 -11.72 15.86
CA LEU C 175 19.89 -12.30 16.10
C LEU C 175 19.53 -13.34 15.04
N GLU C 176 20.28 -13.34 13.93
CA GLU C 176 20.10 -14.31 12.85
C GLU C 176 20.99 -15.55 13.00
N THR C 177 22.05 -15.46 13.81
CA THR C 177 22.90 -16.62 14.08
C THR C 177 22.15 -17.64 14.92
N SER C 178 22.48 -18.91 14.73
CA SER C 178 21.91 -20.02 15.51
C SER C 178 22.01 -19.80 17.03
N GLU C 179 23.16 -19.30 17.48
CA GLU C 179 23.42 -19.12 18.92
C GLU C 179 22.80 -17.85 19.50
N GLY C 180 22.62 -16.82 18.68
CA GLY C 180 22.00 -15.59 19.15
C GLY C 180 20.52 -15.80 19.38
N PHE C 181 19.89 -16.48 18.42
CA PHE C 181 18.48 -16.84 18.51
C PHE C 181 18.21 -17.84 19.62
N ALA C 182 19.21 -18.67 19.95
CA ALA C 182 19.07 -19.70 20.99
C ALA C 182 19.05 -19.07 22.37
N VAL C 183 19.90 -18.08 22.60
CA VAL C 183 19.92 -17.32 23.85
C VAL C 183 18.64 -16.50 24.01
N ILE C 184 18.11 -15.99 22.90
CA ILE C 184 16.91 -15.17 22.90
C ILE C 184 15.66 -16.03 23.10
N LYS C 185 15.55 -17.09 22.31
CA LYS C 185 14.43 -18.04 22.43
C LYS C 185 14.26 -18.51 23.86
N GLU C 186 15.38 -18.76 24.53
CA GLU C 186 15.37 -19.31 25.89
C GLU C 186 14.84 -18.31 26.91
N ALA C 187 15.19 -17.03 26.76
CA ALA C 187 14.71 -15.98 27.65
C ALA C 187 13.21 -15.72 27.48
N PHE C 188 12.78 -15.63 26.22
CA PHE C 188 11.38 -15.49 25.84
C PHE C 188 10.53 -16.64 26.37
N ASP C 189 11.04 -17.86 26.22
CA ASP C 189 10.27 -19.08 26.50
C ASP C 189 10.09 -19.37 27.99
N SER C 190 10.94 -18.78 28.81
CA SER C 190 10.93 -19.03 30.26
C SER C 190 9.78 -18.34 31.00
N THR C 191 9.23 -17.29 30.41
CA THR C 191 8.25 -16.43 31.08
C THR C 191 6.85 -17.04 31.15
N SER C 192 6.52 -17.90 30.18
CA SER C 192 5.22 -18.56 30.14
C SER C 192 5.36 -20.01 29.67
N ARG C 193 4.41 -20.86 30.08
CA ARG C 193 4.43 -22.27 29.69
C ARG C 193 4.19 -22.48 28.18
N PHE C 194 3.50 -21.55 27.54
CA PHE C 194 3.22 -21.64 26.10
C PHE C 194 4.20 -20.82 25.25
N ALA C 195 5.05 -20.02 25.91
CA ALA C 195 6.03 -19.20 25.23
C ALA C 195 7.03 -20.08 24.48
N ARG C 196 6.88 -20.09 23.15
CA ARG C 196 7.75 -20.85 22.27
C ARG C 196 8.02 -20.00 21.01
N LEU C 197 9.20 -19.38 20.97
CA LEU C 197 9.52 -18.38 19.98
C LEU C 197 9.90 -19.02 18.63
N GLN C 198 9.17 -18.66 17.59
CA GLN C 198 9.49 -19.05 16.22
C GLN C 198 10.60 -18.12 15.68
N LYS C 199 10.96 -18.30 14.41
CA LYS C 199 12.02 -17.50 13.79
C LYS C 199 11.71 -15.99 13.88
N LEU C 200 12.76 -15.19 14.12
CA LEU C 200 12.62 -13.75 14.23
C LEU C 200 12.60 -13.09 12.86
N HIS C 201 11.86 -12.00 12.73
CA HIS C 201 11.87 -11.17 11.54
C HIS C 201 12.30 -9.77 11.97
N THR C 202 13.43 -9.30 11.44
CA THR C 202 13.95 -7.98 11.78
C THR C 202 14.07 -7.07 10.55
N SER C 203 13.56 -5.84 10.66
CA SER C 203 13.78 -4.78 9.67
C SER C 203 14.50 -3.60 10.31
N ILE C 204 15.56 -3.13 9.67
CA ILE C 204 16.26 -1.93 10.12
C ILE C 204 15.74 -0.73 9.34
N ALA C 205 15.66 0.41 10.01
CA ALA C 205 15.44 1.71 9.38
C ALA C 205 16.40 2.70 10.03
N GLY C 206 17.64 2.68 9.56
CA GLY C 206 18.69 3.50 10.12
C GLY C 206 19.22 2.90 11.40
N ARG C 207 19.33 3.70 12.45
CA ARG C 207 19.78 3.20 13.75
C ARG C 207 18.64 2.59 14.57
N ASN C 208 17.43 2.57 14.00
CA ASN C 208 16.32 1.84 14.58
C ASN C 208 16.39 0.38 14.16
N LEU C 209 15.84 -0.48 14.99
CA LEU C 209 15.76 -1.92 14.73
C LEU C 209 14.39 -2.40 15.21
N TYR C 210 13.65 -3.00 14.29
CA TYR C 210 12.31 -3.48 14.58
C TYR C 210 12.38 -4.99 14.60
N ILE C 211 12.15 -5.57 15.79
CA ILE C 211 12.25 -7.01 16.00
C ILE C 211 10.86 -7.58 16.21
N ARG C 212 10.48 -8.51 15.35
CA ARG C 212 9.16 -9.12 15.36
C ARG C 212 9.25 -10.47 16.06
N PHE C 213 8.82 -10.51 17.32
CA PHE C 213 8.73 -11.74 18.09
C PHE C 213 7.43 -12.44 17.72
N GLN C 214 7.47 -13.76 17.62
CA GLN C 214 6.28 -14.55 17.30
C GLN C 214 6.26 -15.81 18.12
N SER C 215 5.10 -16.09 18.71
CA SER C 215 4.89 -17.34 19.45
C SER C 215 3.41 -17.64 19.62
N ARG C 216 3.10 -18.93 19.66
CA ARG C 216 1.77 -19.39 19.99
C ARG C 216 1.50 -19.03 21.45
N SER C 217 0.23 -19.05 21.84
CA SER C 217 -0.15 -18.57 23.16
C SER C 217 -1.20 -19.46 23.80
N GLY C 218 -1.14 -20.75 23.46
CA GLY C 218 -2.17 -21.69 23.85
C GLY C 218 -3.49 -21.24 23.26
N ASP C 219 -4.51 -21.11 24.11
CA ASP C 219 -5.84 -20.72 23.68
C ASP C 219 -6.12 -19.23 23.86
N ALA C 220 -5.18 -18.51 24.48
CA ALA C 220 -5.31 -17.08 24.65
C ALA C 220 -4.94 -16.36 23.35
N MET C 221 -5.46 -15.16 23.16
CA MET C 221 -5.12 -14.34 22.00
C MET C 221 -3.63 -14.06 21.97
N GLY C 222 -3.06 -13.78 23.14
CA GLY C 222 -1.62 -13.77 23.34
C GLY C 222 -0.95 -12.42 23.55
N MET C 223 -1.72 -11.34 23.60
CA MET C 223 -1.12 -10.01 23.70
C MET C 223 -0.34 -9.81 25.01
N ASN C 224 -0.91 -10.26 26.12
CA ASN C 224 -0.27 -10.15 27.43
C ASN C 224 0.92 -11.10 27.52
N MET C 225 0.73 -12.32 27.05
CA MET C 225 1.72 -13.36 27.16
C MET C 225 2.99 -13.05 26.36
N ILE C 226 2.82 -12.57 25.12
CA ILE C 226 3.96 -12.25 24.26
C ILE C 226 4.58 -10.90 24.65
N SER C 227 3.82 -10.04 25.32
CA SER C 227 4.40 -8.81 25.86
C SER C 227 5.41 -9.15 26.95
N LYS C 228 5.00 -10.00 27.90
CA LYS C 228 5.88 -10.50 28.96
C LYS C 228 7.17 -11.09 28.38
N GLY C 229 7.03 -11.99 27.41
CA GLY C 229 8.15 -12.66 26.80
C GLY C 229 9.09 -11.74 26.04
N THR C 230 8.51 -10.76 25.33
CA THR C 230 9.28 -9.75 24.60
C THR C 230 10.13 -8.93 25.56
N GLU C 231 9.51 -8.41 26.61
CA GLU C 231 10.20 -7.67 27.66
C GLU C 231 11.44 -8.40 28.16
N LYS C 232 11.28 -9.68 28.50
CA LYS C 232 12.38 -10.49 29.03
C LYS C 232 13.46 -10.73 27.99
N ALA C 233 13.04 -11.01 26.76
CA ALA C 233 13.96 -11.29 25.66
C ALA C 233 14.81 -10.08 25.32
N LEU C 234 14.28 -8.87 25.52
CA LEU C 234 15.01 -7.64 25.21
C LEU C 234 16.00 -7.29 26.31
N SER C 235 15.75 -7.76 27.53
CA SER C 235 16.66 -7.58 28.66
C SER C 235 17.91 -8.45 28.51
N LYS C 236 17.77 -9.61 27.88
CA LYS C 236 18.91 -10.46 27.54
C LYS C 236 19.69 -9.85 26.37
N LEU C 237 18.98 -9.22 25.45
CA LEU C 237 19.60 -8.53 24.34
C LEU C 237 20.41 -7.34 24.84
N HIS C 238 19.88 -6.65 25.85
CA HIS C 238 20.53 -5.48 26.44
C HIS C 238 21.86 -5.83 27.13
N GLU C 239 21.93 -7.05 27.66
CA GLU C 239 23.16 -7.54 28.30
C GLU C 239 24.29 -7.76 27.28
N TYR C 240 23.94 -8.19 26.06
CA TYR C 240 24.93 -8.40 24.99
C TYR C 240 25.26 -7.08 24.29
N PHE C 241 24.31 -6.13 24.35
CA PHE C 241 24.43 -4.86 23.66
C PHE C 241 23.94 -3.77 24.60
N PRO C 242 24.80 -3.30 25.50
CA PRO C 242 24.39 -2.31 26.52
C PRO C 242 23.97 -0.95 25.97
N GLU C 243 24.53 -0.52 24.84
CA GLU C 243 24.22 0.80 24.28
C GLU C 243 22.83 0.87 23.61
N MET C 244 22.11 -0.25 23.62
CA MET C 244 20.78 -0.33 23.01
C MET C 244 19.70 0.29 23.90
N GLN C 245 19.11 1.38 23.43
CA GLN C 245 17.94 1.96 24.07
C GLN C 245 16.69 1.15 23.70
N ILE C 246 15.83 0.89 24.69
CA ILE C 246 14.52 0.27 24.44
C ILE C 246 13.49 1.37 24.32
N LEU C 247 13.08 1.65 23.08
CA LEU C 247 12.23 2.81 22.79
C LEU C 247 10.77 2.55 23.17
N ALA C 248 10.22 1.44 22.67
CA ALA C 248 8.82 1.10 22.87
C ALA C 248 8.56 -0.39 22.65
N VAL C 249 7.69 -0.98 23.46
CA VAL C 249 7.37 -2.41 23.33
C VAL C 249 6.66 -2.70 22.01
N SER C 250 6.04 -1.67 21.44
CA SER C 250 5.50 -1.74 20.09
C SER C 250 5.98 -0.55 19.27
N GLY C 251 6.79 -0.83 18.24
CA GLY C 251 7.13 0.13 17.22
C GLY C 251 6.24 -0.01 15.98
N ASN C 252 4.97 -0.37 16.20
CA ASN C 252 3.99 -0.61 15.14
C ASN C 252 4.39 -1.67 14.11
N TYR C 253 5.30 -2.56 14.49
CA TYR C 253 5.78 -3.60 13.59
C TYR C 253 5.10 -4.94 13.83
N CYS C 254 4.19 -4.98 14.80
CA CYS C 254 3.53 -6.24 15.18
C CYS C 254 2.69 -6.84 14.03
N THR C 255 1.74 -6.12 13.45
CA THR C 255 1.26 -4.80 13.87
C THR C 255 -0.13 -4.96 14.47
N ASP C 256 -0.38 -4.22 15.56
CA ASP C 256 -1.62 -4.39 16.33
C ASP C 256 -2.66 -3.27 16.10
N LYS C 257 -3.84 -3.69 15.65
CA LYS C 257 -4.99 -2.80 15.48
C LYS C 257 -4.76 -1.65 14.48
N LYS C 258 -3.82 -1.84 13.56
CA LYS C 258 -3.60 -0.91 12.46
C LYS C 258 -3.49 -1.70 11.14
N PRO C 259 -3.97 -1.13 10.03
CA PRO C 259 -3.74 -1.76 8.72
C PRO C 259 -2.24 -1.80 8.45
N ALA C 260 -1.73 -2.96 8.07
CA ALA C 260 -0.31 -3.11 7.81
C ALA C 260 -0.07 -4.36 6.97
N ALA C 261 0.73 -4.21 5.92
CA ALA C 261 1.03 -5.30 4.99
C ALA C 261 1.81 -6.43 5.63
N ILE C 262 2.51 -6.17 6.72
CA ILE C 262 3.26 -7.22 7.41
C ILE C 262 2.32 -8.31 7.93
N ASN C 263 1.12 -7.94 8.36
CA ASN C 263 0.11 -8.94 8.77
C ASN C 263 -0.47 -9.72 7.59
N TRP C 264 -0.61 -9.06 6.45
CA TRP C 264 -1.11 -9.69 5.23
C TRP C 264 -0.16 -10.76 4.68
N ILE C 265 1.14 -10.50 4.82
CA ILE C 265 2.18 -11.34 4.21
C ILE C 265 2.74 -12.35 5.23
N GLU C 266 3.23 -11.86 6.36
CA GLU C 266 3.74 -12.73 7.43
C GLU C 266 2.66 -13.45 8.24
N GLY C 267 1.49 -12.84 8.33
CA GLY C 267 0.40 -13.37 9.15
C GLY C 267 0.54 -12.91 10.59
N ARG C 268 -0.55 -13.02 11.36
CA ARG C 268 -0.56 -12.72 12.79
C ARG C 268 -1.76 -13.38 13.45
N GLY C 269 -1.53 -14.08 14.55
CA GLY C 269 -2.54 -14.93 15.13
C GLY C 269 -2.75 -16.13 14.21
N LYS C 270 -4.00 -16.42 13.89
CA LYS C 270 -4.33 -17.57 13.05
C LYS C 270 -4.42 -17.20 11.59
N SER C 271 -3.52 -17.73 10.78
CA SER C 271 -3.71 -17.71 9.34
C SER C 271 -4.60 -18.88 9.03
N VAL C 272 -5.63 -18.67 8.23
CA VAL C 272 -6.67 -19.67 7.99
C VAL C 272 -7.16 -19.62 6.56
N VAL C 273 -7.51 -20.78 6.02
CA VAL C 273 -8.11 -20.87 4.71
C VAL C 273 -9.37 -21.71 4.80
N CYS C 274 -10.34 -21.40 3.95
CA CYS C 274 -11.62 -22.09 3.95
C CYS C 274 -12.12 -22.24 2.52
N GLU C 275 -12.93 -23.25 2.26
CA GLU C 275 -13.42 -23.52 0.91
C GLU C 275 -14.72 -24.33 0.87
N ALA C 276 -15.35 -24.35 -0.30
CA ALA C 276 -16.59 -25.08 -0.54
C ALA C 276 -16.98 -24.97 -2.01
N VAL C 277 -17.51 -26.05 -2.57
CA VAL C 277 -18.14 -26.01 -3.89
C VAL C 277 -19.64 -25.90 -3.67
N ILE C 278 -20.29 -24.99 -4.40
CA ILE C 278 -21.73 -24.78 -4.31
C ILE C 278 -22.33 -25.20 -5.65
N PRO C 279 -23.08 -26.30 -5.66
CA PRO C 279 -23.68 -26.81 -6.91
C PRO C 279 -24.49 -25.76 -7.66
N ALA C 280 -24.66 -25.95 -8.97
CA ALA C 280 -25.35 -24.98 -9.80
C ALA C 280 -26.79 -24.77 -9.36
N LYS C 281 -27.47 -25.86 -9.03
CA LYS C 281 -28.86 -25.80 -8.57
C LYS C 281 -28.99 -24.93 -7.31
N VAL C 282 -28.02 -25.07 -6.40
CA VAL C 282 -28.05 -24.36 -5.12
C VAL C 282 -27.84 -22.85 -5.31
N VAL C 283 -27.04 -22.47 -6.30
CA VAL C 283 -26.80 -21.06 -6.59
C VAL C 283 -28.07 -20.43 -7.17
N ARG C 284 -28.81 -21.18 -7.97
CA ARG C 284 -30.01 -20.66 -8.67
C ARG C 284 -31.25 -20.60 -7.78
N GLU C 285 -31.31 -21.46 -6.77
CA GLU C 285 -32.52 -21.61 -5.93
C GLU C 285 -32.40 -20.98 -4.55
N VAL C 286 -31.22 -21.12 -3.94
CA VAL C 286 -30.94 -20.52 -2.64
C VAL C 286 -30.44 -19.08 -2.78
N LEU C 287 -29.47 -18.88 -3.67
CA LEU C 287 -28.81 -17.57 -3.84
C LEU C 287 -29.39 -16.70 -4.97
N LYS C 288 -30.25 -17.28 -5.80
CA LYS C 288 -30.97 -16.55 -6.86
C LYS C 288 -30.03 -15.87 -7.86
N THR C 289 -29.05 -16.63 -8.35
CA THR C 289 -28.09 -16.12 -9.34
C THR C 289 -27.41 -17.28 -10.08
N THR C 290 -26.36 -17.02 -10.84
CA THR C 290 -25.56 -18.09 -11.46
C THR C 290 -24.12 -18.04 -10.96
N THR C 291 -23.40 -19.13 -11.21
CA THR C 291 -21.98 -19.21 -10.90
C THR C 291 -21.19 -18.18 -11.72
N GLU C 292 -21.62 -17.96 -12.97
CA GLU C 292 -20.90 -17.09 -13.89
C GLU C 292 -21.03 -15.60 -13.50
N ALA C 293 -22.18 -15.22 -12.94
CA ALA C 293 -22.39 -13.85 -12.50
C ALA C 293 -21.64 -13.57 -11.20
N MET C 294 -21.58 -14.57 -10.32
CA MET C 294 -20.84 -14.44 -9.06
C MET C 294 -19.36 -14.26 -9.31
N ILE C 295 -18.82 -15.07 -10.22
CA ILE C 295 -17.43 -15.00 -10.64
C ILE C 295 -17.12 -13.62 -11.23
N GLU C 296 -18.04 -13.07 -12.00
CA GLU C 296 -17.84 -11.79 -12.65
C GLU C 296 -17.83 -10.64 -11.64
N VAL C 297 -18.69 -10.74 -10.64
CA VAL C 297 -18.79 -9.73 -9.58
C VAL C 297 -17.57 -9.83 -8.65
N ASN C 298 -17.12 -11.06 -8.39
CA ASN C 298 -15.99 -11.30 -7.47
C ASN C 298 -14.67 -10.83 -8.07
N ILE C 299 -14.43 -11.19 -9.31
CA ILE C 299 -13.25 -10.71 -10.02
C ILE C 299 -13.23 -9.18 -9.94
N ASN C 300 -14.30 -8.55 -10.40
CA ASN C 300 -14.28 -7.11 -10.64
C ASN C 300 -14.62 -6.21 -9.45
N LYS C 301 -15.05 -6.81 -8.34
CA LYS C 301 -15.31 -6.10 -7.10
C LYS C 301 -14.19 -6.39 -6.12
N ASN C 302 -14.07 -7.66 -5.72
CA ASN C 302 -13.14 -8.07 -4.68
C ASN C 302 -11.67 -8.05 -5.10
N LEU C 303 -11.39 -8.14 -6.40
CA LEU C 303 -10.02 -8.05 -6.90
C LEU C 303 -9.75 -6.73 -7.63
N VAL C 304 -10.41 -6.52 -8.75
CA VAL C 304 -10.15 -5.34 -9.56
C VAL C 304 -10.59 -4.11 -8.80
N GLY C 305 -11.79 -4.14 -8.24
CA GLY C 305 -12.31 -3.01 -7.48
C GLY C 305 -11.42 -2.58 -6.33
N SER C 306 -11.04 -3.54 -5.50
CA SER C 306 -10.15 -3.26 -4.38
C SER C 306 -8.78 -2.79 -4.84
N ALA C 307 -8.33 -3.31 -5.99
CA ALA C 307 -7.04 -2.92 -6.54
C ALA C 307 -7.07 -1.45 -6.94
N MET C 308 -8.16 -1.03 -7.58
CA MET C 308 -8.36 0.36 -8.00
C MET C 308 -8.51 1.31 -6.81
N ALA C 309 -8.91 0.78 -5.65
CA ALA C 309 -9.09 1.56 -4.44
C ALA C 309 -7.83 1.59 -3.57
N GLY C 310 -6.79 0.88 -3.98
CA GLY C 310 -5.53 0.86 -3.26
C GLY C 310 -5.64 0.05 -1.98
N SER C 311 -6.20 -1.15 -2.11
CA SER C 311 -6.40 -2.02 -0.95
C SER C 311 -5.19 -2.91 -0.71
N ILE C 312 -4.77 -2.95 0.54
CA ILE C 312 -3.82 -3.93 1.02
C ILE C 312 -4.61 -4.81 1.97
N GLY C 313 -4.92 -6.03 1.55
CA GLY C 313 -5.55 -7.03 2.40
C GLY C 313 -7.07 -7.03 2.47
N GLY C 314 -7.72 -6.13 1.74
CA GLY C 314 -9.18 -6.01 1.76
C GLY C 314 -9.82 -6.46 0.45
N TYR C 315 -9.50 -7.68 0.04
CA TYR C 315 -10.02 -8.25 -1.22
C TYR C 315 -11.27 -9.10 -0.97
N ASN C 316 -12.28 -8.47 -0.37
CA ASN C 316 -13.52 -9.16 -0.03
C ASN C 316 -14.72 -8.22 -0.03
N ALA C 317 -15.90 -8.78 0.10
CA ALA C 317 -17.14 -8.01 0.15
C ALA C 317 -17.37 -7.36 1.51
N HIS C 318 -17.55 -8.15 2.57
CA HIS C 318 -17.84 -7.59 3.89
C HIS C 318 -17.43 -8.53 5.03
N ALA C 319 -16.25 -9.13 4.91
CA ALA C 319 -15.66 -9.95 5.97
C ALA C 319 -15.69 -9.27 7.34
N ALA C 320 -15.51 -7.95 7.36
CA ALA C 320 -15.44 -7.20 8.62
C ALA C 320 -16.77 -7.23 9.40
N ASN C 321 -17.88 -7.26 8.67
CA ASN C 321 -19.20 -7.40 9.31
C ASN C 321 -19.30 -8.66 10.15
N ILE C 322 -18.94 -9.79 9.56
CA ILE C 322 -19.04 -11.10 10.23
C ILE C 322 -18.03 -11.19 11.37
N VAL C 323 -16.80 -10.76 11.12
CA VAL C 323 -15.73 -10.82 12.11
C VAL C 323 -16.07 -9.97 13.34
N THR C 324 -16.63 -8.79 13.10
CA THR C 324 -16.99 -7.89 14.20
C THR C 324 -18.13 -8.46 15.03
N ALA C 325 -19.08 -9.09 14.36
CA ALA C 325 -20.28 -9.58 15.03
C ALA C 325 -19.91 -10.74 15.96
N ILE C 326 -19.15 -11.69 15.44
CA ILE C 326 -18.69 -12.83 16.24
C ILE C 326 -17.78 -12.37 17.39
N TYR C 327 -16.84 -11.48 17.08
CA TYR C 327 -15.88 -11.00 18.07
C TYR C 327 -16.57 -10.41 19.32
N ILE C 328 -17.51 -9.49 19.10
CA ILE C 328 -18.24 -8.88 20.22
C ILE C 328 -19.08 -9.92 20.97
N ALA C 329 -19.66 -10.86 20.24
CA ALA C 329 -20.43 -11.94 20.84
C ALA C 329 -19.57 -12.81 21.74
N CYS C 330 -18.34 -13.09 21.31
CA CYS C 330 -17.48 -14.09 21.92
C CYS C 330 -16.37 -13.53 22.81
N GLY C 331 -16.47 -12.26 23.20
CA GLY C 331 -15.56 -11.66 24.16
C GLY C 331 -14.17 -11.35 23.62
N GLN C 332 -14.05 -11.34 22.30
CA GLN C 332 -12.82 -10.93 21.63
C GLN C 332 -12.65 -9.43 21.68
N ASP C 333 -11.45 -8.98 21.37
CA ASP C 333 -11.13 -7.57 21.24
C ASP C 333 -11.62 -7.09 19.86
N ALA C 334 -12.73 -6.36 19.85
CA ALA C 334 -13.38 -5.96 18.60
C ALA C 334 -12.56 -4.94 17.80
N ALA C 335 -11.68 -4.23 18.49
CA ALA C 335 -10.75 -3.31 17.82
C ALA C 335 -9.82 -4.07 16.88
N GLN C 336 -9.48 -5.30 17.24
CA GLN C 336 -8.56 -6.10 16.44
C GLN C 336 -9.12 -6.61 15.11
N ASN C 337 -10.39 -6.30 14.82
CA ASN C 337 -10.95 -6.62 13.51
C ASN C 337 -10.35 -5.76 12.39
N VAL C 338 -9.61 -4.73 12.75
CA VAL C 338 -8.82 -3.96 11.79
C VAL C 338 -7.96 -4.88 10.93
N GLY C 339 -7.25 -5.80 11.58
CA GLY C 339 -6.39 -6.76 10.89
C GLY C 339 -6.96 -8.15 10.72
N SER C 340 -7.88 -8.54 11.60
CA SER C 340 -8.45 -9.90 11.55
C SER C 340 -9.42 -10.09 10.40
N SER C 341 -9.96 -8.99 9.90
CA SER C 341 -10.85 -8.98 8.75
C SER C 341 -10.11 -9.02 7.40
N ASN C 342 -8.78 -8.88 7.41
CA ASN C 342 -7.98 -9.15 6.22
C ASN C 342 -8.42 -10.46 5.59
N CYS C 343 -8.89 -10.38 4.35
CA CYS C 343 -9.45 -11.52 3.66
C CYS C 343 -9.35 -11.35 2.15
N ILE C 344 -9.02 -12.44 1.46
CA ILE C 344 -9.18 -12.48 0.01
C ILE C 344 -10.19 -13.57 -0.32
N THR C 345 -11.23 -13.19 -1.04
CA THR C 345 -12.28 -14.10 -1.44
C THR C 345 -12.09 -14.41 -2.92
N LEU C 346 -12.01 -15.69 -3.24
CA LEU C 346 -11.80 -16.16 -4.60
C LEU C 346 -12.96 -17.03 -5.02
N MET C 347 -13.46 -16.79 -6.23
CA MET C 347 -14.49 -17.63 -6.84
C MET C 347 -14.07 -18.03 -8.24
N GLU C 348 -14.27 -19.31 -8.57
CA GLU C 348 -14.02 -19.81 -9.91
C GLU C 348 -15.01 -20.92 -10.27
N ALA C 349 -15.01 -21.29 -11.56
CA ALA C 349 -15.84 -22.38 -12.04
C ALA C 349 -15.37 -23.69 -11.43
N SER C 350 -16.26 -24.67 -11.41
CA SER C 350 -15.94 -25.98 -10.87
C SER C 350 -16.85 -27.07 -11.44
N GLY C 351 -16.38 -28.32 -11.40
CA GLY C 351 -17.17 -29.44 -11.87
C GLY C 351 -17.07 -29.67 -13.37
N PRO C 352 -17.76 -30.72 -13.83
CA PRO C 352 -17.64 -31.21 -15.22
C PRO C 352 -17.98 -30.20 -16.31
N THR C 353 -18.92 -29.31 -16.04
CA THR C 353 -19.45 -28.37 -17.03
C THR C 353 -19.22 -26.90 -16.63
N ASN C 354 -18.30 -26.67 -15.69
CA ASN C 354 -17.98 -25.32 -15.19
C ASN C 354 -19.22 -24.55 -14.69
N GLU C 355 -20.09 -25.23 -13.95
CA GLU C 355 -21.33 -24.64 -13.45
C GLU C 355 -21.45 -24.64 -11.93
N ASP C 356 -20.56 -25.35 -11.24
CA ASP C 356 -20.49 -25.30 -9.78
C ASP C 356 -19.52 -24.20 -9.35
N LEU C 357 -19.75 -23.65 -8.17
CA LEU C 357 -19.06 -22.46 -7.70
C LEU C 357 -18.07 -22.81 -6.62
N TYR C 358 -16.79 -22.89 -6.98
CA TYR C 358 -15.72 -22.98 -6.00
C TYR C 358 -15.57 -21.62 -5.33
N ILE C 359 -15.57 -21.60 -4.01
CA ILE C 359 -15.35 -20.38 -3.25
C ILE C 359 -14.32 -20.65 -2.17
N SER C 360 -13.46 -19.68 -1.90
CA SER C 360 -12.49 -19.78 -0.82
C SER C 360 -12.17 -18.41 -0.24
N CYS C 361 -12.13 -18.33 1.08
CA CYS C 361 -11.64 -17.16 1.78
C CYS C 361 -10.35 -17.52 2.48
N THR C 362 -9.33 -16.70 2.31
CA THR C 362 -8.06 -16.84 3.00
C THR C 362 -7.85 -15.64 3.93
N MET C 363 -7.72 -15.90 5.22
CA MET C 363 -7.63 -14.87 6.25
C MET C 363 -6.37 -15.07 7.07
N PRO C 364 -5.29 -14.39 6.69
CA PRO C 364 -3.96 -14.68 7.24
C PRO C 364 -3.69 -14.10 8.62
N SER C 365 -4.57 -13.27 9.16
CA SER C 365 -4.26 -12.57 10.40
C SER C 365 -5.45 -12.46 11.36
N ILE C 366 -6.15 -13.58 11.56
CA ILE C 366 -7.23 -13.65 12.53
C ILE C 366 -6.67 -13.69 13.96
N GLU C 367 -7.00 -12.67 14.74
CA GLU C 367 -6.50 -12.52 16.11
C GLU C 367 -7.64 -12.86 17.04
N ILE C 368 -7.51 -14.05 17.65
CA ILE C 368 -8.62 -14.69 18.34
C ILE C 368 -8.11 -15.49 19.55
N GLY C 369 -8.99 -15.67 20.53
CA GLY C 369 -8.69 -16.43 21.72
C GLY C 369 -9.94 -16.83 22.47
N THR C 370 -9.86 -17.88 23.27
CA THR C 370 -11.00 -18.36 24.05
C THR C 370 -10.77 -18.31 25.57
N VAL C 371 -9.59 -17.87 25.99
CA VAL C 371 -9.33 -17.54 27.40
C VAL C 371 -8.71 -16.14 27.52
N GLY C 372 -9.17 -15.39 28.51
CA GLY C 372 -8.65 -14.05 28.76
C GLY C 372 -9.52 -12.97 28.12
N GLY C 373 -9.40 -11.76 28.65
CA GLY C 373 -10.10 -10.61 28.09
C GLY C 373 -11.60 -10.72 28.36
N GLY C 374 -12.40 -10.37 27.36
CA GLY C 374 -13.84 -10.48 27.44
C GLY C 374 -14.39 -11.90 27.45
N THR C 375 -13.51 -12.91 27.25
CA THR C 375 -13.93 -14.31 27.35
C THR C 375 -13.92 -14.84 28.79
N ASN C 376 -13.61 -13.98 29.77
CA ASN C 376 -13.77 -14.33 31.19
C ASN C 376 -15.16 -13.97 31.71
N LEU C 377 -15.89 -13.16 30.94
CA LEU C 377 -17.24 -12.76 31.32
C LEU C 377 -18.24 -13.82 30.88
N LEU C 378 -19.30 -13.97 31.66
CA LEU C 378 -20.20 -15.12 31.54
C LEU C 378 -21.11 -15.14 30.31
N PRO C 379 -21.74 -14.02 29.94
CA PRO C 379 -22.50 -13.95 28.69
C PRO C 379 -21.66 -14.27 27.44
N GLN C 380 -20.43 -13.76 27.44
CA GLN C 380 -19.49 -14.00 26.35
C GLN C 380 -19.09 -15.46 26.33
N GLN C 381 -18.94 -16.05 27.52
CA GLN C 381 -18.63 -17.46 27.66
C GLN C 381 -19.78 -18.34 27.16
N ALA C 382 -21.01 -17.87 27.35
CA ALA C 382 -22.18 -18.59 26.86
C ALA C 382 -22.12 -18.76 25.35
N CYS C 383 -21.77 -17.69 24.64
CA CYS C 383 -21.64 -17.72 23.19
C CYS C 383 -20.48 -18.59 22.71
N LEU C 384 -19.39 -18.63 23.49
CA LEU C 384 -18.26 -19.50 23.18
C LEU C 384 -18.65 -20.96 23.40
N GLN C 385 -19.45 -21.20 24.44
CA GLN C 385 -19.88 -22.55 24.81
C GLN C 385 -20.80 -23.14 23.73
N MET C 386 -21.63 -22.30 23.11
CA MET C 386 -22.44 -22.70 21.96
C MET C 386 -21.58 -23.39 20.92
N LEU C 387 -20.47 -22.75 20.57
CA LEU C 387 -19.57 -23.26 19.54
C LEU C 387 -18.72 -24.44 20.01
N GLY C 388 -18.62 -24.61 21.32
CA GLY C 388 -17.88 -25.73 21.89
C GLY C 388 -16.40 -25.43 22.03
N VAL C 389 -16.05 -24.15 22.11
CA VAL C 389 -14.65 -23.70 22.15
C VAL C 389 -14.32 -22.85 23.38
N GLN C 390 -15.20 -22.84 24.39
CA GLN C 390 -14.98 -22.00 25.55
C GLN C 390 -13.78 -22.47 26.39
N GLY C 391 -13.03 -21.51 26.92
CA GLY C 391 -11.93 -21.79 27.82
C GLY C 391 -10.78 -22.55 27.18
N ALA C 392 -9.83 -22.98 28.02
CA ALA C 392 -8.67 -23.74 27.57
C ALA C 392 -9.07 -25.17 27.21
N CYS C 393 -8.29 -25.78 26.31
CA CYS C 393 -8.50 -27.17 25.90
C CYS C 393 -7.37 -28.03 26.48
N LYS C 394 -7.66 -28.62 27.64
CA LYS C 394 -6.67 -29.38 28.40
C LYS C 394 -5.84 -30.39 27.60
N ASP C 395 -6.46 -31.07 26.65
CA ASP C 395 -5.79 -32.14 25.90
C ASP C 395 -4.86 -31.62 24.82
N ASN C 396 -5.29 -30.58 24.12
CA ASN C 396 -4.52 -30.00 23.03
C ASN C 396 -4.52 -28.47 23.16
N PRO C 397 -3.62 -27.92 23.99
CA PRO C 397 -3.49 -26.47 24.14
C PRO C 397 -3.42 -25.75 22.79
N GLY C 398 -4.37 -24.83 22.57
CA GLY C 398 -4.49 -24.11 21.32
C GLY C 398 -5.71 -24.48 20.49
N GLU C 399 -6.27 -25.66 20.70
CA GLU C 399 -7.28 -26.23 19.80
C GLU C 399 -8.65 -25.53 19.83
N ASN C 400 -9.03 -24.96 20.97
CA ASN C 400 -10.28 -24.20 21.06
C ASN C 400 -10.18 -22.88 20.28
N ALA C 401 -9.01 -22.24 20.34
CA ALA C 401 -8.76 -21.00 19.60
C ALA C 401 -8.63 -21.23 18.10
N ARG C 402 -8.12 -22.39 17.70
CA ARG C 402 -7.95 -22.72 16.28
C ARG C 402 -9.30 -23.03 15.67
N GLN C 403 -10.18 -23.60 16.48
CA GLN C 403 -11.50 -24.00 16.04
C GLN C 403 -12.36 -22.76 15.84
N LEU C 404 -12.25 -21.80 16.76
CA LEU C 404 -12.94 -20.52 16.64
C LEU C 404 -12.47 -19.73 15.41
N ALA C 405 -11.19 -19.83 15.09
CA ALA C 405 -10.65 -19.16 13.91
C ALA C 405 -11.17 -19.80 12.63
N ARG C 406 -11.32 -21.13 12.63
CA ARG C 406 -11.89 -21.86 11.49
C ARG C 406 -13.35 -21.49 11.32
N ILE C 407 -14.05 -21.30 12.43
CA ILE C 407 -15.46 -20.88 12.43
C ILE C 407 -15.61 -19.45 11.88
N VAL C 408 -14.67 -18.58 12.23
CA VAL C 408 -14.69 -17.21 11.75
C VAL C 408 -14.49 -17.18 10.25
N CYS C 409 -13.61 -18.02 9.74
CA CYS C 409 -13.34 -18.03 8.31
C CYS C 409 -14.50 -18.63 7.52
N GLY C 410 -15.10 -19.68 8.06
CA GLY C 410 -16.18 -20.37 7.38
C GLY C 410 -17.45 -19.54 7.37
N THR C 411 -17.68 -18.82 8.47
CA THR C 411 -18.85 -17.96 8.61
C THR C 411 -18.73 -16.73 7.70
N VAL C 412 -17.51 -16.22 7.58
CA VAL C 412 -17.19 -15.11 6.69
C VAL C 412 -17.52 -15.50 5.26
N MET C 413 -17.08 -16.69 4.87
CA MET C 413 -17.32 -17.24 3.53
C MET C 413 -18.84 -17.41 3.28
N ALA C 414 -19.57 -17.82 4.30
CA ALA C 414 -21.02 -17.87 4.20
C ALA C 414 -21.55 -16.47 3.93
N GLY C 415 -21.03 -15.50 4.68
CA GLY C 415 -21.34 -14.10 4.47
C GLY C 415 -20.96 -13.54 3.11
N GLU C 416 -19.86 -14.02 2.54
CA GLU C 416 -19.45 -13.59 1.20
C GLU C 416 -20.39 -14.13 0.13
N LEU C 417 -20.73 -15.42 0.23
CA LEU C 417 -21.66 -16.05 -0.70
C LEU C 417 -22.99 -15.32 -0.74
N SER C 418 -23.47 -14.94 0.44
CA SER C 418 -24.78 -14.30 0.54
C SER C 418 -24.76 -12.89 -0.04
N LEU C 419 -23.87 -12.03 0.43
CA LEU C 419 -23.83 -10.65 -0.07
C LEU C 419 -23.47 -10.56 -1.56
N MET C 420 -22.56 -11.40 -2.00
CA MET C 420 -22.12 -11.42 -3.40
C MET C 420 -23.23 -11.91 -4.32
N ALA C 421 -24.09 -12.78 -3.80
CA ALA C 421 -25.25 -13.26 -4.54
C ALA C 421 -26.30 -12.18 -4.66
N ALA C 422 -26.44 -11.39 -3.60
CA ALA C 422 -27.39 -10.28 -3.58
C ALA C 422 -26.98 -9.17 -4.55
N LEU C 423 -25.69 -8.91 -4.66
CA LEU C 423 -25.17 -7.89 -5.57
C LEU C 423 -25.27 -8.35 -7.02
N ALA C 424 -25.08 -9.65 -7.23
CA ALA C 424 -25.11 -10.26 -8.56
C ALA C 424 -26.53 -10.36 -9.11
N ALA C 425 -27.50 -10.47 -8.20
CA ALA C 425 -28.91 -10.58 -8.55
C ALA C 425 -29.53 -9.22 -8.85
N GLY C 426 -28.79 -8.15 -8.58
CA GLY C 426 -29.17 -6.81 -9.00
C GLY C 426 -29.77 -5.95 -7.90
N HIS C 427 -29.68 -6.41 -6.65
CA HIS C 427 -30.13 -5.62 -5.51
C HIS C 427 -29.13 -4.50 -5.24
N LEU C 428 -29.59 -3.25 -5.32
CA LEU C 428 -28.72 -2.10 -5.08
C LEU C 428 -28.94 -1.47 -3.69
N VAL C 429 -30.07 -1.78 -3.06
CA VAL C 429 -30.37 -1.33 -1.70
C VAL C 429 -30.79 -2.52 -0.81
N LYS C 430 -30.54 -2.41 0.49
CA LYS C 430 -30.91 -3.45 1.46
C LYS C 430 -32.20 -3.10 2.18
N PRO D 8 -48.49 -31.87 29.61
CA PRO D 8 -48.57 -31.49 28.17
C PRO D 8 -49.73 -32.16 27.43
N ARG D 9 -50.32 -31.44 26.48
CA ARG D 9 -51.41 -31.97 25.65
C ARG D 9 -50.86 -32.48 24.31
N PRO D 10 -51.62 -33.32 23.62
CA PRO D 10 -51.25 -33.79 22.26
C PRO D 10 -51.08 -32.66 21.22
N ASN D 11 -50.63 -33.04 20.02
CA ASN D 11 -50.26 -32.08 18.97
C ASN D 11 -51.36 -31.74 17.96
N GLU D 12 -52.58 -32.24 18.20
CA GLU D 12 -53.72 -31.96 17.32
C GLU D 12 -54.52 -30.73 17.80
N GLU D 13 -54.51 -30.49 19.12
CA GLU D 13 -55.24 -29.38 19.73
C GLU D 13 -54.55 -28.01 19.59
N CYS D 14 -53.34 -28.00 19.03
CA CYS D 14 -52.51 -26.78 18.98
C CYS D 14 -52.54 -26.08 17.61
N LEU D 15 -52.94 -26.79 16.57
CA LEU D 15 -52.88 -26.26 15.20
C LEU D 15 -53.97 -25.22 14.93
N GLN D 16 -55.05 -25.29 15.71
CA GLN D 16 -56.13 -24.31 15.63
C GLN D 16 -55.71 -22.97 16.22
N GLY D 24 -55.22 -17.43 20.19
CA GLY D 24 -54.59 -18.36 19.26
C GLY D 24 -53.33 -18.98 19.84
N ALA D 25 -52.19 -18.34 19.57
CA ALA D 25 -50.87 -18.83 20.01
C ALA D 25 -50.59 -18.51 21.49
N LYS D 26 -51.34 -17.56 22.04
CA LYS D 26 -51.17 -17.11 23.42
C LYS D 26 -51.55 -18.17 24.45
N PHE D 27 -52.50 -19.03 24.08
CA PHE D 27 -53.08 -20.01 25.01
C PHE D 27 -52.25 -21.30 25.14
N LEU D 28 -51.20 -21.43 24.33
CA LEU D 28 -50.34 -22.61 24.35
C LEU D 28 -49.08 -22.38 25.19
N SER D 29 -48.32 -23.44 25.42
CA SER D 29 -47.07 -23.38 26.19
C SER D 29 -45.84 -23.50 25.30
N ASP D 30 -44.66 -23.27 25.87
CA ASP D 30 -43.40 -23.27 25.12
C ASP D 30 -43.04 -24.67 24.62
N ALA D 31 -43.33 -25.67 25.44
CA ALA D 31 -43.13 -27.08 25.07
C ALA D 31 -44.07 -27.50 23.93
N GLU D 32 -45.21 -26.82 23.83
CA GLU D 32 -46.23 -27.11 22.82
C GLU D 32 -45.80 -26.67 21.41
N ILE D 33 -45.32 -25.43 21.29
CA ILE D 33 -44.92 -24.87 20.00
C ILE D 33 -43.61 -25.49 19.52
N ILE D 34 -42.76 -25.85 20.48
CA ILE D 34 -41.52 -26.58 20.21
C ILE D 34 -41.82 -27.95 19.62
N GLN D 35 -42.78 -28.68 20.22
CA GLN D 35 -43.12 -30.03 19.76
C GLN D 35 -43.86 -30.04 18.42
N LEU D 36 -44.35 -28.87 17.98
CA LEU D 36 -44.93 -28.73 16.66
C LEU D 36 -43.84 -28.73 15.59
N VAL D 37 -42.72 -28.07 15.87
CA VAL D 37 -41.58 -28.06 14.93
C VAL D 37 -40.72 -29.33 15.02
N ASN D 38 -40.81 -30.05 16.15
CA ASN D 38 -39.94 -31.21 16.44
C ASN D 38 -40.46 -32.56 15.91
N ALA D 39 -41.74 -32.62 15.55
CA ALA D 39 -42.29 -33.73 14.74
C ALA D 39 -42.72 -33.25 13.33
N LYS D 40 -42.36 -32.01 12.99
CA LYS D 40 -42.57 -31.44 11.65
C LYS D 40 -44.03 -31.06 11.31
N HIS D 41 -44.88 -30.90 12.32
CA HIS D 41 -46.24 -30.39 12.11
C HIS D 41 -46.22 -29.05 11.36
N ILE D 42 -45.46 -28.08 11.87
CA ILE D 42 -45.36 -26.74 11.28
C ILE D 42 -43.93 -26.40 10.83
N PRO D 43 -43.79 -25.66 9.72
CA PRO D 43 -42.49 -25.06 9.36
C PRO D 43 -42.00 -23.96 10.32
N ALA D 44 -40.68 -23.77 10.36
CA ALA D 44 -40.03 -22.87 11.33
C ALA D 44 -40.10 -21.38 10.97
N TYR D 45 -40.24 -21.09 9.68
CA TYR D 45 -40.33 -19.70 9.19
C TYR D 45 -41.75 -19.13 9.32
N LYS D 46 -42.62 -19.89 9.98
CA LYS D 46 -43.96 -19.42 10.34
C LYS D 46 -43.98 -18.72 11.70
N LEU D 47 -43.20 -19.23 12.65
CA LEU D 47 -43.27 -18.81 14.06
C LEU D 47 -42.92 -17.34 14.34
N GLU D 48 -42.19 -16.71 13.42
CA GLU D 48 -41.82 -15.28 13.55
C GLU D 48 -43.00 -14.39 13.95
N THR D 49 -44.12 -14.55 13.24
CA THR D 49 -45.31 -13.71 13.42
C THR D 49 -46.34 -14.31 14.38
N LEU D 50 -46.37 -15.64 14.46
CA LEU D 50 -47.44 -16.36 15.18
C LEU D 50 -47.60 -15.96 16.65
N ILE D 51 -46.49 -15.95 17.38
CA ILE D 51 -46.52 -15.63 18.82
C ILE D 51 -46.84 -14.15 19.01
N GLU D 52 -47.51 -13.82 20.11
CA GLU D 52 -47.98 -12.45 20.35
C GLU D 52 -46.88 -11.54 20.90
N THR D 53 -46.32 -11.92 22.05
CA THR D 53 -45.27 -11.12 22.71
C THR D 53 -43.91 -11.37 22.06
N HIS D 54 -43.10 -10.30 21.97
CA HIS D 54 -41.77 -10.38 21.34
C HIS D 54 -40.77 -11.19 22.18
N GLU D 55 -40.88 -11.08 23.50
CA GLU D 55 -39.95 -11.74 24.42
C GLU D 55 -40.11 -13.27 24.47
N ARG D 56 -41.29 -13.78 24.11
CA ARG D 56 -41.52 -15.22 24.04
C ARG D 56 -41.06 -15.77 22.69
N GLY D 57 -41.03 -14.93 21.67
CA GLY D 57 -40.38 -15.27 20.42
C GLY D 57 -38.91 -15.56 20.63
N VAL D 58 -38.27 -14.77 21.49
CA VAL D 58 -36.84 -14.95 21.80
C VAL D 58 -36.62 -16.23 22.61
N SER D 59 -37.47 -16.48 23.60
CA SER D 59 -37.34 -17.66 24.48
C SER D 59 -37.46 -18.97 23.71
N ILE D 60 -38.43 -19.05 22.81
CA ILE D 60 -38.66 -20.23 21.97
C ILE D 60 -37.50 -20.48 21.02
N ARG D 61 -37.00 -19.41 20.40
CA ARG D 61 -35.89 -19.52 19.47
C ARG D 61 -34.66 -20.10 20.18
N ARG D 62 -34.47 -19.69 21.44
CA ARG D 62 -33.39 -20.21 22.28
C ARG D 62 -33.53 -21.69 22.55
N GLN D 63 -34.75 -22.11 22.91
CA GLN D 63 -35.02 -23.49 23.30
C GLN D 63 -34.88 -24.43 22.11
N LEU D 64 -35.32 -23.99 20.93
CA LEU D 64 -35.07 -24.70 19.67
C LEU D 64 -33.58 -24.87 19.42
N LEU D 65 -32.82 -23.82 19.69
CA LEU D 65 -31.38 -23.79 19.47
C LEU D 65 -30.61 -24.62 20.50
N SER D 66 -31.16 -24.77 21.71
CA SER D 66 -30.50 -25.54 22.76
C SER D 66 -30.45 -27.01 22.37
N LYS D 67 -31.44 -27.43 21.58
CA LYS D 67 -31.60 -28.82 21.16
C LYS D 67 -30.57 -29.25 20.12
N LYS D 68 -29.86 -28.30 19.52
CA LYS D 68 -28.82 -28.60 18.53
C LYS D 68 -27.40 -28.55 19.08
N LEU D 69 -27.22 -27.90 20.24
CA LEU D 69 -25.88 -27.73 20.83
C LEU D 69 -25.51 -28.90 21.70
N SER D 70 -24.22 -29.27 21.69
CA SER D 70 -23.71 -30.36 22.52
C SER D 70 -23.79 -30.03 24.02
N GLU D 71 -23.73 -28.74 24.36
CA GLU D 71 -24.00 -28.25 25.71
C GLU D 71 -25.36 -27.53 25.71
N PRO D 72 -26.44 -28.25 25.99
CA PRO D 72 -27.79 -27.67 26.04
C PRO D 72 -27.90 -26.37 26.84
N SER D 73 -27.29 -26.34 28.01
CA SER D 73 -27.42 -25.24 28.97
C SER D 73 -26.39 -24.13 28.77
N SER D 74 -25.79 -24.05 27.58
CA SER D 74 -24.81 -23.00 27.31
C SER D 74 -25.49 -21.63 27.10
N LEU D 75 -26.79 -21.64 26.85
CA LEU D 75 -27.57 -20.41 26.68
C LEU D 75 -28.01 -19.80 28.02
N GLN D 76 -27.58 -20.41 29.12
CA GLN D 76 -28.06 -20.12 30.46
C GLN D 76 -27.74 -18.71 30.95
N TYR D 77 -26.52 -18.28 30.69
CA TYR D 77 -26.04 -16.99 31.19
C TYR D 77 -25.92 -15.98 30.06
N LEU D 78 -26.43 -16.34 28.88
CA LEU D 78 -26.71 -15.38 27.81
C LEU D 78 -28.04 -14.74 28.17
N PRO D 79 -28.04 -13.46 28.53
CA PRO D 79 -29.28 -12.80 28.99
C PRO D 79 -30.24 -12.55 27.83
N TYR D 80 -31.49 -12.27 28.17
CA TYR D 80 -32.52 -12.00 27.17
C TYR D 80 -33.77 -11.30 27.75
N ARG D 81 -34.03 -11.51 29.04
CA ARG D 81 -35.19 -10.90 29.72
C ARG D 81 -35.02 -9.39 29.89
N ASP D 82 -36.15 -8.68 29.95
CA ASP D 82 -36.22 -7.26 30.30
C ASP D 82 -35.57 -6.31 29.29
N TYR D 83 -35.46 -6.77 28.04
CA TYR D 83 -34.90 -5.98 26.96
C TYR D 83 -36.00 -5.58 25.97
N ASN D 84 -35.91 -4.36 25.46
CA ASN D 84 -36.86 -3.85 24.47
C ASN D 84 -36.51 -4.37 23.08
N TYR D 85 -37.16 -5.46 22.66
CA TYR D 85 -36.89 -6.07 21.35
C TYR D 85 -37.72 -5.45 20.23
N SER D 86 -38.68 -4.60 20.55
CA SER D 86 -39.58 -4.03 19.52
C SER D 86 -38.85 -3.21 18.45
N LEU D 87 -37.82 -2.48 18.86
CA LEU D 87 -37.06 -1.62 17.94
C LEU D 87 -35.96 -2.36 17.17
N VAL D 88 -35.59 -3.55 17.65
CA VAL D 88 -34.59 -4.39 16.99
C VAL D 88 -35.20 -5.28 15.91
N MET D 89 -36.31 -5.95 16.21
CA MET D 89 -36.86 -6.97 15.32
C MET D 89 -37.40 -6.34 14.03
N GLY D 90 -36.85 -6.77 12.90
CA GLY D 90 -37.18 -6.15 11.63
C GLY D 90 -36.52 -4.81 11.48
N ALA D 91 -35.28 -4.70 11.95
CA ALA D 91 -34.54 -3.44 11.90
C ALA D 91 -33.02 -3.65 12.05
N CYS D 92 -32.61 -4.10 13.24
CA CYS D 92 -31.20 -4.22 13.60
C CYS D 92 -30.65 -5.63 13.62
N CYS D 93 -31.50 -6.63 13.88
CA CYS D 93 -31.05 -8.01 14.01
C CYS D 93 -32.14 -9.04 13.68
N GLU D 94 -31.72 -10.22 13.25
CA GLU D 94 -32.62 -11.35 13.04
C GLU D 94 -32.18 -12.56 13.84
N ASN D 95 -33.05 -13.56 13.91
CA ASN D 95 -32.78 -14.78 14.68
C ASN D 95 -32.26 -14.48 16.08
N VAL D 96 -32.92 -13.55 16.76
CA VAL D 96 -32.41 -13.00 18.02
C VAL D 96 -32.62 -13.97 19.17
N ILE D 97 -31.54 -14.36 19.81
CA ILE D 97 -31.55 -15.29 20.96
C ILE D 97 -31.16 -14.59 22.26
N GLY D 98 -31.11 -13.26 22.26
CA GLY D 98 -30.75 -12.51 23.46
C GLY D 98 -29.95 -11.26 23.17
N TYR D 99 -29.00 -10.96 24.06
CA TYR D 99 -28.14 -9.79 23.92
C TYR D 99 -26.81 -9.95 24.66
N MET D 100 -25.80 -9.22 24.19
CA MET D 100 -24.46 -9.26 24.73
C MET D 100 -24.16 -7.96 25.48
N PRO D 101 -24.05 -8.03 26.80
CA PRO D 101 -23.65 -6.85 27.58
C PRO D 101 -22.16 -6.54 27.42
N ILE D 102 -21.86 -5.30 27.06
CA ILE D 102 -20.48 -4.82 26.96
C ILE D 102 -20.31 -3.72 28.00
N PRO D 103 -19.38 -3.89 28.93
CA PRO D 103 -19.14 -2.87 29.96
C PRO D 103 -18.85 -1.50 29.37
N VAL D 104 -19.59 -0.49 29.83
CA VAL D 104 -19.38 0.90 29.42
C VAL D 104 -18.65 1.62 30.53
N GLY D 105 -17.60 2.36 30.18
CA GLY D 105 -16.86 3.20 31.11
C GLY D 105 -16.94 4.64 30.67
N VAL D 106 -16.38 5.57 31.46
CA VAL D 106 -16.39 6.98 31.08
C VAL D 106 -15.02 7.63 31.23
N ALA D 107 -14.54 8.23 30.15
CA ALA D 107 -13.33 9.02 30.15
C ALA D 107 -13.71 10.47 29.96
N GLY D 108 -13.53 11.27 31.01
CA GLY D 108 -13.77 12.69 30.92
C GLY D 108 -13.44 13.46 32.18
N PRO D 109 -13.64 14.78 32.16
CA PRO D 109 -14.19 15.52 31.03
C PRO D 109 -13.17 15.75 29.91
N LEU D 110 -13.65 15.86 28.67
CA LEU D 110 -12.81 16.13 27.51
C LEU D 110 -13.10 17.55 27.02
N CYS D 111 -12.09 18.42 27.07
CA CYS D 111 -12.25 19.81 26.67
C CYS D 111 -12.05 19.94 25.17
N LEU D 112 -13.14 20.19 24.45
CA LEU D 112 -13.13 20.20 22.99
C LEU D 112 -14.03 21.30 22.44
N ASP D 113 -13.41 22.28 21.79
CA ASP D 113 -14.10 23.44 21.19
C ASP D 113 -14.96 24.23 22.20
N GLU D 114 -14.36 24.53 23.35
CA GLU D 114 -14.98 25.34 24.42
C GLU D 114 -16.15 24.62 25.14
N LYS D 115 -16.12 23.29 25.13
CA LYS D 115 -17.13 22.46 25.79
C LYS D 115 -16.47 21.33 26.55
N GLU D 116 -17.25 20.64 27.39
CA GLU D 116 -16.77 19.48 28.11
C GLU D 116 -17.63 18.26 27.77
N PHE D 117 -16.99 17.10 27.62
CA PHE D 117 -17.65 15.89 27.17
C PHE D 117 -17.26 14.69 28.02
N GLN D 118 -18.27 13.98 28.52
CA GLN D 118 -18.11 12.70 29.18
C GLN D 118 -18.34 11.64 28.11
N VAL D 119 -17.29 10.90 27.75
CA VAL D 119 -17.31 10.01 26.59
C VAL D 119 -17.53 8.57 27.01
N PRO D 120 -18.60 7.94 26.53
CA PRO D 120 -18.87 6.53 26.84
C PRO D 120 -18.07 5.57 25.96
N MET D 121 -17.43 4.57 26.58
CA MET D 121 -16.57 3.63 25.85
C MET D 121 -16.89 2.18 26.23
N ALA D 122 -17.58 1.49 25.33
CA ALA D 122 -17.87 0.08 25.48
C ALA D 122 -16.65 -0.78 25.13
N THR D 123 -15.96 -1.28 26.16
CA THR D 123 -14.83 -2.18 25.95
C THR D 123 -14.73 -3.29 27.01
N THR D 124 -14.07 -4.37 26.63
CA THR D 124 -13.69 -5.43 27.55
C THR D 124 -12.18 -5.47 27.75
N GLU D 125 -11.47 -4.45 27.28
CA GLU D 125 -10.03 -4.38 27.44
C GLU D 125 -9.65 -3.57 28.67
N GLY D 126 -8.85 -4.18 29.54
CA GLY D 126 -8.40 -3.53 30.75
C GLY D 126 -7.48 -2.35 30.48
N CYS D 127 -7.62 -1.32 31.30
CA CYS D 127 -6.82 -0.08 31.26
C CYS D 127 -7.23 0.93 30.19
N LEU D 128 -8.01 0.52 29.19
CA LEU D 128 -8.30 1.39 28.05
C LEU D 128 -9.10 2.65 28.43
N VAL D 129 -10.03 2.53 29.36
CA VAL D 129 -10.85 3.67 29.75
C VAL D 129 -10.08 4.56 30.72
N ALA D 130 -9.31 3.95 31.61
CA ALA D 130 -8.48 4.71 32.56
C ALA D 130 -7.37 5.45 31.83
N SER D 131 -6.85 4.86 30.76
CA SER D 131 -5.77 5.43 29.97
C SER D 131 -6.27 6.61 29.15
N THR D 132 -7.39 6.41 28.47
CA THR D 132 -8.06 7.47 27.72
C THR D 132 -8.44 8.63 28.62
N ASN D 133 -8.87 8.31 29.85
CA ASN D 133 -9.27 9.30 30.85
C ASN D 133 -8.10 10.16 31.33
N ARG D 134 -6.93 9.55 31.50
CA ARG D 134 -5.72 10.29 31.83
C ARG D 134 -5.33 11.20 30.68
N GLY D 135 -5.54 10.71 29.45
CA GLY D 135 -5.33 11.50 28.25
C GLY D 135 -6.17 12.77 28.26
N CYS D 136 -7.39 12.66 28.74
CA CYS D 136 -8.28 13.81 28.87
C CYS D 136 -7.81 14.76 29.96
N ARG D 137 -7.24 14.22 31.04
CA ARG D 137 -6.71 15.05 32.14
C ARG D 137 -5.56 15.92 31.65
N ALA D 138 -4.69 15.34 30.82
CA ALA D 138 -3.54 16.06 30.26
C ALA D 138 -3.97 17.16 29.30
N ILE D 139 -4.94 16.84 28.44
CA ILE D 139 -5.49 17.82 27.49
C ILE D 139 -6.19 18.96 28.23
N GLY D 140 -6.95 18.63 29.28
CA GLY D 140 -7.64 19.62 30.08
C GLY D 140 -6.67 20.63 30.67
N LEU D 141 -5.59 20.15 31.27
CA LEU D 141 -4.61 21.00 31.94
C LEU D 141 -3.74 21.79 30.96
N GLY D 142 -3.84 21.48 29.67
CA GLY D 142 -3.25 22.27 28.62
C GLY D 142 -4.26 23.12 27.87
N GLY D 143 -5.34 23.51 28.52
CA GLY D 143 -6.32 24.43 27.95
C GLY D 143 -7.22 23.87 26.86
N GLY D 144 -7.30 22.55 26.74
CA GLY D 144 -8.23 21.91 25.85
C GLY D 144 -7.71 21.67 24.43
N ALA D 145 -8.60 21.07 23.64
CA ALA D 145 -8.30 20.67 22.26
C ALA D 145 -9.24 21.39 21.30
N SER D 146 -8.77 21.65 20.09
CA SER D 146 -9.57 22.27 19.05
C SER D 146 -9.69 21.31 17.88
N SER D 147 -10.78 21.42 17.13
CA SER D 147 -11.02 20.51 16.02
C SER D 147 -11.89 21.12 14.94
N ARG D 148 -11.70 20.64 13.71
CA ARG D 148 -12.47 21.07 12.56
C ARG D 148 -12.84 19.88 11.67
N VAL D 149 -14.07 19.85 11.19
CA VAL D 149 -14.44 18.92 10.15
C VAL D 149 -13.94 19.49 8.83
N LEU D 150 -12.95 18.82 8.26
CA LEU D 150 -12.33 19.22 7.00
C LEU D 150 -13.20 18.90 5.80
N ALA D 151 -13.95 17.80 5.89
CA ALA D 151 -14.90 17.40 4.85
C ALA D 151 -15.98 16.48 5.41
N ASP D 152 -17.07 16.32 4.67
CA ASP D 152 -18.20 15.50 5.10
C ASP D 152 -18.95 14.93 3.90
N GLY D 153 -18.92 13.61 3.75
CA GLY D 153 -19.59 12.95 2.65
C GLY D 153 -19.42 11.45 2.69
N MET D 154 -20.49 10.73 3.04
CA MET D 154 -20.52 9.29 2.86
C MET D 154 -20.40 8.97 1.38
N THR D 155 -19.72 7.87 1.05
CA THR D 155 -19.56 7.49 -0.35
C THR D 155 -20.10 6.12 -0.68
N ARG D 156 -20.22 5.86 -1.98
CA ARG D 156 -20.55 4.55 -2.50
C ARG D 156 -19.90 4.42 -3.88
N GLY D 157 -19.40 3.23 -4.19
CA GLY D 157 -18.51 3.06 -5.32
C GLY D 157 -18.89 1.91 -6.22
N PRO D 158 -20.05 1.98 -6.88
CA PRO D 158 -20.48 0.94 -7.82
C PRO D 158 -19.49 0.68 -8.94
N VAL D 159 -19.51 -0.55 -9.45
CA VAL D 159 -18.74 -0.89 -10.65
C VAL D 159 -19.72 -1.17 -11.78
N VAL D 160 -19.50 -0.53 -12.92
CA VAL D 160 -20.28 -0.78 -14.13
C VAL D 160 -19.35 -1.24 -15.24
N ARG D 161 -19.94 -1.90 -16.24
CA ARG D 161 -19.17 -2.35 -17.40
C ARG D 161 -19.84 -1.88 -18.69
N LEU D 162 -19.01 -1.47 -19.66
CA LEU D 162 -19.46 -1.20 -21.02
C LEU D 162 -18.77 -2.16 -21.99
N PRO D 163 -19.35 -2.38 -23.18
CA PRO D 163 -18.79 -3.31 -24.17
C PRO D 163 -17.28 -3.21 -24.38
N ARG D 164 -16.74 -2.00 -24.45
CA ARG D 164 -15.31 -1.77 -24.63
C ARG D 164 -14.77 -0.72 -23.66
N ALA D 165 -13.45 -0.66 -23.54
CA ALA D 165 -12.79 0.39 -22.75
C ALA D 165 -12.97 1.77 -23.35
N CYS D 166 -13.16 1.83 -24.67
CA CYS D 166 -13.44 3.08 -25.36
C CYS D 166 -14.83 3.60 -25.03
N ASP D 167 -15.77 2.68 -24.82
CA ASP D 167 -17.12 3.05 -24.41
C ASP D 167 -17.14 3.60 -22.98
N SER D 168 -16.40 2.97 -22.07
CA SER D 168 -16.35 3.42 -20.66
C SER D 168 -15.53 4.71 -20.48
N ALA D 169 -14.59 4.95 -21.38
CA ALA D 169 -13.85 6.22 -21.40
C ALA D 169 -14.81 7.34 -21.76
N GLU D 170 -15.71 7.05 -22.69
CA GLU D 170 -16.73 8.00 -23.14
C GLU D 170 -17.69 8.36 -22.02
N VAL D 171 -18.00 7.39 -21.16
CA VAL D 171 -18.86 7.62 -20.02
C VAL D 171 -18.13 8.45 -18.97
N LYS D 172 -16.83 8.23 -18.81
CA LYS D 172 -16.04 8.99 -17.85
C LYS D 172 -15.98 10.47 -18.23
N ALA D 173 -15.72 10.73 -19.52
CA ALA D 173 -15.67 12.09 -20.05
C ALA D 173 -17.01 12.78 -19.90
N TRP D 174 -18.08 12.02 -20.14
CA TRP D 174 -19.44 12.54 -20.02
C TRP D 174 -19.75 12.99 -18.59
N LEU D 175 -19.30 12.20 -17.61
CA LEU D 175 -19.50 12.50 -16.20
C LEU D 175 -18.65 13.68 -15.73
N GLU D 176 -17.57 13.97 -16.45
CA GLU D 176 -16.65 15.06 -16.08
C GLU D 176 -17.06 16.43 -16.63
N THR D 177 -18.00 16.45 -17.59
CA THR D 177 -18.58 17.71 -18.06
C THR D 177 -19.61 18.18 -17.03
N SER D 178 -19.87 19.48 -17.01
CA SER D 178 -20.80 20.05 -16.03
C SER D 178 -22.26 19.63 -16.26
N GLU D 179 -22.64 19.40 -17.51
CA GLU D 179 -24.04 19.11 -17.84
C GLU D 179 -24.37 17.65 -17.58
N GLY D 180 -23.38 16.77 -17.76
CA GLY D 180 -23.53 15.37 -17.38
C GLY D 180 -23.67 15.22 -15.88
N PHE D 181 -22.79 15.88 -15.13
CA PHE D 181 -22.86 15.86 -13.66
C PHE D 181 -24.14 16.50 -13.13
N ALA D 182 -24.73 17.41 -13.91
CA ALA D 182 -25.95 18.11 -13.49
C ALA D 182 -27.17 17.19 -13.54
N VAL D 183 -27.29 16.38 -14.59
CA VAL D 183 -28.42 15.46 -14.71
C VAL D 183 -28.29 14.27 -13.76
N ILE D 184 -27.04 13.92 -13.43
CA ILE D 184 -26.75 12.84 -12.50
C ILE D 184 -27.02 13.34 -11.08
N LYS D 185 -26.71 14.60 -10.83
CA LYS D 185 -27.02 15.25 -9.54
C LYS D 185 -28.52 15.43 -9.37
N GLU D 186 -29.24 15.62 -10.48
CA GLU D 186 -30.70 15.77 -10.44
C GLU D 186 -31.35 14.46 -10.02
N ALA D 187 -30.84 13.35 -10.53
CA ALA D 187 -31.37 12.03 -10.22
C ALA D 187 -31.02 11.59 -8.80
N PHE D 188 -29.83 11.98 -8.34
CA PHE D 188 -29.33 11.61 -7.02
C PHE D 188 -30.10 12.34 -5.92
N ASP D 189 -30.25 13.66 -6.09
CA ASP D 189 -30.93 14.52 -5.11
C ASP D 189 -32.44 14.27 -4.98
N SER D 190 -33.03 13.64 -5.99
CA SER D 190 -34.47 13.38 -6.01
C SER D 190 -34.92 12.35 -4.98
N THR D 191 -34.04 11.42 -4.62
CA THR D 191 -34.41 10.26 -3.81
C THR D 191 -34.53 10.54 -2.32
N SER D 192 -34.01 11.67 -1.86
CA SER D 192 -34.01 11.97 -0.41
C SER D 192 -33.84 13.45 -0.08
N ARG D 193 -34.20 13.81 1.15
CA ARG D 193 -34.09 15.19 1.63
C ARG D 193 -32.63 15.64 1.65
N PHE D 194 -31.80 14.81 2.27
CA PHE D 194 -30.41 15.15 2.54
C PHE D 194 -29.45 14.81 1.41
N ALA D 195 -29.96 14.17 0.35
CA ALA D 195 -29.13 13.73 -0.75
C ALA D 195 -28.66 14.92 -1.59
N ARG D 196 -27.46 15.41 -1.30
CA ARG D 196 -26.84 16.48 -2.09
C ARG D 196 -25.48 16.00 -2.60
N LEU D 197 -25.43 15.69 -3.90
CA LEU D 197 -24.25 15.08 -4.53
C LEU D 197 -23.13 16.08 -4.75
N GLN D 198 -21.94 15.73 -4.26
CA GLN D 198 -20.72 16.52 -4.44
C GLN D 198 -19.97 16.00 -5.66
N LYS D 199 -18.74 16.49 -5.85
CA LYS D 199 -17.90 16.09 -6.98
C LYS D 199 -17.74 14.57 -7.08
N LEU D 200 -17.93 14.03 -8.28
CA LEU D 200 -17.71 12.60 -8.55
C LEU D 200 -16.24 12.31 -8.75
N HIS D 201 -15.85 11.10 -8.38
CA HIS D 201 -14.51 10.58 -8.63
C HIS D 201 -14.63 9.24 -9.34
N THR D 202 -13.89 9.07 -10.43
CA THR D 202 -13.97 7.84 -11.21
C THR D 202 -12.61 7.22 -11.50
N SER D 203 -12.62 5.91 -11.72
CA SER D 203 -11.46 5.16 -12.17
C SER D 203 -11.89 4.12 -13.18
N ILE D 204 -11.10 3.94 -14.23
CA ILE D 204 -11.35 2.92 -15.22
C ILE D 204 -10.34 1.80 -15.04
N ALA D 205 -10.80 0.57 -15.25
CA ALA D 205 -9.95 -0.60 -15.38
C ALA D 205 -10.44 -1.38 -16.57
N GLY D 206 -9.96 -1.02 -17.76
CA GLY D 206 -10.38 -1.69 -18.98
C GLY D 206 -11.77 -1.21 -19.33
N ARG D 207 -12.72 -2.14 -19.45
CA ARG D 207 -14.11 -1.77 -19.70
C ARG D 207 -14.91 -1.63 -18.41
N ASN D 208 -14.27 -1.90 -17.28
CA ASN D 208 -14.81 -1.52 -15.99
C ASN D 208 -14.75 0.00 -15.78
N LEU D 209 -15.69 0.51 -15.01
CA LEU D 209 -15.73 1.91 -14.63
C LEU D 209 -16.26 1.98 -13.21
N TYR D 210 -15.46 2.51 -12.30
CA TYR D 210 -15.86 2.68 -10.90
C TYR D 210 -16.27 4.13 -10.68
N ILE D 211 -17.37 4.34 -9.98
CA ILE D 211 -17.93 5.68 -9.80
C ILE D 211 -18.19 5.93 -8.31
N ARG D 212 -17.56 6.96 -7.78
CA ARG D 212 -17.64 7.28 -6.36
C ARG D 212 -18.60 8.46 -6.15
N PHE D 213 -19.81 8.14 -5.70
CA PHE D 213 -20.84 9.12 -5.38
C PHE D 213 -20.70 9.51 -3.92
N GLN D 214 -20.39 10.79 -3.69
CA GLN D 214 -20.26 11.33 -2.34
C GLN D 214 -21.38 12.32 -2.05
N SER D 215 -21.93 12.22 -0.86
CA SER D 215 -23.00 13.12 -0.44
C SER D 215 -23.11 13.17 1.07
N ARG D 216 -23.63 14.29 1.57
CA ARG D 216 -23.98 14.39 2.97
C ARG D 216 -25.32 13.72 3.13
N SER D 217 -25.73 13.47 4.37
CA SER D 217 -26.90 12.64 4.63
C SER D 217 -27.59 12.99 5.95
N GLY D 218 -27.56 14.27 6.30
CA GLY D 218 -28.08 14.73 7.57
C GLY D 218 -27.22 14.21 8.70
N ASP D 219 -27.85 13.68 9.73
CA ASP D 219 -27.15 13.11 10.89
C ASP D 219 -27.01 11.60 10.83
N ALA D 220 -27.62 10.97 9.83
CA ALA D 220 -27.42 9.55 9.61
C ALA D 220 -26.02 9.31 9.05
N MET D 221 -25.54 8.08 9.20
CA MET D 221 -24.27 7.64 8.61
C MET D 221 -24.36 7.70 7.07
N GLY D 222 -25.54 7.40 6.55
CA GLY D 222 -25.88 7.66 5.16
C GLY D 222 -25.79 6.51 4.19
N MET D 223 -25.34 5.33 4.63
CA MET D 223 -25.13 4.21 3.71
C MET D 223 -26.35 3.91 2.84
N ASN D 224 -27.51 3.76 3.45
CA ASN D 224 -28.73 3.44 2.70
C ASN D 224 -29.23 4.62 1.85
N MET D 225 -29.01 5.83 2.34
CA MET D 225 -29.37 7.04 1.60
C MET D 225 -28.57 7.19 0.30
N ILE D 226 -27.27 6.94 0.36
CA ILE D 226 -26.41 7.06 -0.82
C ILE D 226 -26.68 5.89 -1.77
N SER D 227 -27.02 4.73 -1.22
CA SER D 227 -27.39 3.56 -2.01
C SER D 227 -28.65 3.82 -2.84
N LYS D 228 -29.59 4.58 -2.28
CA LYS D 228 -30.81 4.96 -2.99
C LYS D 228 -30.49 6.02 -4.04
N GLY D 229 -29.66 7.00 -3.66
CA GLY D 229 -29.16 8.01 -4.59
C GLY D 229 -28.37 7.41 -5.74
N THR D 230 -27.60 6.36 -5.45
CA THR D 230 -26.81 5.67 -6.47
C THR D 230 -27.71 4.84 -7.36
N GLU D 231 -28.79 4.31 -6.78
CA GLU D 231 -29.77 3.50 -7.50
C GLU D 231 -30.33 4.27 -8.69
N LYS D 232 -30.98 5.39 -8.42
CA LYS D 232 -31.62 6.20 -9.46
C LYS D 232 -30.57 6.85 -10.38
N ALA D 233 -29.41 7.18 -9.83
CA ALA D 233 -28.35 7.83 -10.59
C ALA D 233 -27.72 6.91 -11.64
N LEU D 234 -27.62 5.63 -11.33
CA LEU D 234 -27.07 4.65 -12.27
C LEU D 234 -28.12 4.33 -13.33
N SER D 235 -29.38 4.32 -12.90
CA SER D 235 -30.51 4.14 -13.81
C SER D 235 -30.61 5.29 -14.81
N LYS D 236 -30.21 6.48 -14.39
CA LYS D 236 -30.21 7.66 -15.27
C LYS D 236 -29.05 7.56 -16.27
N LEU D 237 -27.90 7.10 -15.79
CA LEU D 237 -26.73 6.90 -16.63
C LEU D 237 -26.99 5.78 -17.63
N HIS D 238 -27.88 4.85 -17.27
CA HIS D 238 -28.26 3.74 -18.13
C HIS D 238 -29.11 4.22 -19.31
N GLU D 239 -29.92 5.24 -19.08
CA GLU D 239 -30.71 5.86 -20.15
C GLU D 239 -29.80 6.56 -21.17
N TYR D 240 -28.71 7.14 -20.71
CA TYR D 240 -27.72 7.78 -21.59
C TYR D 240 -26.85 6.75 -22.28
N PHE D 241 -26.68 5.60 -21.63
CA PHE D 241 -25.78 4.55 -22.09
C PHE D 241 -26.46 3.19 -21.90
N PRO D 242 -27.34 2.82 -22.84
CA PRO D 242 -28.18 1.61 -22.70
C PRO D 242 -27.43 0.28 -22.69
N GLU D 243 -26.21 0.25 -23.22
CA GLU D 243 -25.39 -0.95 -23.23
C GLU D 243 -24.59 -1.17 -21.93
N MET D 244 -24.76 -0.28 -20.96
CA MET D 244 -24.06 -0.36 -19.68
C MET D 244 -24.69 -1.41 -18.78
N GLN D 245 -23.94 -2.47 -18.51
CA GLN D 245 -24.28 -3.42 -17.46
C GLN D 245 -23.98 -2.77 -16.12
N ILE D 246 -24.92 -2.87 -15.18
CA ILE D 246 -24.64 -2.54 -13.79
C ILE D 246 -24.25 -3.84 -13.10
N LEU D 247 -22.98 -3.96 -12.75
CA LEU D 247 -22.46 -5.19 -12.16
C LEU D 247 -22.74 -5.27 -10.67
N ALA D 248 -22.46 -4.20 -9.94
CA ALA D 248 -22.70 -4.15 -8.51
C ALA D 248 -22.79 -2.71 -8.00
N VAL D 249 -23.65 -2.49 -7.00
CA VAL D 249 -23.79 -1.16 -6.38
C VAL D 249 -22.56 -0.81 -5.55
N SER D 250 -21.84 -1.82 -5.08
CA SER D 250 -20.52 -1.63 -4.49
C SER D 250 -19.47 -2.48 -5.18
N GLY D 251 -18.60 -1.82 -5.94
CA GLY D 251 -17.41 -2.43 -6.50
C GLY D 251 -16.15 -2.19 -5.67
N ASN D 252 -16.32 -2.08 -4.36
CA ASN D 252 -15.22 -1.87 -3.40
C ASN D 252 -14.43 -0.58 -3.61
N TYR D 253 -15.06 0.39 -4.27
CA TYR D 253 -14.44 1.68 -4.56
C TYR D 253 -14.96 2.77 -3.59
N CYS D 254 -15.80 2.37 -2.63
CA CYS D 254 -16.40 3.34 -1.68
C CYS D 254 -15.34 3.98 -0.77
N THR D 255 -14.51 3.23 -0.05
CA THR D 255 -14.60 1.78 0.14
C THR D 255 -15.17 1.53 1.53
N ASP D 256 -16.08 0.56 1.62
CA ASP D 256 -16.81 0.31 2.84
C ASP D 256 -16.32 -0.96 3.51
N LYS D 257 -15.82 -0.79 4.74
CA LYS D 257 -15.45 -1.88 5.64
C LYS D 257 -14.25 -2.72 5.17
N LYS D 258 -13.38 -2.12 4.37
CA LYS D 258 -12.10 -2.73 3.97
C LYS D 258 -11.01 -1.67 3.99
N PRO D 259 -9.76 -2.06 4.24
CA PRO D 259 -8.64 -1.11 4.14
C PRO D 259 -8.46 -0.64 2.69
N ALA D 260 -8.59 0.66 2.45
CA ALA D 260 -8.40 1.21 1.12
C ALA D 260 -7.69 2.57 1.17
N ALA D 261 -6.76 2.76 0.23
CA ALA D 261 -6.00 3.99 0.11
C ALA D 261 -6.90 5.17 -0.27
N ILE D 262 -7.99 4.89 -0.97
CA ILE D 262 -8.90 5.95 -1.46
C ILE D 262 -9.63 6.65 -0.32
N ASN D 263 -9.97 5.92 0.75
CA ASN D 263 -10.59 6.54 1.91
C ASN D 263 -9.59 7.46 2.62
N TRP D 264 -8.33 7.04 2.65
CA TRP D 264 -7.25 7.80 3.27
C TRP D 264 -6.93 9.10 2.52
N ILE D 265 -7.10 9.08 1.20
CA ILE D 265 -6.65 10.17 0.32
C ILE D 265 -7.77 11.16 -0.02
N GLU D 266 -8.96 10.63 -0.28
CA GLU D 266 -10.15 11.42 -0.61
C GLU D 266 -11.01 11.68 0.61
N GLY D 267 -10.84 10.88 1.65
CA GLY D 267 -11.72 10.93 2.79
C GLY D 267 -13.00 10.17 2.52
N ARG D 268 -13.75 9.89 3.58
CA ARG D 268 -15.04 9.21 3.48
C ARG D 268 -15.79 9.42 4.78
N GLY D 269 -17.06 9.78 4.69
CA GLY D 269 -17.79 10.27 5.84
C GLY D 269 -17.15 11.57 6.29
N LYS D 270 -16.81 11.65 7.57
CA LYS D 270 -16.18 12.85 8.13
C LYS D 270 -14.66 12.72 8.03
N SER D 271 -14.03 13.75 7.48
CA SER D 271 -12.60 13.98 7.65
C SER D 271 -12.46 15.03 8.74
N VAL D 272 -11.65 14.74 9.75
CA VAL D 272 -11.54 15.60 10.93
C VAL D 272 -10.08 15.82 11.32
N VAL D 273 -9.76 17.00 11.83
CA VAL D 273 -8.46 17.26 12.45
C VAL D 273 -8.67 17.74 13.88
N CYS D 274 -7.70 17.46 14.75
CA CYS D 274 -7.79 17.80 16.17
C CYS D 274 -6.41 18.08 16.73
N GLU D 275 -6.31 18.96 17.72
CA GLU D 275 -5.01 19.36 18.23
C GLU D 275 -5.01 19.86 19.66
N ALA D 276 -3.83 19.93 20.23
CA ALA D 276 -3.64 20.35 21.62
C ALA D 276 -2.18 20.69 21.86
N VAL D 277 -1.94 21.54 22.85
CA VAL D 277 -0.60 21.73 23.39
C VAL D 277 -0.66 21.32 24.85
N ILE D 278 0.27 20.45 25.24
CA ILE D 278 0.40 19.98 26.62
C ILE D 278 1.63 20.68 27.21
N PRO D 279 1.43 21.58 28.16
CA PRO D 279 2.55 22.24 28.84
C PRO D 279 3.63 21.25 29.29
N ALA D 280 4.88 21.71 29.36
CA ALA D 280 5.98 20.84 29.76
C ALA D 280 5.75 20.25 31.15
N LYS D 281 5.18 21.07 32.04
CA LYS D 281 4.86 20.64 33.40
C LYS D 281 3.87 19.47 33.42
N VAL D 282 2.86 19.53 32.54
CA VAL D 282 1.83 18.49 32.50
C VAL D 282 2.34 17.14 31.96
N VAL D 283 3.23 17.19 30.96
CA VAL D 283 3.84 15.97 30.41
C VAL D 283 4.68 15.25 31.48
N ARG D 284 5.28 16.03 32.37
CA ARG D 284 6.15 15.51 33.41
C ARG D 284 5.36 14.85 34.54
N GLU D 285 4.32 15.54 35.02
CA GLU D 285 3.64 15.19 36.26
C GLU D 285 2.47 14.25 36.05
N VAL D 286 1.70 14.48 35.00
CA VAL D 286 0.54 13.65 34.67
C VAL D 286 0.91 12.48 33.74
N LEU D 287 1.68 12.77 32.70
CA LEU D 287 2.03 11.75 31.69
C LEU D 287 3.34 11.01 32.01
N LYS D 288 4.12 11.52 32.97
CA LYS D 288 5.28 10.80 33.49
C LYS D 288 6.35 10.51 32.43
N THR D 289 6.66 11.54 31.64
CA THR D 289 7.63 11.43 30.55
C THR D 289 8.12 12.85 30.15
N THR D 290 8.76 12.98 28.99
CA THR D 290 9.16 14.30 28.48
C THR D 290 8.70 14.51 27.05
N THR D 291 8.42 15.77 26.70
CA THR D 291 8.03 16.14 25.35
C THR D 291 9.00 15.58 24.31
N GLU D 292 10.29 15.66 24.62
CA GLU D 292 11.34 15.15 23.74
C GLU D 292 11.16 13.64 23.48
N ALA D 293 10.98 12.87 24.54
CA ALA D 293 10.80 11.43 24.44
C ALA D 293 9.51 11.01 23.73
N MET D 294 8.44 11.80 23.91
CA MET D 294 7.16 11.55 23.24
C MET D 294 7.30 11.68 21.73
N ILE D 295 7.99 12.75 21.32
CA ILE D 295 8.26 13.02 19.90
C ILE D 295 9.11 11.92 19.31
N GLU D 296 10.02 11.38 20.11
CA GLU D 296 10.97 10.36 19.65
C GLU D 296 10.22 9.05 19.38
N VAL D 297 9.30 8.68 20.27
CA VAL D 297 8.50 7.46 20.09
C VAL D 297 7.48 7.63 18.98
N ASN D 298 6.92 8.82 18.83
CA ASN D 298 5.91 9.06 17.79
C ASN D 298 6.50 9.03 16.40
N ILE D 299 7.63 9.70 16.22
CA ILE D 299 8.32 9.68 14.94
C ILE D 299 8.62 8.22 14.60
N ASN D 300 9.29 7.53 15.51
CA ASN D 300 9.86 6.22 15.21
C ASN D 300 8.92 5.02 15.30
N LYS D 301 7.76 5.21 15.93
CA LYS D 301 6.72 4.19 16.01
C LYS D 301 5.64 4.48 14.97
N ASN D 302 4.98 5.62 15.13
CA ASN D 302 3.77 5.92 14.38
C ASN D 302 3.99 6.32 12.93
N LEU D 303 5.17 6.85 12.62
CA LEU D 303 5.54 7.15 11.24
C LEU D 303 6.53 6.12 10.68
N VAL D 304 7.69 5.98 11.32
CA VAL D 304 8.78 5.17 10.76
C VAL D 304 8.45 3.69 10.89
N GLY D 305 7.89 3.32 12.03
CA GLY D 305 7.49 1.94 12.27
C GLY D 305 6.34 1.50 11.39
N SER D 306 5.28 2.30 11.31
CA SER D 306 4.14 2.00 10.46
C SER D 306 4.59 1.93 9.01
N ALA D 307 5.57 2.76 8.67
CA ALA D 307 6.15 2.78 7.33
C ALA D 307 6.84 1.46 7.03
N MET D 308 7.61 0.94 7.98
CA MET D 308 8.31 -0.34 7.81
C MET D 308 7.35 -1.53 7.74
N ALA D 309 6.21 -1.43 8.40
CA ALA D 309 5.20 -2.49 8.40
C ALA D 309 4.30 -2.44 7.16
N GLY D 310 4.47 -1.42 6.34
CA GLY D 310 3.74 -1.30 5.09
C GLY D 310 2.29 -0.84 5.26
N SER D 311 2.09 0.12 6.14
CA SER D 311 0.74 0.57 6.50
C SER D 311 0.26 1.70 5.62
N ILE D 312 -0.98 1.59 5.16
CA ILE D 312 -1.69 2.72 4.58
C ILE D 312 -2.69 3.18 5.64
N GLY D 313 -2.47 4.40 6.15
CA GLY D 313 -3.41 5.03 7.05
C GLY D 313 -3.35 4.60 8.51
N GLY D 314 -2.37 3.77 8.86
CA GLY D 314 -2.24 3.26 10.21
C GLY D 314 -1.05 3.86 10.93
N TYR D 315 -0.97 5.19 10.87
CA TYR D 315 0.12 5.93 11.47
C TYR D 315 -0.23 6.43 12.87
N ASN D 316 -0.71 5.52 13.71
CA ASN D 316 -1.11 5.82 15.07
C ASN D 316 -0.82 4.66 16.01
N ALA D 317 -0.95 4.89 17.31
CA ALA D 317 -0.75 3.85 18.32
C ALA D 317 -1.96 2.92 18.41
N HIS D 318 -3.12 3.46 18.74
CA HIS D 318 -4.31 2.63 18.98
C HIS D 318 -5.65 3.39 18.83
N ALA D 319 -5.75 4.21 17.79
CA ALA D 319 -6.99 4.88 17.45
C ALA D 319 -8.19 3.92 17.43
N ALA D 320 -7.95 2.68 17.00
CA ALA D 320 -8.99 1.66 16.86
C ALA D 320 -9.56 1.19 18.20
N ASN D 321 -8.73 1.14 19.24
CA ASN D 321 -9.25 0.93 20.59
C ASN D 321 -10.34 1.95 20.91
N ILE D 322 -10.03 3.23 20.73
CA ILE D 322 -10.96 4.31 21.11
C ILE D 322 -12.18 4.37 20.19
N VAL D 323 -11.96 4.23 18.89
CA VAL D 323 -13.04 4.30 17.90
C VAL D 323 -14.07 3.19 18.09
N THR D 324 -13.59 1.97 18.34
CA THR D 324 -14.43 0.80 18.49
C THR D 324 -15.28 0.88 19.76
N ALA D 325 -14.66 1.37 20.83
CA ALA D 325 -15.34 1.50 22.11
C ALA D 325 -16.48 2.51 22.05
N ILE D 326 -16.21 3.69 21.49
CA ILE D 326 -17.24 4.71 21.33
C ILE D 326 -18.34 4.27 20.36
N TYR D 327 -17.95 3.55 19.31
CA TYR D 327 -18.90 3.10 18.28
C TYR D 327 -19.91 2.08 18.82
N ILE D 328 -19.43 1.14 19.63
CA ILE D 328 -20.30 0.13 20.21
C ILE D 328 -21.25 0.77 21.22
N ALA D 329 -20.76 1.74 21.98
CA ALA D 329 -21.56 2.42 22.98
C ALA D 329 -22.60 3.35 22.37
N CYS D 330 -22.28 3.91 21.21
CA CYS D 330 -23.09 4.97 20.60
C CYS D 330 -23.92 4.48 19.40
N GLY D 331 -24.04 3.16 19.23
CA GLY D 331 -24.90 2.59 18.22
C GLY D 331 -24.41 2.73 16.80
N GLN D 332 -23.12 2.97 16.66
CA GLN D 332 -22.47 3.00 15.36
C GLN D 332 -22.24 1.59 14.87
N ASP D 333 -21.92 1.49 13.58
CA ASP D 333 -21.57 0.22 12.95
C ASP D 333 -20.09 -0.06 13.27
N ALA D 334 -19.84 -0.97 14.21
CA ALA D 334 -18.48 -1.25 14.69
C ALA D 334 -17.59 -1.90 13.64
N ALA D 335 -18.18 -2.52 12.63
CA ALA D 335 -17.41 -3.07 11.50
C ALA D 335 -16.73 -1.97 10.70
N GLN D 336 -17.30 -0.78 10.72
CA GLN D 336 -16.71 0.36 10.02
C GLN D 336 -15.47 0.95 10.71
N ASN D 337 -15.04 0.34 11.82
CA ASN D 337 -13.81 0.76 12.49
C ASN D 337 -12.56 0.50 11.61
N VAL D 338 -12.71 -0.34 10.60
CA VAL D 338 -11.62 -0.61 9.66
C VAL D 338 -11.15 0.67 8.98
N GLY D 339 -12.08 1.44 8.42
CA GLY D 339 -11.78 2.70 7.77
C GLY D 339 -11.82 3.92 8.70
N SER D 340 -12.69 3.86 9.70
CA SER D 340 -12.83 4.95 10.67
C SER D 340 -11.61 5.14 11.54
N SER D 341 -10.84 4.06 11.75
CA SER D 341 -9.62 4.08 12.57
C SER D 341 -8.44 4.75 11.88
N ASN D 342 -8.54 4.98 10.58
CA ASN D 342 -7.51 5.72 9.85
C ASN D 342 -7.13 6.99 10.60
N CYS D 343 -5.83 7.16 10.84
CA CYS D 343 -5.36 8.24 11.69
C CYS D 343 -3.83 8.40 11.64
N ILE D 344 -3.38 9.65 11.57
CA ILE D 344 -1.98 9.98 11.75
C ILE D 344 -1.78 10.91 12.95
N THR D 345 -1.11 10.40 13.96
CA THR D 345 -0.71 11.16 15.13
C THR D 345 0.66 11.80 14.89
N LEU D 346 0.68 13.13 14.86
CA LEU D 346 1.91 13.90 14.77
C LEU D 346 2.21 14.57 16.10
N MET D 347 3.48 14.54 16.50
CA MET D 347 3.94 15.21 17.71
C MET D 347 5.16 16.08 17.39
N GLU D 348 5.11 17.34 17.82
CA GLU D 348 6.19 18.30 17.60
C GLU D 348 6.52 19.08 18.87
N ALA D 349 7.67 19.75 18.86
CA ALA D 349 8.05 20.67 19.92
C ALA D 349 7.27 21.99 19.75
N SER D 350 7.03 22.67 20.86
CA SER D 350 6.17 23.85 20.87
C SER D 350 6.54 24.81 22.00
N GLY D 351 6.09 26.06 21.88
CA GLY D 351 6.30 27.05 22.91
C GLY D 351 7.62 27.77 22.76
N PRO D 352 7.89 28.76 23.62
CA PRO D 352 9.12 29.55 23.55
C PRO D 352 10.39 28.72 23.80
N THR D 353 10.33 27.86 24.81
CA THR D 353 11.49 27.03 25.18
C THR D 353 11.51 25.71 24.40
N ASN D 354 10.55 25.54 23.49
CA ASN D 354 10.45 24.34 22.66
C ASN D 354 10.20 23.05 23.47
N GLU D 355 9.69 23.22 24.70
CA GLU D 355 9.56 22.12 25.64
C GLU D 355 8.11 21.61 25.80
N ASP D 356 7.17 22.33 25.18
CA ASP D 356 5.76 21.95 25.21
C ASP D 356 5.44 20.98 24.07
N LEU D 357 4.46 20.11 24.29
CA LEU D 357 4.13 19.03 23.37
C LEU D 357 2.89 19.33 22.51
N TYR D 358 3.13 19.75 21.27
CA TYR D 358 2.05 19.84 20.29
C TYR D 358 1.70 18.44 19.78
N ILE D 359 0.44 18.06 19.92
CA ILE D 359 -0.08 16.80 19.39
C ILE D 359 -1.22 17.10 18.44
N SER D 360 -1.39 16.25 17.42
CA SER D 360 -2.52 16.38 16.52
C SER D 360 -2.84 15.03 15.86
N CYS D 361 -4.12 14.68 15.84
CA CYS D 361 -4.58 13.50 15.12
C CYS D 361 -5.41 13.94 13.94
N THR D 362 -5.17 13.30 12.79
CA THR D 362 -5.92 13.57 11.57
C THR D 362 -6.58 12.27 11.07
N MET D 363 -7.91 12.23 11.14
CA MET D 363 -8.68 11.05 10.82
C MET D 363 -9.58 11.39 9.63
N PRO D 364 -9.18 11.00 8.42
CA PRO D 364 -9.85 11.51 7.21
C PRO D 364 -11.12 10.77 6.84
N SER D 365 -11.49 9.72 7.57
CA SER D 365 -12.56 8.83 7.13
C SER D 365 -13.40 8.20 8.25
N ILE D 366 -13.80 9.02 9.22
CA ILE D 366 -14.69 8.62 10.32
C ILE D 366 -16.13 8.44 9.82
N GLU D 367 -16.59 7.19 9.77
CA GLU D 367 -17.93 6.88 9.27
C GLU D 367 -18.87 6.82 10.46
N ILE D 368 -19.81 7.77 10.52
CA ILE D 368 -20.59 7.97 11.75
C ILE D 368 -21.94 8.66 11.57
N GLY D 369 -22.78 8.57 12.59
CA GLY D 369 -24.11 9.15 12.58
C GLY D 369 -24.79 9.07 13.93
N THR D 370 -25.83 9.87 14.12
CA THR D 370 -26.59 9.89 15.38
C THR D 370 -28.07 9.54 15.16
N VAL D 371 -28.42 9.06 13.97
CA VAL D 371 -29.77 8.56 13.69
C VAL D 371 -29.73 7.37 12.73
N GLY D 372 -30.69 6.45 12.92
CA GLY D 372 -30.78 5.26 12.10
C GLY D 372 -29.87 4.18 12.66
N GLY D 373 -29.99 2.97 12.13
CA GLY D 373 -29.18 1.86 12.60
C GLY D 373 -29.39 1.58 14.08
N GLY D 374 -28.28 1.36 14.80
CA GLY D 374 -28.30 1.07 16.22
C GLY D 374 -28.39 2.29 17.12
N THR D 375 -28.47 3.49 16.54
CA THR D 375 -28.80 4.69 17.30
C THR D 375 -30.31 4.77 17.55
N ASN D 376 -31.07 3.88 16.91
CA ASN D 376 -32.49 3.72 17.20
C ASN D 376 -32.77 3.05 18.54
N LEU D 377 -31.78 2.38 19.11
CA LEU D 377 -31.98 1.63 20.36
C LEU D 377 -31.74 2.52 21.58
N LEU D 378 -32.54 2.34 22.63
CA LEU D 378 -32.56 3.24 23.79
C LEU D 378 -31.27 3.25 24.62
N PRO D 379 -30.67 2.09 24.90
CA PRO D 379 -29.38 2.05 25.58
C PRO D 379 -28.30 2.84 24.84
N GLN D 380 -28.27 2.70 23.52
CA GLN D 380 -27.31 3.40 22.67
C GLN D 380 -27.59 4.91 22.64
N GLN D 381 -28.88 5.27 22.69
CA GLN D 381 -29.30 6.67 22.70
C GLN D 381 -28.98 7.36 24.03
N ALA D 382 -28.83 6.57 25.08
CA ALA D 382 -28.42 7.09 26.38
C ALA D 382 -27.00 7.65 26.26
N CYS D 383 -26.13 6.87 25.63
CA CYS D 383 -24.74 7.25 25.43
C CYS D 383 -24.59 8.45 24.49
N LEU D 384 -25.43 8.50 23.46
CA LEU D 384 -25.45 9.61 22.53
C LEU D 384 -25.92 10.89 23.24
N GLN D 385 -26.86 10.72 24.19
CA GLN D 385 -27.40 11.84 24.96
C GLN D 385 -26.40 12.38 25.96
N MET D 386 -25.53 11.52 26.49
CA MET D 386 -24.43 11.95 27.35
C MET D 386 -23.60 13.03 26.66
N LEU D 387 -23.31 12.81 25.39
CA LEU D 387 -22.49 13.72 24.59
C LEU D 387 -23.29 14.86 23.95
N GLY D 388 -24.61 14.83 24.12
CA GLY D 388 -25.48 15.89 23.68
C GLY D 388 -25.70 15.87 22.18
N VAL D 389 -25.51 14.72 21.56
CA VAL D 389 -25.55 14.60 20.10
C VAL D 389 -26.65 13.65 19.57
N GLN D 390 -27.48 13.12 20.46
CA GLN D 390 -28.48 12.14 20.05
C GLN D 390 -29.51 12.71 19.08
N GLY D 391 -29.90 11.88 18.11
CA GLY D 391 -30.97 12.23 17.19
C GLY D 391 -30.54 13.27 16.17
N ALA D 392 -31.52 13.75 15.40
CA ALA D 392 -31.27 14.72 14.35
C ALA D 392 -31.16 16.14 14.92
N CYS D 393 -30.12 16.85 14.53
CA CYS D 393 -30.01 18.28 14.78
C CYS D 393 -31.00 19.00 13.88
N LYS D 394 -32.02 19.59 14.49
CA LYS D 394 -33.11 20.20 13.77
C LYS D 394 -32.78 21.58 13.17
N ASP D 395 -31.91 22.34 13.84
CA ASP D 395 -31.56 23.68 13.36
C ASP D 395 -30.32 23.72 12.46
N ASN D 396 -29.72 22.56 12.23
CA ASN D 396 -28.56 22.44 11.36
C ASN D 396 -28.34 20.97 10.98
N PRO D 397 -29.16 20.46 10.07
CA PRO D 397 -29.13 19.03 9.70
C PRO D 397 -27.72 18.47 9.45
N GLY D 398 -27.22 17.68 10.41
CA GLY D 398 -25.94 17.00 10.28
C GLY D 398 -24.87 17.43 11.27
N GLU D 399 -25.20 18.34 12.17
CA GLU D 399 -24.21 18.91 13.09
C GLU D 399 -23.96 18.03 14.31
N ASN D 400 -24.93 17.19 14.66
CA ASN D 400 -24.75 16.21 15.73
C ASN D 400 -23.77 15.09 15.31
N ALA D 401 -23.87 14.66 14.05
CA ALA D 401 -22.97 13.63 13.51
C ALA D 401 -21.57 14.19 13.35
N ARG D 402 -21.50 15.47 12.99
CA ARG D 402 -20.23 16.18 12.91
C ARG D 402 -19.59 16.28 14.28
N GLN D 403 -20.42 16.58 15.29
CA GLN D 403 -19.95 16.79 16.65
C GLN D 403 -19.44 15.50 17.27
N LEU D 404 -20.08 14.38 16.94
CA LEU D 404 -19.68 13.08 17.46
C LEU D 404 -18.39 12.63 16.81
N ALA D 405 -18.24 12.95 15.53
CA ALA D 405 -17.01 12.65 14.79
C ALA D 405 -15.85 13.44 15.38
N ARG D 406 -16.10 14.72 15.66
CA ARG D 406 -15.13 15.59 16.33
C ARG D 406 -14.77 15.03 17.70
N ILE D 407 -15.76 14.53 18.44
CA ILE D 407 -15.51 13.96 19.76
C ILE D 407 -14.68 12.70 19.65
N VAL D 408 -14.91 11.91 18.60
CA VAL D 408 -14.17 10.66 18.40
C VAL D 408 -12.70 11.00 18.17
N CYS D 409 -12.44 12.04 17.38
CA CYS D 409 -11.08 12.41 17.03
C CYS D 409 -10.33 12.95 18.23
N GLY D 410 -11.04 13.68 19.10
CA GLY D 410 -10.43 14.26 20.29
C GLY D 410 -10.19 13.21 21.35
N THR D 411 -11.10 12.25 21.45
CA THR D 411 -10.94 11.11 22.35
C THR D 411 -9.86 10.16 21.84
N VAL D 412 -9.69 10.08 20.52
CA VAL D 412 -8.64 9.27 19.92
C VAL D 412 -7.29 9.90 20.26
N MET D 413 -7.22 11.22 20.14
CA MET D 413 -6.01 11.95 20.49
C MET D 413 -5.66 11.75 21.97
N ALA D 414 -6.67 11.79 22.85
CA ALA D 414 -6.44 11.57 24.27
C ALA D 414 -5.85 10.18 24.52
N GLY D 415 -6.41 9.18 23.85
CA GLY D 415 -5.90 7.82 23.93
C GLY D 415 -4.46 7.67 23.47
N GLU D 416 -4.08 8.43 22.44
CA GLU D 416 -2.70 8.43 21.92
C GLU D 416 -1.74 9.02 22.92
N LEU D 417 -2.14 10.13 23.54
CA LEU D 417 -1.30 10.80 24.54
C LEU D 417 -0.92 9.85 25.66
N SER D 418 -1.90 9.11 26.17
CA SER D 418 -1.72 8.27 27.35
C SER D 418 -0.85 7.05 27.05
N LEU D 419 -1.17 6.35 25.97
CA LEU D 419 -0.46 5.10 25.63
C LEU D 419 0.97 5.39 25.20
N MET D 420 1.17 6.47 24.47
CA MET D 420 2.50 6.85 23.99
C MET D 420 3.39 7.31 25.14
N ALA D 421 2.78 7.98 26.12
CA ALA D 421 3.46 8.35 27.35
C ALA D 421 3.86 7.10 28.13
N ALA D 422 2.96 6.12 28.17
CA ALA D 422 3.23 4.86 28.84
C ALA D 422 4.42 4.19 28.18
N LEU D 423 4.39 4.12 26.85
CA LEU D 423 5.43 3.44 26.09
C LEU D 423 6.77 4.11 26.27
N ALA D 424 6.76 5.45 26.35
CA ALA D 424 7.99 6.24 26.47
C ALA D 424 8.63 6.10 27.85
N ALA D 425 7.82 5.86 28.88
CA ALA D 425 8.32 5.63 30.24
C ALA D 425 8.67 4.16 30.47
N GLY D 426 8.82 3.40 29.40
CA GLY D 426 9.27 2.02 29.49
C GLY D 426 8.24 1.06 30.05
N HIS D 427 7.01 1.17 29.57
CA HIS D 427 5.94 0.25 29.97
C HIS D 427 5.91 -0.93 29.01
N LEU D 428 6.02 -2.13 29.56
CA LEU D 428 5.84 -3.38 28.82
C LEU D 428 4.97 -4.24 29.74
N VAL D 429 3.68 -3.90 29.76
CA VAL D 429 2.79 -4.26 30.85
C VAL D 429 1.66 -5.20 30.33
N LYS D 430 0.39 -5.14 30.81
CA LYS D 430 -0.17 -4.14 31.72
C LYS D 430 -0.46 -4.71 33.11
S SO4 E . 10.00 19.64 -18.16
O1 SO4 E . 8.69 19.81 -18.75
O2 SO4 E . 10.72 18.57 -18.85
O3 SO4 E . 9.89 19.28 -16.76
O4 SO4 E . 10.74 20.90 -18.30
N1 7HI F . 11.33 -12.90 -19.67
C4 7HI F . 10.94 -16.35 -18.05
C5 7HI F . 11.00 -14.19 -19.40
C6 7HI F . 11.18 -11.25 -21.63
C7 7HI F . 11.96 -11.99 -18.70
C8 7HI F . 10.84 -11.36 -17.86
C10 7HI F . 10.17 -9.77 -16.04
C13 7HI F . 9.94 -10.36 -21.57
C15 7HI F . 8.71 -16.13 -29.80
C17 7HI F . 8.77 -14.87 -25.51
C20 7HI F . 8.55 -14.95 -26.89
C21 7HI F . 9.04 -15.24 -32.02
C22 7HI F . 9.42 -15.06 -29.25
C24 7HI F . 9.76 -14.17 -31.48
C26 7HI F . 11.15 -14.87 -25.89
O2 7HI F . 9.10 -12.94 -23.24
C3 7HI F . 9.86 -13.82 -22.86
N2 7HI F . 10.34 -14.78 -23.66
C32 7HI F . 10.07 -14.83 -25.00
C23 7HI F . 10.92 -14.94 -27.27
C29 7HI F . 9.63 -14.97 -27.77
C18 7HI F . 9.95 -14.08 -30.10
C16 7HI F . 8.52 -16.21 -31.18
C2 7HI F . 10.40 -13.72 -21.47
C12 7HI F . 10.98 -12.57 -20.93
C27 7HI F . 11.25 -14.86 -18.06
C25 7HI F . 9.48 -16.62 -18.34
C19 7HI F . 9.00 -16.53 -19.57
C14 7HI F . 9.86 -16.14 -20.73
C1 7HI F . 10.39 -14.74 -20.54
C9 7HI F . 11.34 -10.36 -16.82
O4 7HI F . 12.00 -9.29 -17.48
C11 7HI F . 9.47 -10.75 -15.11
O3 7HI F . 10.36 -11.16 -14.10
C35 7HI F . 8.29 -10.06 -14.43
C36 7HI F . 7.35 -11.10 -13.90
O7 7HI F . 7.37 -11.39 -12.71
O6 7HI F . 6.48 -11.70 -14.73
S SO4 G . 20.95 -12.82 -14.26
O1 SO4 G . 19.57 -12.40 -14.03
O2 SO4 G . 21.16 -14.15 -13.72
O3 SO4 G . 21.86 -11.88 -13.62
O4 SO4 G . 21.18 -12.82 -15.71
N1 7HI H . 15.57 18.84 -8.72
C4 7HI H . 13.45 21.83 -7.69
C5 7HI H . 15.11 19.92 -8.05
C6 7HI H . 17.81 17.67 -9.16
C7 7HI H . 14.76 17.91 -9.52
C8 7HI H . 14.36 16.77 -8.60
C10 7HI H . 12.78 14.86 -8.22
C13 7HI H . 18.23 16.67 -8.11
C15 7HI H . 25.03 23.45 -5.57
C17 7HI H . 21.10 21.45 -6.06
C20 7HI H . 22.44 21.79 -5.84
C21 7HI H . 27.37 23.32 -6.18
C22 7HI H . 24.69 22.61 -6.64
C24 7HI H . 27.03 22.49 -7.24
C26 7HI H . 21.38 21.99 -8.39
O2 7HI H . 19.28 19.15 -6.74
C3 7HI H . 18.69 20.05 -7.31
N2 7HI H . 19.27 21.22 -7.61
C32 7HI H . 20.57 21.53 -7.34
C23 7HI H . 22.72 22.33 -8.16
C29 7HI H . 23.27 22.24 -6.89
C18 7HI H . 25.70 22.14 -7.48
C16 7HI H . 26.36 23.80 -5.35
C2 7HI H . 17.28 19.79 -7.75
C12 7HI H . 16.90 18.73 -8.55
C27 7HI H . 13.64 20.35 -8.00
C25 7HI H . 13.73 22.10 -6.23
C19 7HI H . 14.91 21.81 -5.70
C14 7HI H . 16.16 21.78 -6.54
C1 7HI H . 16.18 20.54 -7.41
C9 7HI H . 13.33 15.83 -9.25
O4 7HI H . 13.96 15.04 -10.23
C11 7HI H . 11.76 15.48 -7.27
O3 7HI H . 10.61 15.83 -8.00
C35 7HI H . 11.41 14.42 -6.22
C36 7HI H . 10.62 15.06 -5.11
O7 7HI H . 9.40 15.04 -5.14
O6 7HI H . 11.24 15.65 -4.09
S SO4 I . -4.51 -12.06 26.35
O1 SO4 I . -5.77 -11.63 26.95
O2 SO4 I . -4.75 -13.23 25.52
O3 SO4 I . -3.57 -12.42 27.41
O4 SO4 I . -3.97 -10.97 25.53
S SO4 J . -27.74 4.38 7.60
O1 SO4 J . -27.80 3.70 8.89
O2 SO4 J . -28.93 4.06 6.82
O3 SO4 J . -26.56 3.93 6.89
O4 SO4 J . -27.69 5.82 7.81
N1 7HI K . -2.20 -1.15 26.38
C4 7HI K . 1.40 -2.26 26.94
C5 7HI K . -0.89 -1.18 26.74
C6 7HI K . -4.30 0.23 26.90
C7 7HI K . -2.82 -2.04 25.41
C8 7HI K . -2.67 -1.40 24.04
C10 7HI K . -2.77 -1.68 21.58
C13 7HI K . -4.49 1.27 25.82
C15 7HI K . -2.07 5.99 34.72
C17 7HI K . -1.90 3.88 30.70
C20 7HI K . -2.20 4.83 31.68
C21 7HI K . -3.69 7.28 35.98
C22 7HI K . -3.10 5.44 33.95
C24 7HI K . -4.72 6.72 35.21
C26 7HI K . -2.72 2.14 32.14
O2 7HI K . -2.78 2.58 28.19
C3 7HI K . -2.20 1.63 28.71
N2 7HI K . -1.89 1.56 30.01
C32 7HI K . -2.17 2.53 30.92
C23 7HI K . -3.03 3.09 33.11
C29 7HI K . -2.78 4.44 32.88
C18 7HI K . -4.42 5.81 34.21
C16 7HI K . -2.37 6.91 35.73
C2 7HI K . -1.90 0.46 27.83
C12 7HI K . -2.84 -0.15 27.01
C27 7HI K . 0.09 -2.18 26.17
C25 7HI K . 2.12 -0.94 26.83
C19 7HI K . 1.90 0.05 27.70
C14 7HI K . 0.59 0.27 28.41
C1 7HI K . -0.67 -0.16 27.67
C9 7HI K . -3.10 -2.32 22.92
O4 7HI K . -4.51 -2.50 22.98
C11 7HI K . -1.30 -1.80 21.17
O3 7HI K . -0.98 -3.14 20.88
C35 7HI K . -1.12 -0.96 19.92
C36 7HI K . 0.32 -0.55 19.73
O7 7HI K . 0.95 -1.05 18.84
O6 7HI K . 0.89 0.36 20.52
N1 7HI L . -25.96 -5.28 2.95
C4 7HI L . -26.91 -3.56 -0.33
C5 7HI L . -26.40 -5.01 1.70
C6 7HI L . -26.10 -7.16 4.65
C7 7HI L . -25.14 -4.37 3.75
C8 7HI L . -23.68 -4.53 3.32
C10 7HI L . -21.31 -3.79 3.55
C13 7HI L . -24.65 -7.61 4.72
C15 7HI L . -32.41 -13.97 1.52
C17 7HI L . -29.37 -10.80 1.66
C20 7HI L . -30.11 -11.97 1.80
C21 7HI L . -33.44 -15.66 2.88
C22 7HI L . -32.05 -13.26 2.66
C24 7HI L . -33.08 -14.96 4.02
C26 7HI L . -30.98 -9.63 3.01
O2 7HI L . -27.04 -9.31 2.45
C3 7HI L . -27.77 -8.36 2.27
N2 7HI L . -29.10 -8.45 2.16
C32 7HI L . -29.79 -9.62 2.26
C23 7HI L . -31.72 -10.81 3.16
C29 7HI L . -31.30 -11.98 2.54
C18 7HI L . -32.39 -13.75 3.92
C16 7HI L . -33.10 -15.17 1.62
C2 7HI L . -27.12 -7.01 2.28
C12 7HI L . -26.38 -6.49 3.32
C27 7HI L . -26.11 -3.73 0.95
C25 7HI L . -26.53 -4.60 -1.35
C19 7HI L . -26.93 -5.86 -1.21
C14 7HI L . -27.84 -6.29 -0.09
C1 7HI L . -27.14 -6.11 1.24
C9 7HI L . -22.75 -3.51 3.97
O4 7HI L . -22.82 -3.58 5.38
C11 7HI L . -20.99 -3.29 2.15
O3 7HI L . -21.23 -1.90 2.07
C35 7HI L . -19.52 -3.58 1.84
C36 7HI L . -19.31 -3.61 0.35
O7 7HI L . -18.68 -2.72 -0.19
O6 7HI L . -19.80 -4.61 -0.37
#